data_6OP3
#
_entry.id   6OP3
#
_cell.length_a   80.872
_cell.length_b   131.023
_cell.length_c   106.957
_cell.angle_alpha   90.000
_cell.angle_beta   110.620
_cell.angle_gamma   90.000
#
_symmetry.space_group_name_H-M   'P 1 21 1'
#
loop_
_entity.id
_entity.type
_entity.pdbx_description
1 polymer 'Nitrogenase molybdenum-iron protein alpha chain'
2 polymer 'Nitrogenase molybdenum-iron protein beta chain'
3 non-polymer '3-HYDROXY-3-CARBOXY-ADIPIC ACID'
4 non-polymer 'iron-sulfur-molybdenum cluster with interstitial carbon'
5 non-polymer IMIDAZOLE
6 non-polymer 'SELENIUM ATOM'
7 non-polymer 'FE(8)-S(7) CLUSTER'
8 non-polymer 'MAGNESIUM ION'
9 non-polymer 'CALCIUM ION'
10 water water
#
loop_
_entity_poly.entity_id
_entity_poly.type
_entity_poly.pdbx_seq_one_letter_code
_entity_poly.pdbx_strand_id
1 'polypeptide(L)'
;MSREEVESLIQEVLEVYPEKARKDRNKHLAVNDPAVTQSKKCIISNKKSQPGLMTIRGCAYAGSKGVVWGPIKDMIHISH
GPVGCGQYSRAGRRNYYIGTTGVNAFVTMNFTSDFQEKDIVFGGDKKLAKLIDEVETLFPLNKGISVQSECPIGLIGDDI
ESVSKVKGAELSKTIVPVRCEGFRGVSQSLGHHIANDAVRDWVLGKRDEDTTFASTPYDVAIIGDYNIGGDAWSSRILLE
EMGLRCVAQWSGDGSISEIELTPKVKLNLVHCYRSMNYISRHMEEKYGIPWMEYNFFGPTKTIESLRAIAAKFDESIQKK
CEEVIAKYKPEWEAVVAKYRPRLEGKRVMLYIGGLRPRHVIGAYEDLGMEVVGTGYEFAHNDDYDRTMKEMGDSTLLYDD
VTGYEFEEFVKRIKPDLIGSGIKEKFIFQKMGIPFREMHSWDYSGPYHGFDGFAIFARDMDMTLNNPCWKKLQAPWE
;
A,C
2 'polypeptide(L)'
;SQQVDKIKASYPLFLDQDYKDMLAKKRDGFEEKYPQDKIDEVFQWTTTKEYQELNFQREALTVNPAKACQPLGAVLCALG
FEKTMPYVHGSQGCVAYFRSYFNRHFREPVSCVSDSMTEDAAVFGGQQNMKDGLQNCKATYKPDMIAVSTTCMAEVIGDD
LNAFINNSKKEGFIPDEFPVPFAHTPSFVGSHVTGWDNMFEGIARYFTLKSMDDKVVGSNKKINIVPGFETYLGNFRVIK
RMLSEMGVGYSLLSDPEEVLDTPADGQFRMYAGGTTQEEMKDAPNALNTVLLQPWHLEKTKKFVEGTWKHEVPKLNIPMG
LDWTDEFLMKVSEISGQPIPASLTKERGRLVDMMTDSHTWLHGKRFALWGDPDFVMGLVKFLLELGCEPVHILCHNGNKR
WKKAVDAILAASPYGKNATVYIGKDLWHLRSLVFTDKPDFMIGNSYGKFIQRDTLHKGKEFEVPLIRIGFPIFDRHHLHR
STTLGYEGAMQILTTLVNSILERLDEETRGMQATDYNHDLVR
;
B,D
#
loop_
_chem_comp.id
_chem_comp.type
_chem_comp.name
_chem_comp.formula
CA non-polymer 'CALCIUM ION' 'Ca 2'
CLF non-polymer 'FE(8)-S(7) CLUSTER' 'Fe8 S7'
HCA non-polymer '3-HYDROXY-3-CARBOXY-ADIPIC ACID' 'C7 H10 O7'
ICS non-polymer 'iron-sulfur-molybdenum cluster with interstitial carbon' 'C Fe7 Mo S9'
IMD non-polymer IMIDAZOLE 'C3 H5 N2 1'
MG non-polymer 'MAGNESIUM ION' 'Mg 2'
SE non-polymer 'SELENIUM ATOM' Se
#
# COMPACT_ATOMS: atom_id res chain seq x y z
N MET A 1 34.47 -15.61 30.03
CA MET A 1 34.20 -16.80 30.89
C MET A 1 35.40 -17.77 30.84
N SER A 2 35.76 -18.34 32.00
CA SER A 2 36.82 -19.36 32.12
C SER A 2 36.33 -20.76 31.67
N ARG A 3 37.27 -21.69 31.46
CA ARG A 3 36.97 -23.08 31.10
C ARG A 3 36.01 -23.65 32.15
N GLU A 4 36.32 -23.44 33.43
CA GLU A 4 35.57 -24.03 34.55
C GLU A 4 34.12 -23.50 34.52
N GLU A 5 33.99 -22.20 34.22
CA GLU A 5 32.71 -21.52 34.17
C GLU A 5 31.87 -22.09 33.01
N VAL A 6 32.51 -22.32 31.86
CA VAL A 6 31.75 -22.86 30.73
C VAL A 6 31.31 -24.30 31.04
N GLU A 7 32.21 -25.11 31.65
CA GLU A 7 31.90 -26.48 31.98
C GLU A 7 30.72 -26.48 32.96
N SER A 8 30.74 -25.56 33.91
CA SER A 8 29.67 -25.41 34.87
C SER A 8 28.36 -25.05 34.16
N LEU A 9 28.44 -24.18 33.15
CA LEU A 9 27.26 -23.75 32.38
C LEU A 9 26.66 -24.98 31.69
N ILE A 10 27.52 -25.80 31.04
CA ILE A 10 27.05 -27.00 30.35
C ILE A 10 26.32 -27.92 31.33
N GLN A 11 26.92 -28.17 32.49
CA GLN A 11 26.27 -29.07 33.47
C GLN A 11 24.92 -28.52 33.95
N GLU A 12 24.83 -27.23 34.25
CA GLU A 12 23.62 -26.62 34.73
C GLU A 12 22.49 -26.77 33.69
N VAL A 13 22.86 -26.53 32.44
CA VAL A 13 21.81 -26.58 31.38
C VAL A 13 21.31 -28.03 31.24
N LEU A 14 22.21 -29.01 31.36
CA LEU A 14 21.88 -30.45 31.10
C LEU A 14 20.96 -30.96 32.24
N GLU A 15 20.89 -30.23 33.37
CA GLU A 15 20.10 -30.65 34.55
C GLU A 15 18.61 -30.86 34.23
N VAL A 16 18.08 -30.16 33.23
CA VAL A 16 16.65 -30.18 32.91
C VAL A 16 16.26 -31.53 32.29
N TYR A 17 17.21 -32.21 31.66
CA TYR A 17 16.89 -33.35 30.84
C TYR A 17 16.65 -34.63 31.63
N PRO A 18 15.79 -35.53 31.10
CA PRO A 18 15.76 -36.92 31.56
C PRO A 18 17.16 -37.52 31.36
N GLU A 19 17.44 -38.62 32.08
CA GLU A 19 18.77 -39.21 32.09
C GLU A 19 19.28 -39.61 30.70
N LYS A 20 18.48 -40.27 29.87
CA LYS A 20 19.01 -40.74 28.62
C LYS A 20 19.43 -39.55 27.73
N ALA A 21 18.58 -38.54 27.69
CA ALA A 21 18.90 -37.31 26.91
C ALA A 21 20.09 -36.58 27.52
N ARG A 22 20.16 -36.44 28.87
CA ARG A 22 21.27 -35.77 29.51
C ARG A 22 22.60 -36.41 29.13
N LYS A 23 22.67 -37.74 29.14
CA LYS A 23 23.91 -38.42 28.87
C LYS A 23 24.29 -38.27 27.41
N ASP A 24 23.27 -38.23 26.55
CA ASP A 24 23.58 -38.06 25.14
C ASP A 24 24.09 -36.64 24.87
N ARG A 25 23.34 -35.64 25.32
CA ARG A 25 23.66 -34.23 25.01
C ARG A 25 25.01 -33.82 25.57
N ASN A 26 25.42 -34.39 26.70
CA ASN A 26 26.75 -34.08 27.29
C ASN A 26 27.88 -34.38 26.28
N LYS A 27 27.70 -35.34 25.38
CA LYS A 27 28.73 -35.73 24.51
C LYS A 27 28.81 -34.79 23.30
N HIS A 28 27.82 -33.90 23.14
CA HIS A 28 27.72 -33.04 21.96
C HIS A 28 28.03 -31.58 22.31
N LEU A 29 28.57 -31.33 23.51
CA LEU A 29 28.83 -29.96 24.06
C LEU A 29 30.24 -29.97 24.59
N ALA A 30 31.05 -28.98 24.22
CA ALA A 30 32.45 -29.05 24.61
C ALA A 30 32.99 -27.64 24.80
N VAL A 31 34.07 -27.58 25.56
CA VAL A 31 34.80 -26.34 25.75
C VAL A 31 36.06 -26.46 24.89
N ASN A 32 36.29 -25.53 23.97
CA ASN A 32 37.30 -25.69 23.02
C ASN A 32 38.68 -25.65 23.65
N ASP A 33 39.57 -26.42 23.05
CA ASP A 33 40.99 -26.43 23.38
C ASP A 33 41.75 -26.50 22.07
N PRO A 34 42.28 -25.36 21.57
CA PRO A 34 42.85 -25.34 20.24
C PRO A 34 44.10 -26.22 20.09
N ALA A 35 44.63 -26.67 21.23
CA ALA A 35 45.76 -27.65 21.25
C ALA A 35 45.31 -29.00 20.64
N VAL A 36 44.12 -29.47 21.05
CA VAL A 36 43.54 -30.76 20.58
C VAL A 36 43.38 -30.78 19.04
N THR A 37 43.93 -31.80 18.36
CA THR A 37 43.79 -31.99 16.90
C THR A 37 42.81 -33.12 16.57
N GLN A 38 42.46 -33.99 17.54
CA GLN A 38 41.53 -35.11 17.21
C GLN A 38 40.21 -34.85 17.95
N SER A 39 39.23 -34.23 17.26
CA SER A 39 38.01 -33.80 17.91
C SER A 39 37.20 -34.98 18.45
N LYS A 40 37.51 -36.21 18.02
CA LYS A 40 36.83 -37.36 18.57
C LYS A 40 37.26 -37.61 20.01
N LYS A 41 38.25 -36.87 20.52
CA LYS A 41 38.50 -36.85 21.96
C LYS A 41 37.64 -35.87 22.74
N CYS A 42 36.90 -34.96 22.08
CA CYS A 42 36.19 -34.01 22.91
C CYS A 42 34.72 -33.77 22.49
N ILE A 43 34.30 -34.24 21.30
CA ILE A 43 32.89 -34.06 20.90
C ILE A 43 32.46 -35.17 19.92
N ILE A 44 31.19 -35.59 20.05
CA ILE A 44 30.52 -36.52 19.20
C ILE A 44 29.65 -35.71 18.23
N SER A 45 29.52 -36.22 16.99
CA SER A 45 28.75 -35.54 15.96
C SER A 45 28.19 -36.57 14.99
N ASN A 46 27.24 -36.09 14.16
CA ASN A 46 26.64 -36.90 13.10
C ASN A 46 25.94 -38.16 13.65
N LYS A 47 25.22 -37.97 14.77
CA LYS A 47 24.38 -38.97 15.40
C LYS A 47 22.93 -38.54 15.27
N LYS A 48 22.04 -39.47 15.53
CA LYS A 48 20.59 -39.14 15.57
C LYS A 48 20.31 -38.05 16.58
N SER A 49 19.28 -37.23 16.27
CA SER A 49 18.78 -36.28 17.23
C SER A 49 17.91 -36.97 18.29
N GLN A 50 17.96 -36.44 19.49
CA GLN A 50 17.15 -36.93 20.59
C GLN A 50 15.70 -36.49 20.38
N PRO A 51 14.73 -37.41 20.51
CA PRO A 51 13.32 -37.07 20.26
C PRO A 51 12.83 -35.98 21.22
N GLY A 52 12.04 -35.04 20.70
CA GLY A 52 11.33 -34.10 21.51
C GLY A 52 12.09 -32.86 21.95
N LEU A 53 13.36 -32.71 21.54
CA LEU A 53 14.23 -31.64 22.08
C LEU A 53 14.33 -30.41 21.17
N MET A 54 13.64 -30.39 20.03
CA MET A 54 13.59 -29.18 19.15
C MET A 54 14.99 -28.95 18.56
N THR A 55 15.52 -29.98 17.95
CA THR A 55 16.63 -29.84 16.99
C THR A 55 16.25 -28.81 15.93
N ILE A 56 17.27 -28.17 15.37
CA ILE A 56 17.12 -27.22 14.28
C ILE A 56 17.36 -27.90 12.93
N ARG A 57 17.81 -29.15 12.92
CA ARG A 57 18.12 -29.86 11.71
C ARG A 57 16.93 -30.06 10.78
N GLY A 58 17.28 -30.24 9.53
CA GLY A 58 16.37 -30.71 8.48
C GLY A 58 16.63 -32.19 8.16
N CYS A 59 16.34 -32.55 6.91
CA CYS A 59 16.35 -33.95 6.46
C CYS A 59 17.18 -34.11 5.18
N ALA A 60 17.32 -35.38 4.75
CA ALA A 60 18.14 -35.70 3.59
C ALA A 60 17.57 -35.06 2.32
N TYR A 61 16.24 -34.90 2.18
CA TYR A 61 15.61 -34.24 1.02
C TYR A 61 16.09 -32.78 0.97
N ALA A 62 16.13 -32.11 2.14
CA ALA A 62 16.63 -30.71 2.19
C ALA A 62 18.08 -30.69 1.69
N GLY A 63 18.88 -31.67 2.13
CA GLY A 63 20.26 -31.73 1.73
C GLY A 63 20.49 -32.07 0.25
N SER A 64 19.55 -32.79 -0.37
CA SER A 64 19.71 -33.17 -1.79
C SER A 64 18.98 -32.17 -2.69
N LYS A 65 17.67 -32.07 -2.52
CA LYS A 65 16.89 -31.19 -3.38
C LYS A 65 17.17 -29.74 -3.06
N GLY A 66 17.02 -29.41 -1.78
CA GLY A 66 17.17 -27.99 -1.42
C GLY A 66 18.58 -27.45 -1.58
N VAL A 67 19.60 -28.29 -1.41
CA VAL A 67 20.98 -27.83 -1.32
C VAL A 67 21.78 -28.13 -2.59
N VAL A 68 21.89 -29.40 -2.99
CA VAL A 68 22.79 -29.76 -4.08
C VAL A 68 22.10 -29.63 -5.42
N TRP A 69 20.94 -30.28 -5.65
CA TRP A 69 20.32 -30.39 -6.95
C TRP A 69 19.51 -29.13 -7.34
N GLY A 70 18.69 -28.64 -6.41
CA GLY A 70 17.76 -27.56 -6.68
C GLY A 70 18.39 -26.36 -7.39
N PRO A 71 19.63 -25.95 -7.04
CA PRO A 71 20.24 -24.80 -7.73
C PRO A 71 20.59 -25.00 -9.21
N ILE A 72 20.69 -26.25 -9.66
CA ILE A 72 21.08 -26.50 -11.07
C ILE A 72 19.95 -25.97 -11.94
N LYS A 73 20.24 -24.94 -12.75
CA LYS A 73 19.24 -24.05 -13.18
C LYS A 73 18.49 -24.51 -14.42
N ASP A 74 19.15 -25.32 -15.26
CA ASP A 74 18.48 -25.67 -16.53
C ASP A 74 17.92 -27.10 -16.50
N MET A 75 17.84 -27.70 -15.32
CA MET A 75 17.15 -28.97 -15.11
C MET A 75 15.87 -28.69 -14.35
N ILE A 76 14.92 -29.62 -14.47
CA ILE A 76 13.71 -29.60 -13.67
C ILE A 76 13.82 -30.66 -12.59
N HIS A 77 13.60 -30.22 -11.34
CA HIS A 77 13.75 -31.09 -10.20
C HIS A 77 12.36 -31.40 -9.68
N ILE A 78 11.98 -32.65 -9.66
CA ILE A 78 10.66 -33.05 -9.25
C ILE A 78 10.69 -33.42 -7.77
N SER A 79 9.87 -32.78 -6.95
CA SER A 79 9.65 -33.19 -5.57
C SER A 79 8.59 -34.29 -5.58
N HIS A 80 9.06 -35.54 -5.41
CA HIS A 80 8.31 -36.70 -5.71
C HIS A 80 7.76 -37.33 -4.43
N GLY A 81 6.45 -37.24 -4.31
CA GLY A 81 5.76 -37.58 -3.05
C GLY A 81 4.68 -36.55 -2.80
N PRO A 82 4.19 -36.44 -1.53
CA PRO A 82 3.10 -35.49 -1.25
C PRO A 82 3.58 -34.03 -1.36
N VAL A 83 2.61 -33.14 -1.28
CA VAL A 83 2.79 -31.73 -1.64
C VAL A 83 3.62 -30.91 -0.67
N GLY A 84 3.82 -31.35 0.57
CA GLY A 84 4.39 -30.45 1.57
C GLY A 84 5.85 -30.06 1.25
N CYS A 85 6.73 -31.02 0.96
CA CYS A 85 8.15 -30.79 1.04
C CYS A 85 8.61 -29.75 0.01
N GLY A 86 8.04 -29.88 -1.17
CA GLY A 86 8.34 -28.99 -2.27
C GLY A 86 7.82 -27.59 -2.05
N GLN A 87 6.69 -27.48 -1.39
CA GLN A 87 6.10 -26.18 -1.12
C GLN A 87 6.92 -25.42 -0.06
N TYR A 88 7.29 -26.08 1.03
CA TYR A 88 8.00 -25.36 2.07
C TYR A 88 9.40 -24.95 1.56
N SER A 89 9.97 -25.74 0.66
N SER A 89 9.94 -25.74 0.64
CA SER A 89 11.36 -25.50 0.19
CA SER A 89 11.33 -25.58 0.16
C SER A 89 11.32 -24.73 -1.12
C SER A 89 11.34 -24.52 -0.95
N ARG A 90 10.17 -24.16 -1.45
CA ARG A 90 10.14 -23.46 -2.81
C ARG A 90 10.66 -22.04 -2.58
N ALA A 91 11.79 -21.75 -3.26
CA ALA A 91 12.48 -20.42 -3.23
C ALA A 91 12.84 -19.94 -1.83
N GLY A 92 13.09 -20.86 -0.89
CA GLY A 92 13.50 -20.47 0.46
C GLY A 92 14.98 -20.21 0.54
N ARG A 93 15.71 -20.84 -0.36
CA ARG A 93 17.18 -20.76 -0.34
C ARG A 93 17.64 -19.90 -1.50
N ARG A 94 18.46 -18.90 -1.20
CA ARG A 94 18.78 -17.83 -2.20
C ARG A 94 19.95 -18.23 -3.10
N ASN A 95 19.79 -19.36 -3.78
CA ASN A 95 20.84 -19.89 -4.69
C ASN A 95 20.67 -19.21 -6.04
N TYR A 96 21.35 -18.08 -6.22
CA TYR A 96 21.04 -17.19 -7.30
C TYR A 96 21.49 -17.74 -8.66
N TYR A 97 20.78 -17.34 -9.67
CA TYR A 97 21.07 -17.77 -11.04
C TYR A 97 20.65 -16.71 -12.04
N ILE A 98 21.15 -16.84 -13.27
CA ILE A 98 20.73 -16.07 -14.41
C ILE A 98 19.98 -17.00 -15.35
N GLY A 99 18.74 -16.62 -15.62
CA GLY A 99 17.95 -17.42 -16.55
C GLY A 99 16.57 -16.84 -16.79
N THR A 100 15.79 -17.52 -17.65
CA THR A 100 14.43 -17.12 -17.95
C THR A 100 13.50 -18.17 -17.33
N THR A 101 12.98 -17.84 -16.14
CA THR A 101 12.31 -18.80 -15.30
C THR A 101 11.00 -19.25 -15.94
N GLY A 102 10.86 -20.57 -16.03
CA GLY A 102 9.68 -21.17 -16.66
C GLY A 102 9.91 -21.53 -18.10
N VAL A 103 11.04 -21.08 -18.60
CA VAL A 103 11.38 -21.24 -20.05
C VAL A 103 12.67 -22.03 -20.20
N ASN A 104 13.83 -21.51 -19.77
CA ASN A 104 15.06 -22.24 -19.84
C ASN A 104 15.66 -22.53 -18.45
N ALA A 105 15.06 -22.00 -17.39
CA ALA A 105 15.60 -22.15 -16.04
C ALA A 105 14.42 -22.34 -15.10
N PHE A 106 14.62 -23.07 -14.00
CA PHE A 106 13.43 -23.55 -13.29
C PHE A 106 13.57 -23.50 -11.78
N VAL A 107 14.57 -22.78 -11.26
CA VAL A 107 15.04 -22.95 -9.89
C VAL A 107 13.97 -22.60 -8.85
N THR A 108 13.26 -21.48 -9.05
CA THR A 108 12.32 -21.04 -8.04
C THR A 108 10.92 -21.61 -8.23
N MET A 109 10.74 -22.56 -9.16
CA MET A 109 9.47 -23.20 -9.39
C MET A 109 9.38 -24.46 -8.52
N ASN A 110 8.15 -24.89 -8.22
CA ASN A 110 7.95 -26.14 -7.50
C ASN A 110 7.20 -27.13 -8.38
N PHE A 111 7.95 -28.11 -8.89
CA PHE A 111 7.38 -29.24 -9.62
C PHE A 111 7.19 -30.40 -8.64
N THR A 112 5.98 -31.03 -8.66
CA THR A 112 5.69 -32.06 -7.70
C THR A 112 4.73 -33.08 -8.31
N SER A 113 4.83 -34.32 -7.83
CA SER A 113 3.85 -35.34 -8.16
C SER A 113 2.63 -35.35 -7.21
N ASP A 114 2.64 -34.51 -6.15
CA ASP A 114 1.42 -34.25 -5.33
C ASP A 114 0.70 -35.57 -4.98
N PHE A 115 1.43 -36.47 -4.31
CA PHE A 115 0.85 -37.79 -4.06
C PHE A 115 -0.45 -37.69 -3.27
N GLN A 116 -1.43 -38.49 -3.72
CA GLN A 116 -2.71 -38.73 -3.01
C GLN A 116 -2.73 -40.19 -2.53
N GLU A 117 -3.79 -40.54 -1.82
CA GLU A 117 -3.95 -41.85 -1.27
C GLU A 117 -3.76 -42.94 -2.31
N LYS A 118 -4.32 -42.79 -3.50
CA LYS A 118 -4.20 -43.86 -4.49
C LYS A 118 -2.74 -44.07 -4.88
N ASP A 119 -1.91 -43.04 -4.82
CA ASP A 119 -0.55 -43.19 -5.18
C ASP A 119 0.22 -43.90 -4.05
N ILE A 120 -0.10 -43.65 -2.78
CA ILE A 120 0.48 -44.41 -1.64
C ILE A 120 0.10 -45.89 -1.71
N VAL A 121 -1.19 -46.16 -1.97
CA VAL A 121 -1.71 -47.52 -1.94
C VAL A 121 -1.18 -48.34 -3.13
N PHE A 122 -1.15 -47.75 -4.31
CA PHE A 122 -0.84 -48.55 -5.52
C PHE A 122 0.49 -48.17 -6.15
N GLY A 123 1.19 -47.17 -5.61
CA GLY A 123 2.49 -46.80 -6.07
C GLY A 123 2.42 -45.63 -7.05
N GLY A 124 3.55 -44.91 -7.17
CA GLY A 124 3.61 -43.69 -7.94
C GLY A 124 4.44 -43.78 -9.22
N ASP A 125 4.84 -44.97 -9.64
CA ASP A 125 5.75 -45.10 -10.78
C ASP A 125 5.02 -44.83 -12.10
N LYS A 126 3.76 -45.24 -12.21
CA LYS A 126 3.02 -44.85 -13.40
C LYS A 126 2.79 -43.33 -13.45
N LYS A 127 2.46 -42.75 -12.29
CA LYS A 127 2.30 -41.29 -12.22
C LYS A 127 3.60 -40.59 -12.63
N LEU A 128 4.73 -41.07 -12.15
CA LEU A 128 6.00 -40.44 -12.47
C LEU A 128 6.31 -40.48 -13.97
N ALA A 129 6.05 -41.63 -14.64
CA ALA A 129 6.24 -41.68 -16.05
C ALA A 129 5.35 -40.68 -16.80
N LYS A 130 4.07 -40.60 -16.44
CA LYS A 130 3.16 -39.64 -17.05
C LYS A 130 3.60 -38.20 -16.77
N LEU A 131 4.09 -37.96 -15.55
CA LEU A 131 4.55 -36.63 -15.17
C LEU A 131 5.72 -36.23 -16.07
N ILE A 132 6.64 -37.16 -16.32
CA ILE A 132 7.79 -36.85 -17.14
C ILE A 132 7.32 -36.43 -18.53
N ASP A 133 6.32 -37.13 -19.09
CA ASP A 133 5.85 -36.75 -20.41
C ASP A 133 5.24 -35.33 -20.35
N GLU A 134 4.50 -35.01 -19.31
CA GLU A 134 3.91 -33.68 -19.19
C GLU A 134 4.99 -32.59 -19.08
N VAL A 135 6.07 -32.86 -18.35
CA VAL A 135 7.17 -31.92 -18.24
C VAL A 135 7.76 -31.68 -19.63
N GLU A 136 7.96 -32.76 -20.37
CA GLU A 136 8.57 -32.61 -21.68
C GLU A 136 7.68 -31.74 -22.60
N THR A 137 6.38 -31.98 -22.58
CA THR A 137 5.40 -31.15 -23.34
C THR A 137 5.46 -29.68 -22.95
N LEU A 138 5.45 -29.41 -21.64
CA LEU A 138 5.20 -28.04 -21.22
C LEU A 138 6.47 -27.23 -20.97
N PHE A 139 7.60 -27.91 -20.85
CA PHE A 139 8.88 -27.30 -20.58
C PHE A 139 9.90 -27.88 -21.54
N PRO A 140 9.75 -27.64 -22.84
CA PRO A 140 10.61 -28.32 -23.80
C PRO A 140 12.09 -27.94 -23.73
N LEU A 141 12.45 -26.78 -23.18
CA LEU A 141 13.84 -26.40 -23.13
C LEU A 141 14.54 -26.90 -21.86
N ASN A 142 13.87 -27.71 -21.03
CA ASN A 142 14.61 -28.31 -19.92
C ASN A 142 15.74 -29.19 -20.47
N LYS A 143 16.87 -29.22 -19.77
CA LYS A 143 18.05 -30.00 -20.21
C LYS A 143 18.26 -31.27 -19.37
N GLY A 144 17.23 -31.67 -18.61
CA GLY A 144 17.31 -32.85 -17.84
C GLY A 144 16.39 -32.74 -16.64
N ILE A 145 16.08 -33.89 -16.04
CA ILE A 145 15.13 -33.97 -14.94
C ILE A 145 15.83 -34.67 -13.80
N SER A 146 15.59 -34.21 -12.57
CA SER A 146 15.91 -35.04 -11.42
C SER A 146 14.64 -35.38 -10.69
N VAL A 147 14.64 -36.54 -10.02
CA VAL A 147 13.52 -37.01 -9.22
C VAL A 147 13.98 -37.10 -7.77
N GLN A 148 13.47 -36.16 -6.96
CA GLN A 148 13.92 -35.97 -5.55
C GLN A 148 12.90 -36.68 -4.69
N SER A 149 13.24 -37.86 -4.21
CA SER A 149 12.33 -38.68 -3.43
C SER A 149 12.05 -38.07 -2.05
N GLU A 150 10.77 -38.00 -1.71
CA GLU A 150 10.30 -37.69 -0.40
C GLU A 150 10.00 -38.97 0.39
N CYS A 151 9.74 -38.83 1.70
CA CYS A 151 9.59 -39.97 2.61
C CYS A 151 8.83 -41.15 2.01
N PRO A 152 7.61 -41.02 1.44
CA PRO A 152 6.86 -42.24 1.08
C PRO A 152 7.52 -43.14 0.03
N ILE A 153 8.40 -42.63 -0.84
CA ILE A 153 8.76 -43.33 -2.08
C ILE A 153 9.42 -44.66 -1.71
N GLY A 154 10.43 -44.65 -0.84
CA GLY A 154 11.09 -45.92 -0.52
C GLY A 154 10.23 -46.75 0.40
N LEU A 155 9.44 -46.11 1.25
CA LEU A 155 8.60 -46.85 2.18
C LEU A 155 7.56 -47.70 1.44
N ILE A 156 7.04 -47.24 0.31
CA ILE A 156 6.01 -48.02 -0.41
C ILE A 156 6.63 -48.93 -1.49
N GLY A 157 7.94 -48.92 -1.68
CA GLY A 157 8.55 -49.82 -2.63
C GLY A 157 8.49 -49.39 -4.08
N ASP A 158 8.42 -48.09 -4.34
CA ASP A 158 8.46 -47.62 -5.73
C ASP A 158 9.86 -47.79 -6.32
N ASP A 159 9.92 -47.90 -7.64
CA ASP A 159 11.18 -48.13 -8.33
C ASP A 159 11.44 -46.98 -9.30
N ILE A 160 11.92 -45.88 -8.74
CA ILE A 160 12.15 -44.67 -9.56
C ILE A 160 13.35 -44.85 -10.47
N GLU A 161 14.25 -45.80 -10.14
CA GLU A 161 15.46 -46.00 -10.99
C GLU A 161 15.01 -46.59 -12.33
N SER A 162 14.10 -47.59 -12.27
CA SER A 162 13.55 -48.18 -13.46
C SER A 162 12.83 -47.14 -14.33
N VAL A 163 12.01 -46.29 -13.68
CA VAL A 163 11.29 -45.28 -14.44
C VAL A 163 12.29 -44.31 -15.09
N SER A 164 13.34 -43.92 -14.36
CA SER A 164 14.32 -42.98 -14.84
C SER A 164 15.06 -43.57 -16.06
N LYS A 165 15.49 -44.83 -15.96
CA LYS A 165 16.21 -45.49 -17.08
C LYS A 165 15.32 -45.59 -18.31
N VAL A 166 14.10 -46.09 -18.15
CA VAL A 166 13.20 -46.37 -19.28
C VAL A 166 12.79 -45.07 -19.97
N LYS A 167 12.36 -44.08 -19.16
CA LYS A 167 11.97 -42.81 -19.71
C LYS A 167 13.18 -42.09 -20.28
N GLY A 168 14.33 -42.13 -19.60
CA GLY A 168 15.48 -41.47 -20.09
C GLY A 168 15.89 -42.01 -21.45
N ALA A 169 15.76 -43.33 -21.61
CA ALA A 169 16.16 -43.95 -22.92
C ALA A 169 15.13 -43.56 -24.00
N GLU A 170 13.85 -43.61 -23.64
CA GLU A 170 12.77 -43.28 -24.58
C GLU A 170 12.87 -41.84 -25.11
N LEU A 171 13.23 -40.87 -24.25
CA LEU A 171 13.28 -39.42 -24.60
C LEU A 171 14.69 -38.93 -24.92
N SER A 172 15.69 -39.82 -24.86
CA SER A 172 17.12 -39.41 -24.96
C SER A 172 17.39 -38.20 -24.05
N LYS A 173 17.11 -38.38 -22.76
CA LYS A 173 17.16 -37.29 -21.78
C LYS A 173 17.80 -37.84 -20.51
N THR A 174 18.63 -37.01 -19.84
CA THR A 174 19.17 -37.36 -18.57
C THR A 174 18.07 -37.21 -17.53
N ILE A 175 17.70 -38.31 -16.91
CA ILE A 175 16.67 -38.33 -15.83
C ILE A 175 17.30 -39.01 -14.63
N VAL A 176 17.47 -38.26 -13.52
CA VAL A 176 18.30 -38.70 -12.45
C VAL A 176 17.46 -39.11 -11.24
N PRO A 177 17.47 -40.38 -10.82
CA PRO A 177 16.71 -40.81 -9.67
C PRO A 177 17.51 -40.49 -8.41
N VAL A 178 16.91 -39.81 -7.42
CA VAL A 178 17.66 -39.49 -6.24
C VAL A 178 16.89 -40.00 -5.02
N ARG A 179 17.50 -40.94 -4.31
CA ARG A 179 16.89 -41.59 -3.17
C ARG A 179 17.24 -40.81 -1.90
N CYS A 180 16.72 -39.58 -1.84
CA CYS A 180 16.99 -38.70 -0.72
C CYS A 180 15.82 -38.59 0.28
N GLU A 181 15.07 -39.65 0.44
CA GLU A 181 13.92 -39.62 1.39
C GLU A 181 14.37 -39.15 2.77
N GLY A 182 13.52 -38.37 3.46
CA GLY A 182 13.86 -37.74 4.72
C GLY A 182 14.06 -38.74 5.83
N PHE A 183 13.58 -39.97 5.64
CA PHE A 183 13.81 -40.98 6.68
C PHE A 183 15.27 -41.46 6.69
N ARG A 184 16.05 -41.16 5.65
CA ARG A 184 17.44 -41.63 5.56
C ARG A 184 18.37 -40.71 6.34
N GLY A 185 19.39 -41.28 6.95
CA GLY A 185 20.34 -40.48 7.67
C GLY A 185 19.72 -39.82 8.88
N VAL A 186 20.33 -38.73 9.31
CA VAL A 186 19.94 -38.10 10.56
C VAL A 186 19.75 -36.59 10.41
N SER A 187 19.96 -36.08 9.20
CA SER A 187 20.10 -34.63 8.97
C SER A 187 20.21 -34.37 7.47
N GLN A 188 20.46 -33.11 7.08
CA GLN A 188 20.76 -32.74 5.73
C GLN A 188 21.99 -33.49 5.18
N SER A 189 22.91 -33.86 6.07
CA SER A 189 24.23 -34.38 5.66
C SER A 189 24.10 -35.55 4.67
N LEU A 190 23.31 -36.58 5.01
CA LEU A 190 23.31 -37.76 4.13
C LEU A 190 22.71 -37.40 2.78
N GLY A 191 21.83 -36.40 2.76
CA GLY A 191 21.31 -35.91 1.47
C GLY A 191 22.41 -35.40 0.57
N HIS A 192 23.40 -34.73 1.14
CA HIS A 192 24.54 -34.28 0.32
C HIS A 192 25.21 -35.48 -0.32
N HIS A 193 25.44 -36.50 0.50
CA HIS A 193 26.20 -37.71 0.04
C HIS A 193 25.42 -38.43 -1.06
N ILE A 194 24.14 -38.68 -0.78
CA ILE A 194 23.23 -39.26 -1.78
C ILE A 194 23.25 -38.46 -3.06
N ALA A 195 23.14 -37.12 -2.94
CA ALA A 195 23.09 -36.29 -4.08
C ALA A 195 24.39 -36.34 -4.87
N ASN A 196 25.53 -36.30 -4.16
CA ASN A 196 26.83 -36.44 -4.86
C ASN A 196 26.93 -37.77 -5.63
N ASP A 197 26.49 -38.88 -4.99
CA ASP A 197 26.57 -40.17 -5.68
C ASP A 197 25.64 -40.17 -6.91
N ALA A 198 24.47 -39.54 -6.85
CA ALA A 198 23.57 -39.45 -7.99
C ALA A 198 24.24 -38.64 -9.12
N VAL A 199 24.97 -37.56 -8.81
CA VAL A 199 25.70 -36.82 -9.86
C VAL A 199 26.72 -37.76 -10.51
N ARG A 200 27.51 -38.41 -9.67
CA ARG A 200 28.50 -39.38 -10.13
C ARG A 200 27.88 -40.41 -11.09
N ASP A 201 26.77 -41.01 -10.67
CA ASP A 201 26.23 -42.19 -11.35
C ASP A 201 25.48 -41.83 -12.63
N TRP A 202 24.86 -40.66 -12.74
CA TRP A 202 23.90 -40.39 -13.75
C TRP A 202 24.29 -39.19 -14.65
N VAL A 203 25.21 -38.32 -14.20
CA VAL A 203 25.53 -37.10 -14.95
C VAL A 203 27.00 -37.03 -15.31
N LEU A 204 27.89 -37.22 -14.35
CA LEU A 204 29.28 -36.70 -14.46
C LEU A 204 30.06 -37.41 -15.56
N GLY A 205 29.73 -38.66 -15.84
CA GLY A 205 30.46 -39.40 -16.84
C GLY A 205 29.98 -39.27 -18.27
N LYS A 206 29.00 -38.41 -18.54
N LYS A 206 29.02 -38.39 -18.53
CA LYS A 206 28.39 -38.35 -19.85
CA LYS A 206 28.37 -38.29 -19.83
C LYS A 206 29.44 -38.08 -20.94
C LYS A 206 29.39 -38.03 -20.95
N ARG A 207 30.46 -37.25 -20.69
CA ARG A 207 31.39 -36.81 -21.74
C ARG A 207 32.75 -37.52 -21.61
N ASP A 208 32.79 -38.65 -20.91
CA ASP A 208 34.02 -39.38 -20.69
C ASP A 208 34.69 -39.78 -22.02
N GLU A 209 33.94 -40.02 -23.08
CA GLU A 209 34.53 -40.43 -24.37
C GLU A 209 34.50 -39.27 -25.40
N ASP A 210 34.27 -38.04 -24.94
CA ASP A 210 34.17 -36.88 -25.82
C ASP A 210 35.50 -36.14 -25.70
N THR A 211 36.14 -35.86 -26.84
CA THR A 211 37.42 -35.14 -26.85
C THR A 211 37.26 -33.71 -27.42
N THR A 212 36.05 -33.17 -27.51
CA THR A 212 35.85 -31.89 -28.24
C THR A 212 36.17 -30.66 -27.39
N PHE A 213 36.08 -30.76 -26.05
CA PHE A 213 36.29 -29.54 -25.25
C PHE A 213 37.79 -29.17 -25.23
N ALA A 214 38.09 -27.90 -25.52
CA ALA A 214 39.42 -27.36 -25.55
C ALA A 214 39.80 -26.94 -24.14
N SER A 215 40.62 -27.74 -23.49
CA SER A 215 41.09 -27.42 -22.14
C SER A 215 42.30 -26.47 -22.17
N THR A 216 42.53 -25.77 -21.05
CA THR A 216 43.71 -24.90 -20.83
C THR A 216 44.31 -25.28 -19.49
N PRO A 217 45.58 -24.90 -19.25
CA PRO A 217 46.26 -25.25 -18.02
C PRO A 217 45.68 -24.55 -16.78
N TYR A 218 44.81 -23.57 -17.01
CA TYR A 218 44.32 -22.71 -15.93
C TYR A 218 42.85 -23.01 -15.63
N ASP A 219 42.34 -24.14 -16.09
CA ASP A 219 40.93 -24.52 -15.89
C ASP A 219 40.69 -25.03 -14.46
N VAL A 220 39.69 -24.43 -13.79
CA VAL A 220 39.31 -24.84 -12.47
C VAL A 220 37.80 -25.03 -12.42
N ALA A 221 37.32 -25.67 -11.36
CA ALA A 221 35.89 -25.63 -11.00
C ALA A 221 35.76 -25.15 -9.55
N ILE A 222 34.71 -24.34 -9.29
CA ILE A 222 34.31 -23.98 -7.96
C ILE A 222 33.33 -25.06 -7.48
N ILE A 223 33.74 -25.83 -6.48
CA ILE A 223 32.96 -26.96 -5.96
C ILE A 223 32.42 -26.60 -4.58
N GLY A 224 31.10 -26.59 -4.46
CA GLY A 224 30.51 -26.34 -3.14
C GLY A 224 30.33 -24.87 -2.82
N ASP A 225 29.87 -24.11 -3.80
CA ASP A 225 29.42 -22.72 -3.62
C ASP A 225 28.06 -22.64 -4.30
N TYR A 226 27.06 -22.39 -3.46
CA TYR A 226 25.70 -22.37 -3.92
C TYR A 226 25.17 -20.96 -4.22
N ASN A 227 26.11 -19.99 -4.32
CA ASN A 227 25.82 -18.68 -4.86
C ASN A 227 24.71 -17.99 -4.07
N ILE A 228 24.80 -18.10 -2.74
CA ILE A 228 23.82 -17.45 -1.91
C ILE A 228 23.97 -15.94 -2.03
N GLY A 229 22.93 -15.29 -2.53
CA GLY A 229 22.99 -13.84 -2.75
C GLY A 229 24.10 -13.45 -3.73
N GLY A 230 24.55 -14.40 -4.55
CA GLY A 230 25.57 -14.09 -5.54
C GLY A 230 26.99 -14.39 -5.09
N ASP A 231 27.16 -15.09 -3.98
CA ASP A 231 28.48 -15.40 -3.42
C ASP A 231 29.45 -16.04 -4.42
N ALA A 232 28.95 -16.90 -5.30
CA ALA A 232 29.83 -17.62 -6.22
C ALA A 232 30.30 -16.67 -7.30
N TRP A 233 29.44 -15.76 -7.72
CA TRP A 233 29.86 -14.71 -8.68
C TRP A 233 30.95 -13.79 -8.15
N SER A 234 30.87 -13.43 -6.86
N SER A 234 30.88 -13.45 -6.87
CA SER A 234 31.85 -12.53 -6.26
CA SER A 234 31.85 -12.56 -6.27
C SER A 234 33.15 -13.28 -5.96
C SER A 234 33.11 -13.30 -5.83
N SER A 235 33.12 -14.63 -6.03
CA SER A 235 34.30 -15.51 -5.93
C SER A 235 34.93 -15.67 -7.32
N ARG A 236 34.08 -16.09 -8.27
CA ARG A 236 34.48 -16.34 -9.65
C ARG A 236 35.25 -15.14 -10.21
N ILE A 237 34.80 -13.92 -9.94
CA ILE A 237 35.41 -12.73 -10.51
C ILE A 237 36.89 -12.69 -10.15
N LEU A 238 37.21 -12.98 -8.87
CA LEU A 238 38.57 -12.94 -8.40
C LEU A 238 39.42 -14.02 -9.05
N LEU A 239 38.87 -15.23 -9.16
CA LEU A 239 39.63 -16.35 -9.78
C LEU A 239 40.00 -16.01 -11.22
N GLU A 240 39.08 -15.36 -11.91
CA GLU A 240 39.28 -15.03 -13.32
C GLU A 240 40.21 -13.82 -13.44
N GLU A 241 40.14 -12.88 -12.50
CA GLU A 241 41.11 -11.76 -12.51
C GLU A 241 42.54 -12.28 -12.25
N MET A 242 42.65 -13.39 -11.54
CA MET A 242 43.92 -14.03 -11.30
C MET A 242 44.39 -14.88 -12.49
N GLY A 243 43.59 -14.96 -13.54
CA GLY A 243 43.99 -15.60 -14.77
C GLY A 243 43.54 -17.06 -14.90
N LEU A 244 42.65 -17.53 -14.03
CA LEU A 244 42.11 -18.85 -14.17
C LEU A 244 40.84 -18.80 -15.00
N ARG A 245 40.40 -19.98 -15.47
CA ARG A 245 39.19 -20.10 -16.21
C ARG A 245 38.25 -21.02 -15.46
N CYS A 246 37.16 -20.44 -14.98
CA CYS A 246 36.24 -21.18 -14.16
C CYS A 246 35.23 -21.92 -15.04
N VAL A 247 35.47 -23.20 -15.27
CA VAL A 247 34.68 -23.99 -16.19
C VAL A 247 33.32 -24.33 -15.60
N ALA A 248 33.23 -24.48 -14.26
CA ALA A 248 32.00 -24.89 -13.63
C ALA A 248 31.87 -24.30 -12.23
N GLN A 249 30.61 -24.08 -11.83
CA GLN A 249 30.18 -23.74 -10.47
C GLN A 249 29.18 -24.79 -9.97
N TRP A 250 29.58 -25.48 -8.90
CA TRP A 250 28.75 -26.55 -8.26
C TRP A 250 28.14 -26.07 -6.96
N SER A 251 26.85 -25.78 -6.92
CA SER A 251 25.89 -25.83 -7.99
C SER A 251 25.19 -24.47 -8.16
N GLY A 252 25.61 -23.44 -7.41
CA GLY A 252 24.96 -22.15 -7.56
C GLY A 252 25.16 -21.55 -8.94
N ASP A 253 24.06 -21.17 -9.58
CA ASP A 253 24.02 -20.70 -10.98
C ASP A 253 24.56 -21.76 -11.93
N GLY A 254 24.53 -23.02 -11.49
CA GLY A 254 25.14 -24.09 -12.28
C GLY A 254 24.23 -24.63 -13.35
N SER A 255 24.83 -25.06 -14.44
CA SER A 255 24.12 -25.70 -15.55
C SER A 255 24.57 -27.16 -15.65
N ILE A 256 23.73 -28.00 -16.27
CA ILE A 256 24.09 -29.40 -16.41
C ILE A 256 25.36 -29.55 -17.28
N SER A 257 25.51 -28.71 -18.31
CA SER A 257 26.71 -28.84 -19.14
C SER A 257 27.98 -28.55 -18.34
N GLU A 258 27.94 -27.54 -17.46
CA GLU A 258 29.11 -27.24 -16.65
C GLU A 258 29.50 -28.40 -15.77
N ILE A 259 28.51 -29.09 -15.19
CA ILE A 259 28.79 -30.26 -14.42
C ILE A 259 29.48 -31.28 -15.33
N GLU A 260 28.92 -31.49 -16.51
CA GLU A 260 29.46 -32.53 -17.43
C GLU A 260 30.88 -32.18 -17.92
N LEU A 261 31.25 -30.91 -17.91
CA LEU A 261 32.58 -30.48 -18.36
C LEU A 261 33.61 -30.54 -17.23
N THR A 262 33.15 -30.71 -15.98
CA THR A 262 34.03 -30.59 -14.83
C THR A 262 35.18 -31.60 -14.88
N PRO A 263 35.01 -32.85 -15.38
CA PRO A 263 36.13 -33.76 -15.45
C PRO A 263 37.28 -33.30 -16.35
N LYS A 264 37.10 -32.19 -17.08
CA LYS A 264 38.12 -31.64 -17.95
C LYS A 264 39.02 -30.62 -17.23
N VAL A 265 38.75 -30.28 -15.97
CA VAL A 265 39.50 -29.19 -15.31
C VAL A 265 40.84 -29.70 -14.77
N LYS A 266 41.70 -28.77 -14.32
CA LYS A 266 42.99 -29.09 -13.79
C LYS A 266 42.98 -29.15 -12.25
N LEU A 267 42.02 -28.47 -11.62
CA LEU A 267 41.99 -28.34 -10.18
C LEU A 267 40.56 -28.01 -9.74
N ASN A 268 40.11 -28.74 -8.73
CA ASN A 268 38.81 -28.54 -8.09
C ASN A 268 39.03 -27.71 -6.82
N LEU A 269 38.34 -26.56 -6.74
CA LEU A 269 38.44 -25.67 -5.62
C LEU A 269 37.19 -25.88 -4.77
N VAL A 270 37.39 -26.44 -3.59
CA VAL A 270 36.27 -26.84 -2.70
C VAL A 270 36.07 -25.77 -1.63
N HIS A 271 34.91 -25.10 -1.69
CA HIS A 271 34.56 -24.18 -0.61
C HIS A 271 33.83 -24.97 0.48
N CYS A 272 32.65 -25.47 0.13
CA CYS A 272 31.95 -26.33 1.13
C CYS A 272 32.46 -27.78 1.09
N TYR A 273 33.40 -28.07 1.97
CA TYR A 273 33.94 -29.40 2.21
C TYR A 273 32.80 -30.41 2.52
N ARG A 274 31.93 -30.04 3.47
CA ARG A 274 30.96 -31.00 4.00
C ARG A 274 30.10 -31.56 2.87
N SER A 275 29.57 -30.67 2.02
CA SER A 275 28.54 -31.13 1.01
C SER A 275 29.18 -31.75 -0.23
N MET A 276 30.44 -31.39 -0.55
CA MET A 276 30.98 -31.82 -1.86
C MET A 276 32.36 -32.50 -1.81
N ASN A 277 32.82 -32.84 -0.62
CA ASN A 277 34.08 -33.63 -0.52
C ASN A 277 33.92 -34.95 -1.24
N TYR A 278 32.71 -35.52 -1.21
CA TYR A 278 32.46 -36.86 -1.81
C TYR A 278 32.80 -36.86 -3.30
N ILE A 279 32.25 -35.91 -4.05
CA ILE A 279 32.43 -35.94 -5.48
C ILE A 279 33.87 -35.48 -5.79
N SER A 280 34.46 -34.63 -4.94
CA SER A 280 35.85 -34.16 -5.11
C SER A 280 36.80 -35.35 -4.99
N ARG A 281 36.55 -36.21 -4.02
CA ARG A 281 37.37 -37.43 -3.91
C ARG A 281 37.19 -38.31 -5.13
N HIS A 282 35.93 -38.52 -5.56
CA HIS A 282 35.64 -39.32 -6.75
C HIS A 282 36.45 -38.80 -7.94
N MET A 283 36.42 -37.48 -8.17
CA MET A 283 37.05 -36.95 -9.34
C MET A 283 38.58 -37.14 -9.26
N GLU A 284 39.17 -37.09 -8.07
CA GLU A 284 40.60 -37.35 -7.92
C GLU A 284 40.86 -38.84 -8.25
N GLU A 285 39.97 -39.72 -7.81
CA GLU A 285 40.13 -41.21 -8.00
C GLU A 285 40.03 -41.51 -9.49
N LYS A 286 38.97 -41.05 -10.14
CA LYS A 286 38.66 -41.43 -11.50
C LYS A 286 39.44 -40.63 -12.55
N TYR A 287 39.54 -39.32 -12.41
CA TYR A 287 40.10 -38.45 -13.46
C TYR A 287 41.49 -37.90 -13.12
N GLY A 288 41.97 -38.14 -11.90
CA GLY A 288 43.25 -37.64 -11.39
C GLY A 288 43.28 -36.15 -11.12
N ILE A 289 42.10 -35.56 -10.93
CA ILE A 289 42.02 -34.09 -10.69
C ILE A 289 42.22 -33.81 -9.21
N PRO A 290 43.24 -33.05 -8.80
CA PRO A 290 43.42 -32.74 -7.38
C PRO A 290 42.37 -31.73 -6.92
N TRP A 291 42.16 -31.72 -5.60
CA TRP A 291 41.25 -30.76 -5.03
C TRP A 291 41.90 -30.12 -3.84
N MET A 292 41.44 -28.90 -3.53
CA MET A 292 41.93 -28.21 -2.32
C MET A 292 40.78 -27.40 -1.72
N GLU A 293 40.79 -27.29 -0.37
CA GLU A 293 39.90 -26.48 0.37
C GLU A 293 40.35 -25.02 0.33
N TYR A 294 39.40 -24.09 0.26
CA TYR A 294 39.70 -22.70 0.36
C TYR A 294 38.60 -21.97 1.15
N ASN A 295 38.82 -20.66 1.38
CA ASN A 295 37.94 -19.87 2.16
C ASN A 295 37.95 -18.43 1.60
N PHE A 296 36.79 -17.94 1.17
CA PHE A 296 36.67 -16.62 0.67
C PHE A 296 35.86 -15.72 1.61
N PHE A 297 35.90 -15.95 2.90
CA PHE A 297 35.25 -15.08 3.83
C PHE A 297 36.25 -14.11 4.48
N GLY A 298 36.17 -12.84 4.06
CA GLY A 298 36.98 -11.78 4.63
C GLY A 298 38.31 -11.65 3.92
N PRO A 299 38.98 -10.49 4.05
CA PRO A 299 40.24 -10.27 3.30
C PRO A 299 41.35 -11.23 3.74
N THR A 300 41.54 -11.45 5.04
CA THR A 300 42.70 -12.32 5.43
C THR A 300 42.62 -13.71 4.79
N LYS A 301 41.45 -14.36 4.88
CA LYS A 301 41.24 -15.71 4.31
C LYS A 301 41.25 -15.65 2.77
N THR A 302 40.61 -14.64 2.17
CA THR A 302 40.55 -14.52 0.73
C THR A 302 41.98 -14.37 0.17
N ILE A 303 42.78 -13.53 0.79
CA ILE A 303 44.20 -13.34 0.32
C ILE A 303 44.98 -14.66 0.45
N GLU A 304 44.88 -15.31 1.60
CA GLU A 304 45.55 -16.59 1.83
C GLU A 304 45.12 -17.64 0.78
N SER A 305 43.80 -17.70 0.49
CA SER A 305 43.29 -18.62 -0.47
C SER A 305 43.79 -18.32 -1.89
N LEU A 306 43.68 -17.06 -2.31
CA LEU A 306 44.19 -16.68 -3.67
C LEU A 306 45.65 -17.12 -3.81
N ARG A 307 46.46 -16.85 -2.75
CA ARG A 307 47.89 -17.21 -2.86
C ARG A 307 48.08 -18.71 -2.93
N ALA A 308 47.34 -19.48 -2.11
CA ALA A 308 47.48 -20.93 -2.10
C ALA A 308 47.03 -21.54 -3.43
N ILE A 309 45.96 -21.01 -4.02
CA ILE A 309 45.48 -21.51 -5.28
C ILE A 309 46.53 -21.18 -6.36
N ALA A 310 46.98 -19.92 -6.41
CA ALA A 310 47.95 -19.50 -7.44
C ALA A 310 49.21 -20.36 -7.38
N ALA A 311 49.63 -20.75 -6.18
CA ALA A 311 50.83 -21.57 -6.02
C ALA A 311 50.72 -22.90 -6.74
N LYS A 312 49.50 -23.38 -7.07
CA LYS A 312 49.27 -24.65 -7.81
C LYS A 312 49.56 -24.47 -9.31
N PHE A 313 49.77 -23.24 -9.78
CA PHE A 313 49.92 -22.98 -11.21
C PHE A 313 51.36 -22.51 -11.43
N ASP A 314 51.54 -21.57 -12.32
CA ASP A 314 52.88 -21.14 -12.72
C ASP A 314 53.11 -19.72 -12.22
N GLU A 315 54.28 -19.18 -12.53
CA GLU A 315 54.64 -17.83 -12.14
C GLU A 315 53.66 -16.78 -12.71
N SER A 316 53.08 -17.02 -13.90
CA SER A 316 52.22 -16.03 -14.51
C SER A 316 50.95 -15.85 -13.66
N ILE A 317 50.46 -16.94 -13.06
CA ILE A 317 49.25 -16.84 -12.22
C ILE A 317 49.62 -16.25 -10.87
N GLN A 318 50.82 -16.57 -10.36
CA GLN A 318 51.27 -15.98 -9.07
C GLN A 318 51.41 -14.46 -9.21
N LYS A 319 51.91 -13.99 -10.37
CA LYS A 319 52.00 -12.56 -10.61
C LYS A 319 50.60 -11.93 -10.69
N LYS A 320 49.66 -12.57 -11.37
CA LYS A 320 48.32 -12.01 -11.44
C LYS A 320 47.66 -12.00 -10.04
N CYS A 321 47.93 -13.04 -9.25
CA CYS A 321 47.49 -13.11 -7.86
C CYS A 321 47.86 -11.84 -7.11
N GLU A 322 49.14 -11.45 -7.19
CA GLU A 322 49.58 -10.27 -6.45
C GLU A 322 48.96 -8.99 -6.99
N GLU A 323 48.69 -8.98 -8.31
CA GLU A 323 47.95 -7.87 -8.94
C GLU A 323 46.53 -7.75 -8.35
N VAL A 324 45.86 -8.87 -8.22
CA VAL A 324 44.51 -8.89 -7.69
C VAL A 324 44.55 -8.39 -6.25
N ILE A 325 45.50 -8.89 -5.48
CA ILE A 325 45.56 -8.51 -4.09
C ILE A 325 45.83 -7.00 -3.99
N ALA A 326 46.76 -6.49 -4.82
CA ALA A 326 47.06 -5.06 -4.77
C ALA A 326 45.85 -4.21 -5.18
N LYS A 327 45.05 -4.70 -6.15
CA LYS A 327 43.90 -3.96 -6.64
C LYS A 327 42.89 -3.76 -5.51
N TYR A 328 42.60 -4.83 -4.77
CA TYR A 328 41.53 -4.76 -3.80
C TYR A 328 42.00 -4.25 -2.43
N LYS A 329 43.31 -4.16 -2.21
CA LYS A 329 43.83 -3.74 -0.90
C LYS A 329 43.14 -2.46 -0.44
N PRO A 330 43.13 -1.34 -1.22
CA PRO A 330 42.55 -0.11 -0.71
C PRO A 330 41.05 -0.26 -0.42
N GLU A 331 40.37 -1.16 -1.12
CA GLU A 331 38.91 -1.31 -0.98
C GLU A 331 38.58 -1.96 0.37
N TRP A 332 39.20 -3.11 0.66
CA TRP A 332 38.94 -3.74 1.96
C TRP A 332 39.55 -2.97 3.10
N GLU A 333 40.67 -2.27 2.86
CA GLU A 333 41.22 -1.44 3.96
C GLU A 333 40.25 -0.33 4.31
N ALA A 334 39.55 0.22 3.32
CA ALA A 334 38.56 1.27 3.58
C ALA A 334 37.39 0.70 4.39
N VAL A 335 36.98 -0.53 4.05
CA VAL A 335 35.91 -1.19 4.81
C VAL A 335 36.30 -1.36 6.30
N VAL A 336 37.53 -1.89 6.51
CA VAL A 336 38.05 -2.06 7.88
C VAL A 336 38.09 -0.71 8.58
N ALA A 337 38.59 0.32 7.91
CA ALA A 337 38.77 1.61 8.56
C ALA A 337 37.43 2.21 9.01
N LYS A 338 36.39 1.98 8.26
CA LYS A 338 35.09 2.48 8.56
C LYS A 338 34.40 1.65 9.64
N TYR A 339 34.44 0.32 9.50
CA TYR A 339 33.58 -0.53 10.34
C TYR A 339 34.28 -1.16 11.54
N ARG A 340 35.60 -1.43 11.48
CA ARG A 340 36.24 -2.08 12.60
C ARG A 340 36.09 -1.25 13.87
N PRO A 341 36.25 0.10 13.88
CA PRO A 341 36.08 0.85 15.11
C PRO A 341 34.67 0.77 15.67
N ARG A 342 33.67 0.46 14.81
CA ARG A 342 32.32 0.35 15.24
C ARG A 342 32.00 -1.04 15.83
N LEU A 343 32.88 -2.03 15.63
CA LEU A 343 32.61 -3.42 15.95
C LEU A 343 33.67 -4.02 16.87
N GLU A 344 34.79 -3.32 17.04
CA GLU A 344 35.92 -3.86 17.77
C GLU A 344 35.52 -4.35 19.17
N GLY A 345 35.93 -5.59 19.49
CA GLY A 345 35.73 -6.21 20.76
C GLY A 345 34.36 -6.87 20.94
N LYS A 346 33.44 -6.69 19.97
CA LYS A 346 32.11 -7.28 20.11
C LYS A 346 32.20 -8.81 19.94
N ARG A 347 31.35 -9.51 20.68
CA ARG A 347 31.37 -10.93 20.82
C ARG A 347 30.15 -11.53 20.11
N VAL A 348 30.44 -12.60 19.33
CA VAL A 348 29.40 -13.20 18.53
C VAL A 348 29.28 -14.70 18.87
N MET A 349 28.04 -15.22 18.84
CA MET A 349 27.82 -16.69 18.87
C MET A 349 27.16 -17.10 17.56
N LEU A 350 27.66 -18.18 16.98
CA LEU A 350 27.15 -18.67 15.72
C LEU A 350 26.50 -20.03 15.91
N TYR A 351 25.54 -20.34 15.03
CA TYR A 351 25.02 -21.70 14.92
C TYR A 351 24.49 -21.86 13.50
N ILE A 352 25.17 -22.69 12.71
CA ILE A 352 24.82 -22.80 11.32
C ILE A 352 24.96 -24.29 10.94
N GLY A 353 25.20 -24.63 9.67
CA GLY A 353 24.92 -26.03 9.19
C GLY A 353 26.12 -26.95 9.24
N GLY A 354 27.03 -26.75 8.27
CA GLY A 354 28.14 -27.68 8.08
C GLY A 354 29.46 -27.03 7.63
N LEU A 355 29.50 -25.69 7.45
CA LEU A 355 30.74 -25.06 6.97
C LEU A 355 30.93 -23.69 7.61
N ARG A 356 29.92 -22.83 7.47
CA ARG A 356 29.98 -21.44 7.90
C ARG A 356 30.34 -21.25 9.37
N PRO A 357 29.95 -22.16 10.32
CA PRO A 357 30.31 -21.94 11.74
C PRO A 357 31.82 -21.83 11.99
N ARG A 358 32.63 -22.43 11.14
CA ARG A 358 34.08 -22.15 11.24
C ARG A 358 34.53 -21.17 10.14
N HIS A 359 33.89 -21.22 8.97
CA HIS A 359 34.47 -20.51 7.81
C HIS A 359 34.41 -18.99 7.95
N VAL A 360 33.39 -18.48 8.67
CA VAL A 360 33.24 -17.02 8.75
C VAL A 360 34.05 -16.40 9.89
N ILE A 361 34.76 -17.21 10.69
CA ILE A 361 35.40 -16.66 11.89
C ILE A 361 36.45 -15.62 11.52
N GLY A 362 37.22 -15.89 10.46
CA GLY A 362 38.24 -14.94 10.01
C GLY A 362 37.67 -13.58 9.67
N ALA A 363 36.53 -13.56 8.97
CA ALA A 363 35.91 -12.30 8.58
C ALA A 363 35.46 -11.50 9.82
N TYR A 364 34.91 -12.16 10.84
CA TYR A 364 34.62 -11.50 12.07
C TYR A 364 35.89 -10.89 12.67
N GLU A 365 36.93 -11.70 12.71
CA GLU A 365 38.24 -11.25 13.28
C GLU A 365 38.80 -10.04 12.51
N ASP A 366 38.56 -9.98 11.20
CA ASP A 366 39.01 -8.84 10.40
C ASP A 366 38.29 -7.53 10.78
N LEU A 367 37.17 -7.61 11.52
CA LEU A 367 36.48 -6.48 12.04
C LEU A 367 36.66 -6.36 13.54
N GLY A 368 37.65 -7.08 14.08
CA GLY A 368 37.97 -7.02 15.49
C GLY A 368 36.98 -7.69 16.41
N MET A 369 36.14 -8.57 15.87
N MET A 369 36.11 -8.53 15.87
CA MET A 369 35.12 -9.24 16.64
CA MET A 369 35.11 -9.21 16.67
C MET A 369 35.59 -10.64 17.05
C MET A 369 35.67 -10.56 17.15
N GLU A 370 35.01 -11.13 18.15
CA GLU A 370 35.44 -12.40 18.75
C GLU A 370 34.25 -13.38 18.66
N VAL A 371 34.54 -14.57 18.15
CA VAL A 371 33.53 -15.63 18.10
C VAL A 371 33.68 -16.45 19.39
N VAL A 372 32.74 -16.33 20.31
CA VAL A 372 32.86 -16.90 21.64
C VAL A 372 32.14 -18.24 21.75
N GLY A 373 31.27 -18.55 20.77
CA GLY A 373 30.64 -19.85 20.69
C GLY A 373 30.33 -20.13 19.24
N THR A 374 30.40 -21.41 18.87
CA THR A 374 30.01 -21.77 17.53
C THR A 374 29.59 -23.24 17.54
N GLY A 375 28.83 -23.63 16.52
CA GLY A 375 28.39 -25.03 16.44
C GLY A 375 27.65 -25.26 15.15
N TYR A 376 27.39 -26.54 14.90
CA TYR A 376 26.83 -26.96 13.67
C TYR A 376 25.60 -27.85 13.91
N GLU A 377 24.67 -27.76 12.96
CA GLU A 377 23.55 -28.64 12.91
C GLU A 377 23.99 -30.07 12.57
N PHE A 378 24.86 -30.27 11.59
CA PHE A 378 25.01 -31.66 11.00
C PHE A 378 26.46 -31.97 10.59
N ALA A 379 27.43 -31.19 11.08
CA ALA A 379 28.85 -31.44 10.79
C ALA A 379 29.28 -32.81 11.32
N HIS A 380 30.35 -33.31 10.71
CA HIS A 380 31.05 -34.55 11.18
C HIS A 380 32.33 -34.18 11.93
N ASN A 381 33.03 -35.20 12.48
CA ASN A 381 34.18 -34.84 13.28
C ASN A 381 35.29 -34.23 12.43
N ASP A 382 35.36 -34.54 11.13
CA ASP A 382 36.39 -33.89 10.32
C ASP A 382 36.14 -32.36 10.24
N ASP A 383 34.87 -31.92 10.33
CA ASP A 383 34.56 -30.50 10.42
C ASP A 383 35.05 -29.94 11.78
N TYR A 384 34.77 -30.66 12.88
CA TYR A 384 35.18 -30.18 14.19
C TYR A 384 36.72 -30.15 14.26
N ASP A 385 37.39 -31.08 13.59
CA ASP A 385 38.90 -31.05 13.58
C ASP A 385 39.32 -29.70 13.02
N ARG A 386 38.60 -29.22 12.02
CA ARG A 386 39.02 -27.98 11.32
C ARG A 386 38.60 -26.77 12.14
N THR A 387 37.72 -26.92 13.15
CA THR A 387 37.11 -25.83 13.86
C THR A 387 37.99 -25.47 15.06
N MET A 388 38.48 -26.51 15.77
CA MET A 388 39.05 -26.26 17.09
C MET A 388 40.27 -25.31 16.98
N LYS A 389 41.05 -25.31 15.90
CA LYS A 389 42.20 -24.41 15.78
C LYS A 389 41.75 -23.01 15.33
N GLU A 390 40.53 -22.87 14.79
CA GLU A 390 40.01 -21.55 14.35
C GLU A 390 39.38 -20.80 15.54
N MET A 391 38.96 -21.51 16.55
CA MET A 391 38.27 -20.95 17.70
C MET A 391 39.25 -20.72 18.84
N GLY A 392 38.95 -19.72 19.66
CA GLY A 392 39.76 -19.40 20.81
C GLY A 392 39.72 -20.48 21.88
N ASP A 393 40.76 -20.49 22.71
CA ASP A 393 40.71 -21.31 23.93
C ASP A 393 39.51 -20.95 24.81
N SER A 394 38.86 -21.99 25.37
CA SER A 394 37.80 -21.88 26.34
C SER A 394 36.51 -21.35 25.73
N THR A 395 36.42 -21.33 24.39
CA THR A 395 35.12 -20.99 23.81
C THR A 395 34.19 -22.21 23.83
N LEU A 396 32.90 -21.98 23.55
CA LEU A 396 31.87 -23.03 23.64
C LEU A 396 31.60 -23.61 22.26
N LEU A 397 31.55 -24.94 22.15
CA LEU A 397 31.23 -25.62 20.91
C LEU A 397 29.99 -26.46 21.11
N TYR A 398 29.04 -26.45 20.17
CA TYR A 398 27.79 -27.20 20.37
C TYR A 398 27.41 -27.89 19.05
N ASP A 399 27.18 -29.21 19.11
CA ASP A 399 26.78 -30.01 17.96
C ASP A 399 25.27 -30.38 18.10
N ASP A 400 24.48 -30.09 17.07
CA ASP A 400 23.03 -30.36 17.03
C ASP A 400 22.38 -29.81 18.30
N VAL A 401 22.59 -28.51 18.50
CA VAL A 401 22.15 -27.80 19.69
C VAL A 401 20.62 -27.85 19.76
N THR A 402 20.12 -28.05 20.97
CA THR A 402 18.68 -27.98 21.18
C THR A 402 18.25 -26.54 21.35
N GLY A 403 16.97 -26.26 21.13
CA GLY A 403 16.50 -24.93 21.28
C GLY A 403 16.73 -24.44 22.71
N TYR A 404 16.44 -25.31 23.66
N TYR A 404 16.42 -25.28 23.70
CA TYR A 404 16.57 -25.03 25.03
CA TYR A 404 16.61 -24.97 25.12
C TYR A 404 18.02 -24.65 25.37
C TYR A 404 18.08 -24.60 25.38
N GLU A 405 18.99 -25.46 24.92
CA GLU A 405 20.41 -25.24 25.18
C GLU A 405 20.85 -23.89 24.61
N PHE A 406 20.48 -23.58 23.37
CA PHE A 406 20.98 -22.41 22.72
C PHE A 406 20.49 -21.17 23.51
N GLU A 407 19.22 -21.14 23.87
CA GLU A 407 18.65 -20.03 24.63
C GLU A 407 19.41 -19.87 25.96
N GLU A 408 19.66 -21.01 26.65
CA GLU A 408 20.28 -20.91 28.00
C GLU A 408 21.74 -20.51 27.88
N PHE A 409 22.43 -20.96 26.82
CA PHE A 409 23.82 -20.54 26.66
C PHE A 409 23.88 -19.03 26.40
N VAL A 410 22.99 -18.53 25.55
CA VAL A 410 22.95 -17.14 25.23
C VAL A 410 22.65 -16.30 26.48
N LYS A 411 21.71 -16.72 27.28
CA LYS A 411 21.39 -15.99 28.51
C LYS A 411 22.62 -15.78 29.40
N ARG A 412 23.51 -16.78 29.48
N ARG A 412 23.54 -16.76 29.46
CA ARG A 412 24.69 -16.70 30.35
CA ARG A 412 24.67 -16.68 30.38
C ARG A 412 25.76 -15.85 29.66
C ARG A 412 25.86 -15.99 29.70
N ILE A 413 26.04 -16.19 28.39
CA ILE A 413 27.20 -15.68 27.69
C ILE A 413 26.95 -14.23 27.29
N LYS A 414 25.70 -13.86 26.99
CA LYS A 414 25.34 -12.49 26.66
C LYS A 414 26.23 -11.98 25.53
N PRO A 415 26.22 -12.68 24.38
CA PRO A 415 26.94 -12.19 23.22
C PRO A 415 26.32 -10.88 22.72
N ASP A 416 27.11 -10.09 22.00
CA ASP A 416 26.64 -8.82 21.41
C ASP A 416 25.82 -9.08 20.13
N LEU A 417 26.05 -10.20 19.48
CA LEU A 417 25.41 -10.55 18.17
C LEU A 417 25.29 -12.08 18.12
N ILE A 418 24.23 -12.58 17.48
CA ILE A 418 24.07 -13.98 17.16
C ILE A 418 23.90 -14.13 15.64
N GLY A 419 24.58 -15.11 15.07
CA GLY A 419 24.45 -15.41 13.64
C GLY A 419 23.91 -16.82 13.49
N SER A 420 22.64 -16.97 13.06
CA SER A 420 22.05 -18.32 12.93
C SER A 420 20.93 -18.28 11.88
N GLY A 421 19.92 -19.13 12.04
CA GLY A 421 18.90 -19.28 11.00
C GLY A 421 17.56 -18.62 11.34
N ILE A 422 16.60 -18.85 10.45
CA ILE A 422 15.28 -18.23 10.54
C ILE A 422 14.52 -18.76 11.76
N LYS A 423 14.74 -20.00 12.19
CA LYS A 423 13.99 -20.54 13.33
C LYS A 423 14.51 -19.96 14.65
N GLU A 424 15.70 -19.35 14.60
CA GLU A 424 16.34 -18.77 15.78
C GLU A 424 16.14 -17.26 15.87
N LYS A 425 16.10 -16.59 14.72
CA LYS A 425 16.14 -15.14 14.58
C LYS A 425 15.17 -14.44 15.56
N PHE A 426 13.90 -14.80 15.59
CA PHE A 426 12.94 -13.96 16.27
C PHE A 426 12.99 -14.19 17.78
N ILE A 427 13.52 -15.33 18.23
CA ILE A 427 13.71 -15.61 19.63
C ILE A 427 14.70 -14.57 20.18
N PHE A 428 15.86 -14.48 19.54
CA PHE A 428 16.97 -13.71 20.08
C PHE A 428 16.67 -12.23 19.94
N GLN A 429 15.95 -11.83 18.89
CA GLN A 429 15.59 -10.39 18.84
C GLN A 429 14.73 -10.01 20.04
N LYS A 430 13.81 -10.89 20.46
CA LYS A 430 12.94 -10.55 21.60
C LYS A 430 13.74 -10.44 22.88
N MET A 431 14.88 -11.13 22.96
CA MET A 431 15.77 -11.05 24.09
C MET A 431 16.65 -9.79 24.05
N GLY A 432 16.55 -8.99 22.96
CA GLY A 432 17.34 -7.78 22.81
C GLY A 432 18.76 -8.03 22.32
N ILE A 433 19.00 -9.17 21.65
CA ILE A 433 20.29 -9.51 21.09
C ILE A 433 20.22 -9.38 19.59
N PRO A 434 20.98 -8.42 19.02
CA PRO A 434 21.15 -8.29 17.58
C PRO A 434 21.41 -9.64 16.92
N PHE A 435 20.66 -9.88 15.81
CA PHE A 435 20.69 -11.18 15.15
C PHE A 435 20.89 -10.96 13.67
N ARG A 436 21.82 -11.69 13.07
CA ARG A 436 21.98 -11.77 11.63
C ARG A 436 21.77 -13.20 11.13
N GLU A 437 20.92 -13.31 10.11
CA GLU A 437 20.79 -14.62 9.45
C GLU A 437 22.06 -15.01 8.70
N MET A 438 22.64 -16.17 9.05
CA MET A 438 23.91 -16.54 8.45
C MET A 438 23.73 -17.71 7.50
N HIS A 439 22.48 -18.02 7.13
CA HIS A 439 22.19 -18.86 5.96
C HIS A 439 21.83 -17.97 4.76
N SER A 440 20.71 -17.22 4.92
CA SER A 440 20.13 -16.38 3.88
C SER A 440 20.79 -15.02 3.75
N TRP A 441 21.75 -14.73 4.62
CA TRP A 441 22.33 -13.42 4.69
C TRP A 441 21.32 -12.32 4.99
N ASP A 442 20.17 -12.66 5.56
CA ASP A 442 19.13 -11.68 5.86
C ASP A 442 18.75 -10.90 4.59
N TYR A 443 18.75 -11.60 3.45
CA TYR A 443 18.26 -11.10 2.18
C TYR A 443 19.26 -10.08 1.55
N SER A 444 20.49 -10.14 2.06
CA SER A 444 21.58 -9.30 1.69
C SER A 444 22.69 -10.16 1.05
N GLY A 445 23.92 -9.70 1.08
CA GLY A 445 24.95 -10.39 0.42
C GLY A 445 25.12 -9.93 -1.02
N PRO A 446 26.17 -10.43 -1.73
CA PRO A 446 26.98 -11.55 -1.27
C PRO A 446 27.93 -11.27 -0.09
N TYR A 447 28.43 -12.32 0.58
CA TYR A 447 29.44 -12.15 1.60
C TYR A 447 30.79 -12.72 1.16
N HIS A 448 30.85 -13.49 0.08
CA HIS A 448 32.16 -14.06 -0.33
C HIS A 448 33.01 -12.98 -1.04
N GLY A 449 34.32 -13.11 -0.92
CA GLY A 449 35.27 -12.31 -1.68
C GLY A 449 35.44 -10.93 -1.09
N PHE A 450 36.16 -10.08 -1.83
CA PHE A 450 36.35 -8.73 -1.41
C PHE A 450 35.05 -7.93 -1.47
N ASP A 451 34.29 -8.06 -2.57
CA ASP A 451 33.10 -7.28 -2.67
C ASP A 451 32.08 -7.73 -1.61
N GLY A 452 32.07 -9.03 -1.27
CA GLY A 452 31.21 -9.53 -0.22
C GLY A 452 31.57 -9.02 1.17
N PHE A 453 32.87 -8.85 1.44
CA PHE A 453 33.28 -8.41 2.76
C PHE A 453 32.72 -7.02 3.06
N ALA A 454 32.67 -6.15 2.08
CA ALA A 454 32.11 -4.78 2.30
C ALA A 454 30.64 -4.90 2.79
N ILE A 455 29.88 -5.78 2.11
CA ILE A 455 28.46 -5.96 2.47
C ILE A 455 28.33 -6.64 3.84
N PHE A 456 29.15 -7.64 4.12
CA PHE A 456 29.19 -8.29 5.45
C PHE A 456 29.40 -7.26 6.58
N ALA A 457 30.42 -6.42 6.40
CA ALA A 457 30.75 -5.43 7.41
C ALA A 457 29.60 -4.45 7.61
N ARG A 458 29.04 -3.94 6.50
CA ARG A 458 27.91 -3.06 6.53
C ARG A 458 26.76 -3.67 7.36
N ASP A 459 26.54 -4.95 7.08
CA ASP A 459 25.42 -5.64 7.63
C ASP A 459 25.61 -5.89 9.14
N MET A 460 26.81 -6.37 9.57
CA MET A 460 27.01 -6.62 10.96
C MET A 460 26.85 -5.30 11.72
N ASP A 461 27.42 -4.22 11.19
CA ASP A 461 27.31 -2.90 11.82
C ASP A 461 25.87 -2.38 11.89
N MET A 462 25.12 -2.51 10.80
CA MET A 462 23.78 -1.94 10.76
C MET A 462 22.89 -2.61 11.80
N THR A 463 23.17 -3.89 12.07
CA THR A 463 22.32 -4.63 13.03
C THR A 463 22.87 -4.45 14.45
N LEU A 464 24.15 -4.76 14.65
CA LEU A 464 24.70 -4.68 16.04
C LEU A 464 24.48 -3.29 16.62
N ASN A 465 24.72 -2.24 15.82
CA ASN A 465 24.69 -0.85 16.29
C ASN A 465 23.34 -0.17 16.06
N ASN A 466 22.30 -0.92 15.75
CA ASN A 466 21.04 -0.28 15.37
C ASN A 466 20.41 0.44 16.54
N PRO A 467 19.74 1.59 16.34
CA PRO A 467 19.11 2.27 17.48
C PRO A 467 17.99 1.45 18.15
N CYS A 468 17.43 0.45 17.45
CA CYS A 468 16.28 -0.29 18.04
C CYS A 468 16.69 -0.97 19.36
N TRP A 469 17.94 -1.42 19.48
CA TRP A 469 18.33 -2.27 20.64
C TRP A 469 18.40 -1.50 21.95
N LYS A 470 18.35 -0.19 21.90
CA LYS A 470 18.38 0.60 23.16
C LYS A 470 16.98 0.80 23.69
N LYS A 471 15.98 0.24 22.99
CA LYS A 471 14.60 0.61 23.24
C LYS A 471 13.74 -0.50 23.82
N LEU A 472 14.28 -1.69 24.10
CA LEU A 472 13.45 -2.77 24.51
C LEU A 472 12.89 -2.50 25.90
N GLN A 473 13.60 -1.76 26.77
CA GLN A 473 13.08 -1.56 28.15
C GLN A 473 12.24 -0.27 28.16
N ALA A 474 10.97 -0.41 28.55
CA ALA A 474 10.09 0.72 28.72
C ALA A 474 10.70 1.62 29.81
N PRO A 475 10.73 2.95 29.61
CA PRO A 475 11.37 3.82 30.60
C PRO A 475 10.64 3.84 31.95
N TRP A 476 9.45 3.28 32.07
CA TRP A 476 8.73 3.23 33.36
C TRP A 476 8.99 1.92 34.10
N GLU A 477 9.82 1.05 33.54
CA GLU A 477 10.21 -0.23 34.21
C GLU A 477 11.70 -0.25 34.50
N SER B 1 34.07 -4.51 -7.67
CA SER B 1 34.63 -3.49 -6.80
C SER B 1 33.53 -2.89 -5.94
N GLN B 2 33.92 -2.27 -4.82
CA GLN B 2 32.99 -1.50 -4.02
C GLN B 2 33.57 -0.12 -3.73
N GLN B 3 32.66 0.84 -3.59
CA GLN B 3 33.00 2.17 -3.03
C GLN B 3 32.44 2.20 -1.61
N VAL B 4 33.31 2.47 -0.63
CA VAL B 4 33.01 2.23 0.71
C VAL B 4 31.85 3.09 1.21
N ASP B 5 31.62 4.28 0.61
CA ASP B 5 30.52 5.11 1.11
C ASP B 5 29.16 4.77 0.45
N LYS B 6 29.16 3.93 -0.60
CA LYS B 6 27.90 3.50 -1.21
C LYS B 6 28.05 2.03 -1.66
N ILE B 7 28.00 1.16 -0.67
CA ILE B 7 28.19 -0.28 -0.87
C ILE B 7 26.96 -0.85 -1.61
N LYS B 8 27.23 -1.65 -2.61
CA LYS B 8 26.19 -2.32 -3.41
C LYS B 8 26.02 -3.77 -2.97
N ALA B 9 24.77 -4.16 -2.65
CA ALA B 9 24.41 -5.56 -2.51
C ALA B 9 24.13 -6.15 -3.90
N SER B 10 23.84 -7.47 -3.94
CA SER B 10 23.69 -8.24 -5.21
C SER B 10 23.02 -7.38 -6.28
N TYR B 11 21.86 -6.78 -5.96
CA TYR B 11 21.26 -5.74 -6.76
C TYR B 11 21.65 -4.39 -6.12
N PRO B 12 22.44 -3.55 -6.80
CA PRO B 12 22.82 -3.58 -8.21
C PRO B 12 24.27 -3.98 -8.51
N LEU B 13 25.01 -4.58 -7.55
CA LEU B 13 26.40 -4.95 -7.78
C LEU B 13 26.61 -5.68 -9.11
N PHE B 14 25.77 -6.70 -9.40
CA PHE B 14 26.08 -7.59 -10.52
C PHE B 14 25.73 -6.95 -11.85
N LEU B 15 25.22 -5.72 -11.86
CA LEU B 15 25.02 -4.96 -13.10
C LEU B 15 26.29 -4.18 -13.42
N ASP B 16 27.28 -4.10 -12.52
CA ASP B 16 28.56 -3.47 -12.92
C ASP B 16 29.07 -4.19 -14.19
N GLN B 17 29.82 -3.46 -15.02
CA GLN B 17 30.28 -3.99 -16.29
C GLN B 17 31.17 -5.23 -16.12
N ASP B 18 32.05 -5.24 -15.12
CA ASP B 18 32.92 -6.38 -14.98
C ASP B 18 32.12 -7.67 -14.66
N TYR B 19 31.09 -7.58 -13.79
CA TYR B 19 30.25 -8.74 -13.51
C TYR B 19 29.43 -9.13 -14.73
N LYS B 20 28.90 -8.14 -15.45
N LYS B 20 28.88 -8.15 -15.45
CA LYS B 20 28.12 -8.42 -16.65
CA LYS B 20 28.11 -8.47 -16.66
C LYS B 20 28.98 -9.19 -17.67
C LYS B 20 28.99 -9.23 -17.65
N ASP B 21 30.22 -8.74 -17.88
CA ASP B 21 31.10 -9.38 -18.83
C ASP B 21 31.46 -10.81 -18.38
N MET B 22 31.70 -10.97 -17.07
CA MET B 22 32.04 -12.27 -16.51
C MET B 22 30.89 -13.27 -16.71
N LEU B 23 29.66 -12.79 -16.51
CA LEU B 23 28.48 -13.68 -16.61
C LEU B 23 28.22 -14.02 -18.07
N ALA B 24 28.50 -13.09 -18.96
CA ALA B 24 28.38 -13.40 -20.40
C ALA B 24 29.40 -14.47 -20.80
N LYS B 25 30.66 -14.41 -20.30
CA LYS B 25 31.69 -15.38 -20.60
C LYS B 25 31.34 -16.76 -20.04
N LYS B 26 30.72 -16.78 -18.84
CA LYS B 26 30.33 -18.03 -18.25
C LYS B 26 29.31 -18.72 -19.17
N ARG B 27 28.27 -17.97 -19.52
CA ARG B 27 27.21 -18.45 -20.36
C ARG B 27 27.79 -18.98 -21.68
N ASP B 28 28.56 -18.16 -22.36
CA ASP B 28 29.00 -18.56 -23.69
C ASP B 28 29.95 -19.74 -23.60
N GLY B 29 30.81 -19.77 -22.59
CA GLY B 29 31.85 -20.78 -22.53
C GLY B 29 31.34 -22.14 -22.15
N PHE B 30 30.42 -22.19 -21.16
CA PHE B 30 30.23 -23.43 -20.42
C PHE B 30 28.76 -23.81 -20.23
N GLU B 31 27.80 -22.92 -20.47
CA GLU B 31 26.39 -23.24 -20.13
C GLU B 31 25.62 -23.89 -21.29
N GLU B 32 26.15 -23.87 -22.53
CA GLU B 32 25.44 -24.47 -23.68
C GLU B 32 23.97 -24.04 -23.64
N LYS B 33 23.75 -22.75 -23.49
CA LYS B 33 22.44 -22.17 -23.35
C LYS B 33 21.70 -22.15 -24.68
N TYR B 34 20.39 -22.40 -24.62
CA TYR B 34 19.54 -22.19 -25.76
C TYR B 34 19.66 -20.74 -26.23
N PRO B 35 19.70 -20.51 -27.55
CA PRO B 35 19.78 -19.15 -28.08
C PRO B 35 18.60 -18.29 -27.58
N GLN B 36 18.87 -17.00 -27.40
CA GLN B 36 17.86 -16.06 -26.94
C GLN B 36 16.60 -16.10 -27.83
N ASP B 37 16.77 -16.24 -29.16
CA ASP B 37 15.60 -16.23 -29.99
C ASP B 37 14.70 -17.43 -29.70
N LYS B 38 15.28 -18.58 -29.35
CA LYS B 38 14.51 -19.74 -29.04
C LYS B 38 13.83 -19.57 -27.67
N ILE B 39 14.57 -18.98 -26.74
CA ILE B 39 13.98 -18.69 -25.41
C ILE B 39 12.75 -17.80 -25.60
N ASP B 40 12.89 -16.71 -26.37
CA ASP B 40 11.80 -15.81 -26.66
C ASP B 40 10.62 -16.54 -27.29
N GLU B 41 10.91 -17.45 -28.26
CA GLU B 41 9.86 -18.17 -28.99
C GLU B 41 9.06 -19.08 -28.01
N VAL B 42 9.79 -19.80 -27.15
CA VAL B 42 9.14 -20.66 -26.19
C VAL B 42 8.33 -19.79 -25.20
N PHE B 43 8.93 -18.72 -24.68
CA PHE B 43 8.17 -17.85 -23.75
C PHE B 43 6.84 -17.45 -24.38
N GLN B 44 6.90 -16.95 -25.61
CA GLN B 44 5.67 -16.49 -26.26
C GLN B 44 4.65 -17.63 -26.34
N TRP B 45 5.12 -18.83 -26.70
CA TRP B 45 4.24 -19.97 -26.78
C TRP B 45 3.56 -20.26 -25.44
N THR B 46 4.29 -20.08 -24.33
CA THR B 46 3.69 -20.37 -22.97
C THR B 46 2.60 -19.37 -22.58
N THR B 47 2.38 -18.32 -23.39
CA THR B 47 1.37 -17.29 -23.12
C THR B 47 0.11 -17.57 -23.94
N THR B 48 0.15 -18.60 -24.79
CA THR B 48 -0.95 -18.86 -25.79
C THR B 48 -2.07 -19.72 -25.25
N LYS B 49 -3.21 -19.63 -25.94
CA LYS B 49 -4.34 -20.53 -25.73
C LYS B 49 -3.98 -21.99 -26.04
N GLU B 50 -3.17 -22.21 -27.06
CA GLU B 50 -2.72 -23.60 -27.38
C GLU B 50 -1.98 -24.21 -26.18
N TYR B 51 -1.07 -23.40 -25.60
CA TYR B 51 -0.33 -23.87 -24.48
C TYR B 51 -1.27 -24.10 -23.30
N GLN B 52 -2.21 -23.16 -23.08
CA GLN B 52 -3.17 -23.29 -21.96
C GLN B 52 -3.93 -24.63 -22.08
N GLU B 53 -4.33 -25.01 -23.32
CA GLU B 53 -5.09 -26.26 -23.48
C GLU B 53 -4.24 -27.46 -23.06
N LEU B 54 -2.96 -27.49 -23.44
CA LEU B 54 -2.07 -28.57 -22.99
C LEU B 54 -1.92 -28.57 -21.48
N ASN B 55 -1.74 -27.37 -20.95
CA ASN B 55 -1.54 -27.17 -19.51
C ASN B 55 -2.71 -27.74 -18.71
N PHE B 56 -3.96 -27.47 -19.14
CA PHE B 56 -5.11 -27.91 -18.45
C PHE B 56 -5.40 -29.41 -18.69
N GLN B 57 -4.67 -30.05 -19.58
CA GLN B 57 -4.78 -31.52 -19.75
C GLN B 57 -3.88 -32.26 -18.76
N ARG B 58 -3.05 -31.58 -17.95
CA ARG B 58 -2.19 -32.32 -17.03
C ARG B 58 -3.02 -33.19 -16.09
N GLU B 59 -2.50 -34.42 -15.86
CA GLU B 59 -3.07 -35.37 -14.90
C GLU B 59 -2.09 -35.78 -13.78
N ALA B 60 -0.81 -35.74 -14.04
CA ALA B 60 0.20 -36.30 -13.18
C ALA B 60 1.11 -35.20 -12.56
N LEU B 61 1.42 -34.17 -13.34
CA LEU B 61 2.34 -33.12 -12.92
C LEU B 61 1.56 -31.97 -12.25
N THR B 62 2.08 -31.50 -11.11
CA THR B 62 1.64 -30.28 -10.44
C THR B 62 2.82 -29.30 -10.46
N VAL B 63 2.52 -28.05 -10.80
CA VAL B 63 3.50 -27.00 -10.89
C VAL B 63 3.01 -25.82 -10.06
N ASN B 64 3.84 -25.39 -9.12
CA ASN B 64 3.53 -24.21 -8.31
C ASN B 64 2.17 -24.36 -7.64
N PRO B 65 2.03 -25.34 -6.73
CA PRO B 65 0.80 -25.54 -6.01
C PRO B 65 0.39 -24.35 -5.16
N ALA B 66 -0.91 -24.30 -4.83
CA ALA B 66 -1.46 -23.30 -3.95
C ALA B 66 -2.11 -24.00 -2.75
N LYS B 67 -1.30 -24.85 -2.11
CA LYS B 67 -1.71 -25.55 -0.90
C LYS B 67 -0.47 -26.14 -0.22
N ALA B 68 -0.62 -26.53 1.05
CA ALA B 68 0.43 -27.23 1.78
C ALA B 68 -0.14 -28.51 2.38
N CYS B 69 0.63 -29.14 3.27
CA CYS B 69 0.26 -30.51 3.75
C CYS B 69 -0.35 -30.41 5.14
N GLN B 70 -1.14 -31.44 5.47
CA GLN B 70 -1.95 -31.49 6.69
C GLN B 70 -1.22 -31.04 7.97
N PRO B 71 -0.03 -31.60 8.31
CA PRO B 71 0.55 -31.28 9.61
C PRO B 71 0.81 -29.79 9.83
N LEU B 72 1.07 -29.01 8.77
CA LEU B 72 1.20 -27.57 8.94
C LEU B 72 -0.01 -26.98 9.68
N GLY B 73 -1.22 -27.39 9.24
CA GLY B 73 -2.43 -26.97 9.82
C GLY B 73 -2.64 -27.50 11.23
N ALA B 74 -2.23 -28.76 11.50
CA ALA B 74 -2.30 -29.27 12.87
C ALA B 74 -1.43 -28.43 13.82
N VAL B 75 -0.24 -28.01 13.37
CA VAL B 75 0.64 -27.23 14.19
C VAL B 75 0.01 -25.87 14.53
N LEU B 76 -0.56 -25.20 13.53
CA LEU B 76 -1.19 -23.91 13.77
C LEU B 76 -2.35 -24.07 14.77
N CYS B 77 -3.16 -25.10 14.60
CA CYS B 77 -4.29 -25.35 15.52
C CYS B 77 -3.74 -25.50 16.94
N ALA B 78 -2.75 -26.38 17.11
CA ALA B 78 -2.18 -26.65 18.41
C ALA B 78 -1.60 -25.39 19.06
N LEU B 79 -0.98 -24.49 18.29
CA LEU B 79 -0.40 -23.30 18.87
C LEU B 79 -1.43 -22.44 19.58
N GLY B 80 -2.72 -22.59 19.24
CA GLY B 80 -3.76 -21.74 19.81
C GLY B 80 -4.26 -22.20 21.18
N PHE B 81 -3.62 -23.19 21.78
CA PHE B 81 -3.99 -23.67 23.11
C PHE B 81 -2.94 -23.26 24.13
N GLU B 82 -3.43 -22.96 25.34
CA GLU B 82 -2.59 -22.44 26.41
C GLU B 82 -1.43 -23.42 26.69
N LYS B 83 -0.22 -22.88 26.77
CA LYS B 83 0.96 -23.62 27.14
C LYS B 83 1.02 -24.97 26.41
N THR B 84 0.69 -24.97 25.11
CA THR B 84 0.64 -26.22 24.34
C THR B 84 1.83 -26.26 23.38
N MET B 85 2.50 -27.41 23.38
CA MET B 85 3.57 -27.68 22.44
C MET B 85 3.00 -28.51 21.30
N PRO B 86 3.06 -28.02 20.05
CA PRO B 86 2.79 -28.89 18.92
C PRO B 86 3.90 -29.92 18.79
N TYR B 87 3.49 -31.15 18.51
CA TYR B 87 4.40 -32.29 18.47
C TYR B 87 4.03 -33.12 17.26
N VAL B 88 4.97 -33.29 16.31
CA VAL B 88 4.66 -34.03 15.14
C VAL B 88 5.46 -35.33 15.19
N HIS B 89 4.71 -36.43 15.33
CA HIS B 89 5.25 -37.78 15.38
C HIS B 89 5.72 -38.16 13.96
N GLY B 90 6.99 -38.50 13.76
CA GLY B 90 7.54 -38.73 12.41
C GLY B 90 8.91 -38.13 12.27
N SER B 91 9.12 -37.60 11.07
CA SER B 91 10.44 -37.18 10.58
C SER B 91 10.70 -35.73 10.89
N GLN B 92 11.91 -35.43 11.40
CA GLN B 92 12.20 -34.06 11.86
C GLN B 92 12.27 -33.04 10.73
N GLY B 93 12.65 -33.44 9.51
CA GLY B 93 12.77 -32.51 8.42
C GLY B 93 11.48 -31.74 8.17
N CYS B 94 10.36 -32.39 8.44
CA CYS B 94 9.06 -31.79 8.32
C CYS B 94 8.93 -30.57 9.24
N VAL B 95 9.31 -30.76 10.50
CA VAL B 95 9.14 -29.75 11.53
C VAL B 95 10.04 -28.56 11.23
N ALA B 96 11.24 -28.80 10.71
CA ALA B 96 12.12 -27.65 10.31
C ALA B 96 11.37 -26.77 9.29
N TYR B 97 10.71 -27.43 8.34
CA TYR B 97 9.97 -26.73 7.31
C TYR B 97 8.73 -26.05 7.86
N PHE B 98 7.95 -26.70 8.75
CA PHE B 98 6.71 -26.06 9.24
C PHE B 98 7.05 -24.78 10.00
N ARG B 99 8.09 -24.87 10.84
CA ARG B 99 8.48 -23.72 11.66
C ARG B 99 8.95 -22.58 10.78
N SER B 100 9.85 -22.88 9.82
N SER B 100 9.84 -22.86 9.81
CA SER B 100 10.39 -21.86 8.94
CA SER B 100 10.37 -21.80 8.97
C SER B 100 9.28 -21.18 8.13
C SER B 100 9.28 -21.16 8.11
N TYR B 101 8.33 -21.95 7.62
CA TYR B 101 7.21 -21.42 6.83
C TYR B 101 6.42 -20.40 7.64
N PHE B 102 6.08 -20.76 8.89
CA PHE B 102 5.36 -19.82 9.74
C PHE B 102 6.27 -18.70 10.20
N ASN B 103 7.53 -18.99 10.50
CA ASN B 103 8.47 -17.94 10.94
C ASN B 103 8.46 -16.81 9.89
N ARG B 104 8.52 -17.18 8.61
CA ARG B 104 8.63 -16.20 7.51
C ARG B 104 7.35 -15.37 7.35
N HIS B 105 6.19 -15.97 7.62
CA HIS B 105 4.94 -15.27 7.45
C HIS B 105 4.65 -14.36 8.63
N PHE B 106 4.88 -14.85 9.85
CA PHE B 106 4.54 -14.06 11.03
C PHE B 106 5.70 -13.22 11.58
N ARG B 107 6.92 -13.51 11.13
CA ARG B 107 8.15 -12.87 11.69
C ARG B 107 8.12 -13.00 13.20
N GLU B 108 7.96 -14.23 13.63
CA GLU B 108 7.83 -14.58 15.04
C GLU B 108 8.41 -15.95 15.25
N PRO B 109 8.83 -16.28 16.48
CA PRO B 109 9.25 -17.65 16.78
C PRO B 109 8.04 -18.57 16.59
N VAL B 110 8.31 -19.82 16.26
CA VAL B 110 7.29 -20.86 16.09
C VAL B 110 7.83 -22.11 16.73
N SER B 111 7.23 -22.50 17.86
CA SER B 111 7.76 -23.64 18.62
C SER B 111 6.96 -24.90 18.24
N CYS B 112 7.70 -25.96 17.93
CA CYS B 112 7.15 -27.24 17.50
C CYS B 112 8.29 -28.24 17.66
N VAL B 113 7.97 -29.45 18.10
CA VAL B 113 9.00 -30.55 18.20
C VAL B 113 8.59 -31.71 17.30
N SER B 114 9.61 -32.55 17.06
CA SER B 114 9.51 -33.81 16.37
C SER B 114 9.93 -34.88 17.35
N ASP B 115 9.63 -36.14 17.04
CA ASP B 115 10.27 -37.20 17.76
C ASP B 115 11.26 -37.96 16.87
N SER B 116 11.72 -37.34 15.79
CA SER B 116 12.94 -37.73 15.11
C SER B 116 12.97 -39.22 14.78
N MET B 117 11.90 -39.71 14.11
CA MET B 117 11.93 -41.08 13.65
C MET B 117 12.89 -41.17 12.46
N THR B 118 13.65 -42.24 12.42
CA THR B 118 14.54 -42.52 11.31
C THR B 118 14.15 -43.84 10.62
N GLU B 119 15.01 -44.21 9.66
CA GLU B 119 14.76 -45.39 8.90
C GLU B 119 14.60 -46.64 9.78
N ASP B 120 15.25 -46.66 10.92
CA ASP B 120 15.23 -47.81 11.80
C ASP B 120 13.79 -48.09 12.24
N ALA B 121 12.98 -47.03 12.41
CA ALA B 121 11.60 -47.21 12.86
C ALA B 121 10.73 -48.01 11.86
N ALA B 122 11.18 -48.22 10.63
CA ALA B 122 10.36 -48.96 9.65
C ALA B 122 10.25 -50.45 10.04
N VAL B 123 11.13 -50.91 10.94
CA VAL B 123 11.09 -52.33 11.34
C VAL B 123 9.98 -52.47 12.37
N PHE B 124 10.06 -51.68 13.44
CA PHE B 124 9.13 -51.96 14.45
C PHE B 124 8.43 -50.70 14.95
N GLY B 125 8.34 -49.65 14.12
CA GLY B 125 7.45 -48.51 14.37
C GLY B 125 8.05 -47.49 15.33
N GLY B 126 7.35 -46.39 15.56
CA GLY B 126 7.89 -45.28 16.30
C GLY B 126 7.48 -45.23 17.77
N GLN B 127 7.18 -46.37 18.40
CA GLN B 127 6.70 -46.34 19.79
C GLN B 127 7.75 -45.75 20.73
N GLN B 128 9.00 -46.16 20.60
CA GLN B 128 10.04 -45.71 21.53
C GLN B 128 10.30 -44.22 21.30
N ASN B 129 10.22 -43.79 20.04
CA ASN B 129 10.36 -42.35 19.77
C ASN B 129 9.27 -41.55 20.49
N MET B 130 8.05 -42.08 20.51
CA MET B 130 6.96 -41.40 21.21
C MET B 130 7.22 -41.34 22.71
N LYS B 131 7.73 -42.45 23.28
CA LYS B 131 7.92 -42.52 24.73
C LYS B 131 8.98 -41.51 25.17
N ASP B 132 10.16 -41.57 24.53
CA ASP B 132 11.22 -40.68 24.89
C ASP B 132 10.89 -39.24 24.46
N GLY B 133 10.25 -39.10 23.31
CA GLY B 133 9.91 -37.75 22.80
C GLY B 133 8.95 -37.00 23.73
N LEU B 134 7.91 -37.67 24.18
CA LEU B 134 6.96 -37.07 25.12
C LEU B 134 7.68 -36.72 26.43
N GLN B 135 8.48 -37.68 26.98
CA GLN B 135 9.16 -37.40 28.25
C GLN B 135 10.11 -36.18 28.11
N ASN B 136 10.89 -36.18 27.03
CA ASN B 136 11.89 -35.20 26.82
C ASN B 136 11.24 -33.82 26.61
N CYS B 137 10.18 -33.78 25.81
CA CYS B 137 9.48 -32.51 25.51
C CYS B 137 8.90 -31.94 26.80
N LYS B 138 8.22 -32.80 27.58
CA LYS B 138 7.63 -32.30 28.77
C LYS B 138 8.68 -31.75 29.73
N ALA B 139 9.77 -32.47 29.93
CA ALA B 139 10.82 -31.99 30.86
C ALA B 139 11.46 -30.70 30.43
N THR B 140 11.71 -30.60 29.13
CA THR B 140 12.60 -29.58 28.63
C THR B 140 11.82 -28.27 28.43
N TYR B 141 10.62 -28.36 27.85
CA TYR B 141 9.87 -27.14 27.39
C TYR B 141 8.71 -26.87 28.33
N LYS B 142 8.43 -27.79 29.26
CA LYS B 142 7.42 -27.56 30.29
C LYS B 142 6.07 -27.10 29.75
N PRO B 143 5.53 -27.72 28.68
CA PRO B 143 4.18 -27.47 28.25
C PRO B 143 3.18 -28.03 29.26
N ASP B 144 1.98 -27.46 29.29
CA ASP B 144 0.88 -28.08 29.99
C ASP B 144 0.06 -29.06 29.17
N MET B 145 0.27 -29.09 27.85
CA MET B 145 -0.39 -29.99 26.95
C MET B 145 0.58 -30.24 25.80
N ILE B 146 0.55 -31.46 25.24
CA ILE B 146 1.30 -31.77 24.03
C ILE B 146 0.29 -32.28 23.01
N ALA B 147 0.19 -31.61 21.84
CA ALA B 147 -0.81 -31.95 20.85
C ALA B 147 -0.11 -32.66 19.69
N VAL B 148 -0.43 -33.91 19.44
CA VAL B 148 0.35 -34.75 18.59
C VAL B 148 -0.32 -34.89 17.24
N SER B 149 0.46 -34.67 16.17
CA SER B 149 0.07 -34.94 14.78
C SER B 149 1.11 -35.86 14.16
N THR B 150 1.00 -36.12 12.83
CA THR B 150 1.94 -37.05 12.17
C THR B 150 2.47 -36.52 10.84
N THR B 151 3.69 -36.99 10.57
CA THR B 151 4.29 -36.84 9.24
C THR B 151 4.02 -38.09 8.39
N CYS B 152 4.31 -38.00 7.09
CA CYS B 152 3.82 -38.97 6.15
C CYS B 152 4.55 -40.33 6.38
N MET B 153 5.80 -40.33 6.84
CA MET B 153 6.51 -41.59 7.16
C MET B 153 5.70 -42.36 8.21
N ALA B 154 5.24 -41.68 9.24
CA ALA B 154 4.56 -42.33 10.33
C ALA B 154 3.22 -42.90 9.85
N GLU B 155 2.55 -42.20 8.97
CA GLU B 155 1.31 -42.65 8.36
C GLU B 155 1.53 -43.86 7.46
N VAL B 156 2.58 -43.85 6.63
CA VAL B 156 2.80 -44.94 5.72
C VAL B 156 3.17 -46.22 6.53
N ILE B 157 3.98 -46.10 7.57
CA ILE B 157 4.37 -47.31 8.32
C ILE B 157 3.26 -47.71 9.26
N GLY B 158 2.25 -46.88 9.45
CA GLY B 158 1.00 -47.26 10.15
C GLY B 158 1.03 -47.15 11.67
N ASP B 159 1.83 -46.27 12.27
CA ASP B 159 1.92 -46.14 13.69
C ASP B 159 0.56 -45.76 14.29
N ASP B 160 0.16 -46.47 15.33
CA ASP B 160 -1.12 -46.22 16.01
C ASP B 160 -0.91 -45.22 17.14
N LEU B 161 -1.16 -43.93 16.86
CA LEU B 161 -0.88 -42.85 17.85
C LEU B 161 -1.55 -43.14 19.19
N ASN B 162 -2.82 -43.51 19.16
CA ASN B 162 -3.56 -43.77 20.37
C ASN B 162 -2.83 -44.81 21.22
N ALA B 163 -2.51 -45.96 20.61
CA ALA B 163 -1.86 -47.02 21.37
C ALA B 163 -0.52 -46.54 21.89
N PHE B 164 0.22 -45.79 21.06
CA PHE B 164 1.56 -45.36 21.45
C PHE B 164 1.53 -44.39 22.62
N ILE B 165 0.55 -43.48 22.60
CA ILE B 165 0.42 -42.52 23.68
C ILE B 165 -0.02 -43.24 24.96
N ASN B 166 -1.00 -44.10 24.80
CA ASN B 166 -1.48 -44.94 25.96
C ASN B 166 -0.32 -45.71 26.57
N ASN B 167 0.55 -46.29 25.73
CA ASN B 167 1.66 -47.09 26.24
C ASN B 167 2.70 -46.19 26.90
N SER B 168 2.89 -44.93 26.41
CA SER B 168 3.76 -43.99 27.05
C SER B 168 3.32 -43.67 28.49
N LYS B 169 2.00 -43.49 28.65
CA LYS B 169 1.41 -43.28 29.98
C LYS B 169 1.54 -44.56 30.84
N LYS B 170 1.22 -45.71 30.26
CA LYS B 170 1.26 -47.01 31.01
C LYS B 170 2.68 -47.21 31.57
N GLU B 171 3.71 -46.87 30.79
CA GLU B 171 5.08 -47.13 31.21
C GLU B 171 5.75 -45.97 31.93
N GLY B 172 5.03 -44.88 32.23
CA GLY B 172 5.51 -43.83 33.14
C GLY B 172 6.33 -42.72 32.44
N PHE B 173 6.33 -42.68 31.10
CA PHE B 173 7.12 -41.65 30.37
C PHE B 173 6.48 -40.26 30.49
N ILE B 174 5.16 -40.24 30.68
CA ILE B 174 4.41 -38.98 30.82
C ILE B 174 3.24 -39.29 31.75
N PRO B 175 2.84 -38.36 32.63
CA PRO B 175 1.82 -38.70 33.62
C PRO B 175 0.50 -39.12 32.97
N ASP B 176 -0.23 -40.04 33.65
CA ASP B 176 -1.51 -40.53 33.19
C ASP B 176 -2.49 -39.41 32.82
N GLU B 177 -2.53 -38.31 33.61
CA GLU B 177 -3.53 -37.28 33.40
C GLU B 177 -2.96 -36.09 32.61
N PHE B 178 -1.70 -36.18 32.13
CA PHE B 178 -1.16 -35.12 31.33
C PHE B 178 -1.84 -35.14 29.96
N PRO B 179 -2.40 -34.01 29.48
CA PRO B 179 -3.18 -34.07 28.23
C PRO B 179 -2.29 -34.25 26.98
N VAL B 180 -2.58 -35.30 26.22
CA VAL B 180 -1.88 -35.63 24.96
C VAL B 180 -2.93 -35.94 23.92
N PRO B 181 -3.73 -34.94 23.50
CA PRO B 181 -4.63 -35.13 22.36
C PRO B 181 -3.84 -35.41 21.09
N PHE B 182 -4.45 -36.10 20.15
CA PHE B 182 -3.74 -36.52 18.92
C PHE B 182 -4.68 -36.49 17.72
N ALA B 183 -4.06 -36.45 16.53
CA ALA B 183 -4.74 -36.65 15.34
C ALA B 183 -3.79 -37.20 14.29
N HIS B 184 -4.27 -38.13 13.48
CA HIS B 184 -3.59 -38.59 12.26
C HIS B 184 -3.73 -37.51 11.20
N THR B 185 -2.60 -37.07 10.60
CA THR B 185 -2.60 -35.96 9.64
C THR B 185 -1.82 -36.36 8.39
N PRO B 186 -2.31 -37.30 7.56
CA PRO B 186 -1.59 -37.72 6.37
C PRO B 186 -1.48 -36.60 5.32
N SER B 187 -0.26 -36.31 4.88
CA SER B 187 -0.01 -35.25 3.90
C SER B 187 -0.59 -35.55 2.53
N PHE B 188 -0.88 -36.83 2.26
CA PHE B 188 -1.38 -37.27 0.97
C PHE B 188 -2.92 -37.29 0.93
N VAL B 189 -3.56 -36.75 1.97
CA VAL B 189 -4.99 -36.50 1.97
C VAL B 189 -5.24 -35.00 2.20
N GLY B 190 -6.15 -34.40 1.42
CA GLY B 190 -6.51 -33.00 1.55
C GLY B 190 -5.29 -32.08 1.55
N SER B 191 -5.25 -31.20 2.55
CA SER B 191 -4.26 -30.13 2.56
C SER B 191 -4.06 -29.68 4.00
N HIS B 192 -3.30 -28.60 4.16
CA HIS B 192 -3.07 -28.03 5.47
C HIS B 192 -4.37 -27.73 6.23
N VAL B 193 -5.45 -27.31 5.57
CA VAL B 193 -6.68 -26.97 6.32
C VAL B 193 -7.32 -28.24 6.93
N THR B 194 -7.17 -29.36 6.24
CA THR B 194 -7.68 -30.67 6.68
C THR B 194 -6.96 -31.07 7.97
N GLY B 195 -5.64 -30.78 8.01
CA GLY B 195 -4.83 -31.04 9.22
C GLY B 195 -5.32 -30.22 10.39
N TRP B 196 -5.79 -28.98 10.13
CA TRP B 196 -6.33 -28.15 11.19
C TRP B 196 -7.61 -28.80 11.76
N ASP B 197 -8.54 -29.14 10.87
CA ASP B 197 -9.78 -29.82 11.25
C ASP B 197 -9.46 -31.07 12.07
N ASN B 198 -8.57 -31.90 11.52
CA ASN B 198 -8.22 -33.18 12.22
C ASN B 198 -7.72 -32.93 13.64
N MET B 199 -6.78 -31.97 13.77
CA MET B 199 -6.21 -31.66 15.03
C MET B 199 -7.25 -31.13 15.99
N PHE B 200 -8.08 -30.22 15.49
CA PHE B 200 -9.06 -29.58 16.38
C PHE B 200 -10.02 -30.67 16.90
N GLU B 201 -10.53 -31.50 16.00
CA GLU B 201 -11.49 -32.55 16.39
C GLU B 201 -10.86 -33.50 17.39
N GLY B 202 -9.57 -33.80 17.23
CA GLY B 202 -8.80 -34.61 18.18
C GLY B 202 -8.75 -33.96 19.57
N ILE B 203 -8.51 -32.64 19.65
CA ILE B 203 -8.43 -31.93 20.90
C ILE B 203 -9.82 -31.86 21.55
N ALA B 204 -10.84 -31.55 20.76
CA ALA B 204 -12.21 -31.50 21.27
C ALA B 204 -12.58 -32.88 21.83
N ARG B 205 -12.31 -33.96 21.11
CA ARG B 205 -12.67 -35.30 21.59
C ARG B 205 -11.94 -35.58 22.91
N TYR B 206 -10.65 -35.26 22.99
CA TYR B 206 -9.86 -35.54 24.15
C TYR B 206 -10.45 -34.97 25.43
N PHE B 207 -10.96 -33.75 25.37
CA PHE B 207 -11.43 -33.04 26.54
C PHE B 207 -12.92 -33.27 26.81
N THR B 208 -13.67 -33.94 25.93
CA THR B 208 -15.13 -33.95 26.11
C THR B 208 -15.79 -35.31 25.93
N LEU B 209 -15.22 -36.23 25.15
CA LEU B 209 -15.98 -37.40 24.80
C LEU B 209 -16.43 -38.18 26.06
N LYS B 210 -15.54 -38.35 27.03
CA LYS B 210 -15.81 -39.30 28.11
C LYS B 210 -16.57 -38.61 29.25
N SER B 211 -16.81 -37.32 29.15
CA SER B 211 -17.39 -36.56 30.24
C SER B 211 -18.77 -35.98 29.84
N MET B 212 -19.44 -36.50 28.81
CA MET B 212 -20.61 -35.87 28.29
C MET B 212 -21.84 -35.97 29.25
N ASP B 213 -21.85 -36.91 30.20
N ASP B 213 -21.83 -36.94 30.16
CA ASP B 213 -23.08 -37.19 30.99
CA ASP B 213 -23.02 -37.21 31.02
C ASP B 213 -23.43 -36.07 31.98
C ASP B 213 -23.47 -35.94 31.76
N ASP B 214 -22.55 -35.11 32.26
CA ASP B 214 -22.92 -33.98 33.13
C ASP B 214 -23.18 -32.68 32.33
N LYS B 215 -23.06 -32.74 31.01
CA LYS B 215 -23.15 -31.52 30.19
C LYS B 215 -24.60 -31.18 29.85
N VAL B 216 -24.91 -29.89 29.87
CA VAL B 216 -26.24 -29.41 29.46
C VAL B 216 -26.06 -28.26 28.47
N VAL B 217 -26.63 -28.43 27.27
CA VAL B 217 -26.53 -27.45 26.20
C VAL B 217 -27.13 -26.12 26.71
N GLY B 218 -26.32 -25.06 26.66
CA GLY B 218 -26.75 -23.70 26.99
C GLY B 218 -26.48 -23.32 28.43
N SER B 219 -26.03 -24.25 29.26
CA SER B 219 -25.86 -23.99 30.66
C SER B 219 -24.77 -22.97 30.99
N ASN B 220 -23.80 -22.71 30.08
CA ASN B 220 -22.77 -21.75 30.41
C ASN B 220 -23.02 -20.40 29.74
N LYS B 221 -24.09 -20.29 28.96
CA LYS B 221 -24.59 -19.02 28.41
C LYS B 221 -23.56 -18.42 27.41
N LYS B 222 -22.66 -19.27 26.89
CA LYS B 222 -21.65 -18.78 25.93
C LYS B 222 -21.89 -19.36 24.55
N ILE B 223 -21.22 -18.79 23.53
CA ILE B 223 -21.15 -19.37 22.22
C ILE B 223 -19.70 -19.77 21.96
N ASN B 224 -19.49 -21.00 21.51
CA ASN B 224 -18.16 -21.36 21.08
C ASN B 224 -17.90 -20.83 19.67
N ILE B 225 -16.64 -20.43 19.44
CA ILE B 225 -16.22 -19.96 18.07
C ILE B 225 -15.01 -20.79 17.69
N VAL B 226 -15.05 -21.43 16.51
CA VAL B 226 -13.94 -22.22 15.98
C VAL B 226 -13.41 -21.52 14.73
N PRO B 227 -12.19 -20.96 14.79
CA PRO B 227 -11.76 -20.10 13.69
C PRO B 227 -11.24 -20.80 12.44
N GLY B 228 -10.80 -22.05 12.55
CA GLY B 228 -10.10 -22.73 11.53
C GLY B 228 -8.74 -22.11 11.31
N PHE B 229 -8.10 -22.56 10.23
CA PHE B 229 -6.77 -22.19 9.84
C PHE B 229 -6.82 -20.71 9.46
N GLU B 230 -6.12 -19.89 10.25
CA GLU B 230 -6.22 -18.44 10.18
C GLU B 230 -4.86 -17.82 10.43
N THR B 231 -4.41 -16.98 9.50
CA THR B 231 -3.03 -16.44 9.54
C THR B 231 -2.99 -14.92 9.53
N TYR B 232 -4.14 -14.29 9.73
CA TYR B 232 -4.22 -12.88 10.04
C TYR B 232 -4.55 -12.66 11.51
N LEU B 233 -3.66 -12.01 12.24
CA LEU B 233 -3.90 -11.72 13.69
C LEU B 233 -5.17 -10.89 13.83
N GLY B 234 -5.46 -10.00 12.87
CA GLY B 234 -6.62 -9.11 12.97
C GLY B 234 -7.93 -9.89 12.97
N ASN B 235 -7.92 -11.11 12.41
CA ASN B 235 -9.13 -11.92 12.28
C ASN B 235 -9.47 -12.50 13.64
N PHE B 236 -8.52 -12.97 14.43
CA PHE B 236 -8.87 -13.42 15.76
C PHE B 236 -9.38 -12.23 16.55
N ARG B 237 -8.69 -11.10 16.43
CA ARG B 237 -8.95 -9.94 17.22
C ARG B 237 -10.34 -9.36 16.91
N VAL B 238 -10.71 -9.29 15.64
CA VAL B 238 -11.99 -8.61 15.28
C VAL B 238 -13.19 -9.43 15.78
N ILE B 239 -13.07 -10.76 15.77
CA ILE B 239 -14.18 -11.63 16.20
C ILE B 239 -14.38 -11.40 17.71
N LYS B 240 -13.29 -11.41 18.45
CA LYS B 240 -13.33 -11.19 19.90
C LYS B 240 -13.87 -9.79 20.21
N ARG B 241 -13.47 -8.81 19.40
CA ARG B 241 -13.89 -7.44 19.63
C ARG B 241 -15.38 -7.29 19.38
N MET B 242 -15.89 -7.89 18.31
CA MET B 242 -17.30 -7.71 17.95
C MET B 242 -18.16 -8.42 19.01
N LEU B 243 -17.76 -9.63 19.41
CA LEU B 243 -18.58 -10.34 20.39
C LEU B 243 -18.53 -9.57 21.70
N SER B 244 -17.37 -9.04 22.07
CA SER B 244 -17.30 -8.29 23.35
C SER B 244 -18.20 -7.04 23.30
N GLU B 245 -18.23 -6.35 22.16
CA GLU B 245 -19.04 -5.11 21.96
C GLU B 245 -20.53 -5.42 22.09
N MET B 246 -20.91 -6.65 21.73
CA MET B 246 -22.32 -7.12 21.74
C MET B 246 -22.69 -7.63 23.13
N GLY B 247 -21.69 -7.78 24.01
CA GLY B 247 -21.95 -8.39 25.34
C GLY B 247 -22.28 -9.87 25.26
N VAL B 248 -21.70 -10.55 24.28
CA VAL B 248 -21.93 -11.98 24.07
C VAL B 248 -20.83 -12.76 24.76
N GLY B 249 -21.23 -13.70 25.60
CA GLY B 249 -20.30 -14.60 26.20
C GLY B 249 -19.82 -15.59 25.15
N TYR B 250 -18.50 -15.79 25.12
CA TYR B 250 -17.97 -16.65 24.04
C TYR B 250 -16.70 -17.33 24.51
N SER B 251 -16.32 -18.40 23.80
N SER B 251 -16.31 -18.36 23.76
CA SER B 251 -15.05 -19.04 23.97
CA SER B 251 -15.09 -19.09 23.95
C SER B 251 -14.45 -19.26 22.59
C SER B 251 -14.45 -19.28 22.57
N LEU B 252 -13.29 -18.67 22.33
CA LEU B 252 -12.61 -18.83 21.06
C LEU B 252 -11.72 -20.06 21.23
N LEU B 253 -12.04 -21.10 20.49
CA LEU B 253 -11.34 -22.41 20.63
C LEU B 253 -10.30 -22.53 19.53
N SER B 254 -9.05 -22.43 19.97
CA SER B 254 -7.82 -22.27 19.24
C SER B 254 -7.60 -20.79 18.95
N ASP B 255 -6.72 -20.15 19.74
CA ASP B 255 -6.55 -18.70 19.72
C ASP B 255 -5.08 -18.39 19.88
N PRO B 256 -4.33 -18.41 18.75
CA PRO B 256 -2.90 -18.18 18.79
C PRO B 256 -2.51 -16.70 18.71
N GLU B 257 -3.45 -15.76 18.89
CA GLU B 257 -3.06 -14.38 18.56
C GLU B 257 -2.03 -13.85 19.55
N GLU B 258 -2.00 -14.30 20.82
CA GLU B 258 -0.98 -13.81 21.70
C GLU B 258 0.40 -14.43 21.41
N VAL B 259 0.46 -15.75 21.17
CA VAL B 259 1.74 -16.42 20.98
C VAL B 259 2.39 -16.07 19.63
N LEU B 260 1.60 -15.52 18.70
CA LEU B 260 2.11 -15.08 17.42
C LEU B 260 2.33 -13.55 17.41
N ASP B 261 2.38 -12.93 18.59
CA ASP B 261 2.56 -11.46 18.66
C ASP B 261 3.10 -11.04 20.03
N THR B 262 4.11 -11.74 20.52
CA THR B 262 4.72 -11.36 21.79
C THR B 262 5.56 -10.11 21.63
N PRO B 263 5.62 -9.26 22.69
CA PRO B 263 6.43 -8.05 22.64
C PRO B 263 7.91 -8.38 22.65
N ALA B 264 8.71 -7.51 22.05
CA ALA B 264 10.18 -7.55 22.18
C ALA B 264 10.62 -6.68 23.35
N ASP B 265 10.62 -7.28 24.55
CA ASP B 265 10.88 -6.54 25.78
C ASP B 265 12.04 -7.13 26.59
N GLY B 266 12.87 -7.97 26.00
CA GLY B 266 14.05 -8.48 26.65
C GLY B 266 13.92 -9.93 27.05
N GLN B 267 12.73 -10.51 26.89
CA GLN B 267 12.54 -11.95 27.19
C GLN B 267 11.79 -12.63 26.04
N PHE B 268 12.20 -13.87 25.78
CA PHE B 268 11.49 -14.76 24.90
C PHE B 268 10.44 -15.52 25.71
N ARG B 269 9.19 -15.48 25.23
CA ARG B 269 8.04 -16.19 25.80
C ARG B 269 7.64 -17.32 24.85
N MET B 270 8.01 -18.56 25.20
CA MET B 270 7.66 -19.69 24.32
C MET B 270 6.16 -19.83 24.16
N TYR B 271 5.39 -19.57 25.24
CA TYR B 271 3.94 -19.68 25.26
C TYR B 271 3.37 -18.32 25.67
N ALA B 272 2.20 -18.00 25.12
CA ALA B 272 1.41 -16.84 25.57
C ALA B 272 -0.04 -17.04 25.23
N GLY B 273 -0.94 -16.69 26.14
CA GLY B 273 -2.36 -16.71 25.84
C GLY B 273 -2.90 -18.09 25.48
N GLY B 274 -3.86 -18.12 24.57
CA GLY B 274 -4.43 -19.40 24.10
C GLY B 274 -5.65 -19.85 24.87
N THR B 275 -6.39 -20.75 24.21
CA THR B 275 -7.56 -21.37 24.74
C THR B 275 -7.16 -22.23 25.95
N THR B 276 -7.89 -22.13 27.05
CA THR B 276 -7.54 -22.92 28.22
C THR B 276 -8.17 -24.32 28.16
N GLN B 277 -7.56 -25.23 28.92
CA GLN B 277 -8.11 -26.57 29.08
C GLN B 277 -9.53 -26.46 29.69
N GLU B 278 -9.72 -25.53 30.63
CA GLU B 278 -11.00 -25.32 31.27
C GLU B 278 -12.04 -24.96 30.18
N GLU B 279 -11.67 -24.09 29.22
CA GLU B 279 -12.60 -23.72 28.16
C GLU B 279 -12.99 -24.92 27.31
N MET B 280 -12.02 -25.79 26.95
CA MET B 280 -12.33 -26.91 26.11
C MET B 280 -13.20 -27.92 26.88
N LYS B 281 -12.89 -28.12 28.18
CA LYS B 281 -13.74 -29.06 28.97
C LYS B 281 -15.18 -28.57 29.10
N ASP B 282 -15.37 -27.25 29.15
CA ASP B 282 -16.69 -26.67 29.40
C ASP B 282 -17.46 -26.40 28.11
N ALA B 283 -16.79 -26.57 26.94
CA ALA B 283 -17.36 -26.19 25.66
C ALA B 283 -18.71 -26.83 25.38
N PRO B 284 -19.00 -28.11 25.75
CA PRO B 284 -20.30 -28.68 25.43
C PRO B 284 -21.46 -27.99 26.17
N ASN B 285 -21.12 -27.22 27.19
CA ASN B 285 -22.14 -26.46 27.94
C ASN B 285 -22.54 -25.15 27.23
N ALA B 286 -21.91 -24.83 26.10
CA ALA B 286 -22.31 -23.61 25.42
C ALA B 286 -23.71 -23.74 24.80
N LEU B 287 -24.28 -22.57 24.45
CA LEU B 287 -25.52 -22.53 23.73
C LEU B 287 -25.42 -23.20 22.38
N ASN B 288 -24.25 -23.01 21.72
CA ASN B 288 -24.07 -23.45 20.38
C ASN B 288 -22.57 -23.23 20.05
N THR B 289 -22.20 -23.68 18.87
CA THR B 289 -20.86 -23.58 18.32
C THR B 289 -20.99 -23.03 16.91
N VAL B 290 -20.25 -21.96 16.65
CA VAL B 290 -20.16 -21.34 15.32
C VAL B 290 -18.79 -21.63 14.71
N LEU B 291 -18.84 -22.14 13.48
CA LEU B 291 -17.63 -22.45 12.69
C LEU B 291 -17.38 -21.26 11.74
N LEU B 292 -16.24 -20.59 11.89
CA LEU B 292 -15.95 -19.45 11.03
C LEU B 292 -15.59 -19.85 9.60
N GLN B 293 -15.02 -21.04 9.39
CA GLN B 293 -14.54 -21.48 8.11
C GLN B 293 -15.08 -22.88 7.87
N PRO B 294 -16.39 -22.98 7.60
CA PRO B 294 -17.03 -24.30 7.60
C PRO B 294 -16.54 -25.27 6.53
N TRP B 295 -16.04 -24.76 5.40
CA TRP B 295 -15.60 -25.61 4.37
C TRP B 295 -14.29 -26.36 4.67
N HIS B 296 -13.64 -26.10 5.78
CA HIS B 296 -12.59 -27.03 6.24
C HIS B 296 -12.80 -27.48 7.67
N LEU B 297 -14.03 -27.39 8.18
CA LEU B 297 -14.29 -27.82 9.55
C LEU B 297 -15.38 -28.92 9.54
N GLU B 298 -15.46 -29.70 8.47
CA GLU B 298 -16.52 -30.73 8.36
C GLU B 298 -16.40 -31.84 9.41
N LYS B 299 -15.19 -32.29 9.72
N LYS B 299 -15.18 -32.30 9.71
CA LYS B 299 -15.04 -33.30 10.77
CA LYS B 299 -15.01 -33.32 10.77
C LYS B 299 -15.39 -32.75 12.14
C LYS B 299 -15.38 -32.76 12.15
N THR B 300 -14.89 -31.54 12.46
CA THR B 300 -15.22 -30.83 13.69
C THR B 300 -16.76 -30.72 13.80
N LYS B 301 -17.42 -30.32 12.70
CA LYS B 301 -18.87 -30.09 12.72
C LYS B 301 -19.57 -31.40 13.10
N LYS B 302 -19.15 -32.49 12.48
CA LYS B 302 -19.79 -33.80 12.81
C LYS B 302 -19.65 -34.11 14.29
N PHE B 303 -18.49 -33.87 14.88
CA PHE B 303 -18.29 -34.13 16.30
C PHE B 303 -19.13 -33.20 17.16
N VAL B 304 -19.11 -31.90 16.87
CA VAL B 304 -19.85 -30.95 17.66
C VAL B 304 -21.36 -31.25 17.62
N GLU B 305 -21.86 -31.60 16.45
CA GLU B 305 -23.33 -31.92 16.29
C GLU B 305 -23.63 -33.28 16.91
N GLY B 306 -22.82 -34.30 16.64
CA GLY B 306 -23.09 -35.70 17.05
C GLY B 306 -22.86 -35.92 18.54
N THR B 307 -21.85 -35.29 19.10
CA THR B 307 -21.47 -35.51 20.48
C THR B 307 -21.93 -34.36 21.37
N TRP B 308 -21.63 -33.10 21.04
CA TRP B 308 -22.06 -32.01 21.91
C TRP B 308 -23.55 -31.70 21.73
N LYS B 309 -24.17 -32.18 20.67
CA LYS B 309 -25.57 -31.94 20.34
C LYS B 309 -25.83 -30.46 20.10
N HIS B 310 -24.84 -29.73 19.57
CA HIS B 310 -25.07 -28.32 19.21
C HIS B 310 -25.65 -28.24 17.81
N GLU B 311 -26.59 -27.33 17.62
CA GLU B 311 -27.22 -27.21 16.31
C GLU B 311 -26.45 -26.16 15.50
N VAL B 312 -25.28 -26.56 14.98
CA VAL B 312 -24.34 -25.65 14.41
C VAL B 312 -25.03 -24.90 13.28
N PRO B 313 -25.05 -23.55 13.32
CA PRO B 313 -25.77 -22.79 12.29
C PRO B 313 -25.08 -22.87 10.93
N LYS B 314 -25.88 -22.78 9.88
CA LYS B 314 -25.39 -22.76 8.52
C LYS B 314 -25.02 -21.32 8.17
N LEU B 315 -23.77 -20.99 8.46
CA LEU B 315 -23.24 -19.61 8.28
C LEU B 315 -22.01 -19.69 7.39
N ASN B 316 -21.94 -18.76 6.45
CA ASN B 316 -20.72 -18.56 5.64
C ASN B 316 -19.70 -17.84 6.54
N ILE B 317 -18.42 -17.89 6.08
CA ILE B 317 -17.35 -17.10 6.69
C ILE B 317 -17.84 -15.67 6.79
N PRO B 318 -17.60 -14.95 7.92
CA PRO B 318 -18.08 -13.56 8.03
C PRO B 318 -17.13 -12.59 7.30
N MET B 319 -17.25 -12.59 5.98
CA MET B 319 -16.48 -11.71 5.10
C MET B 319 -17.46 -10.91 4.25
N GLY B 320 -17.17 -9.63 4.07
CA GLY B 320 -18.02 -8.75 3.33
C GLY B 320 -19.22 -8.33 4.13
N LEU B 321 -20.12 -7.60 3.47
CA LEU B 321 -21.21 -6.94 4.15
C LEU B 321 -22.29 -7.96 4.51
N ASP B 322 -22.82 -8.69 3.54
CA ASP B 322 -24.00 -9.57 3.79
C ASP B 322 -23.66 -10.69 4.79
N TRP B 323 -22.48 -11.29 4.66
CA TRP B 323 -22.14 -12.40 5.51
C TRP B 323 -21.75 -11.97 6.92
N THR B 324 -21.23 -10.73 7.08
CA THR B 324 -20.98 -10.20 8.41
C THR B 324 -22.33 -9.90 9.05
N ASP B 325 -23.25 -9.34 8.25
CA ASP B 325 -24.62 -9.07 8.80
C ASP B 325 -25.23 -10.41 9.27
N GLU B 326 -25.12 -11.45 8.44
CA GLU B 326 -25.74 -12.76 8.77
C GLU B 326 -25.14 -13.33 10.06
N PHE B 327 -23.80 -13.24 10.20
CA PHE B 327 -23.14 -13.71 11.37
C PHE B 327 -23.65 -12.99 12.62
N LEU B 328 -23.75 -11.66 12.59
CA LEU B 328 -24.15 -10.89 13.74
C LEU B 328 -25.62 -11.19 14.07
N MET B 329 -26.45 -11.40 13.07
CA MET B 329 -27.86 -11.64 13.34
C MET B 329 -28.02 -13.03 13.98
N LYS B 330 -27.22 -13.99 13.53
CA LYS B 330 -27.30 -15.33 14.10
C LYS B 330 -26.77 -15.33 15.53
N VAL B 331 -25.67 -14.65 15.80
CA VAL B 331 -25.15 -14.54 17.13
C VAL B 331 -26.17 -13.87 18.03
N SER B 332 -26.82 -12.82 17.53
CA SER B 332 -27.88 -12.13 18.28
C SER B 332 -29.00 -13.10 18.66
N GLU B 333 -29.42 -13.93 17.69
CA GLU B 333 -30.50 -14.92 17.87
C GLU B 333 -30.11 -15.93 18.96
N ILE B 334 -28.90 -16.47 18.86
CA ILE B 334 -28.45 -17.48 19.81
C ILE B 334 -28.31 -16.90 21.22
N SER B 335 -27.70 -15.72 21.36
CA SER B 335 -27.24 -15.19 22.63
C SER B 335 -28.36 -14.42 23.33
N GLY B 336 -29.31 -13.94 22.52
CA GLY B 336 -30.36 -12.99 22.97
C GLY B 336 -29.87 -11.56 23.13
N GLN B 337 -28.64 -11.26 22.69
CA GLN B 337 -28.09 -9.92 22.81
C GLN B 337 -28.40 -9.15 21.54
N PRO B 338 -28.85 -7.88 21.62
CA PRO B 338 -29.13 -7.12 20.41
C PRO B 338 -27.77 -6.73 19.77
N ILE B 339 -27.84 -6.49 18.45
CA ILE B 339 -26.71 -5.84 17.80
C ILE B 339 -26.61 -4.39 18.29
N PRO B 340 -25.48 -3.99 18.89
CA PRO B 340 -25.36 -2.67 19.50
C PRO B 340 -25.12 -1.55 18.49
N ALA B 341 -25.36 -0.34 18.95
CA ALA B 341 -25.17 0.89 18.19
C ALA B 341 -23.77 0.97 17.55
N SER B 342 -22.73 0.53 18.27
CA SER B 342 -21.36 0.64 17.80
C SER B 342 -21.19 -0.17 16.50
N LEU B 343 -21.77 -1.37 16.44
CA LEU B 343 -21.58 -2.23 15.26
C LEU B 343 -22.48 -1.72 14.12
N THR B 344 -23.69 -1.22 14.40
CA THR B 344 -24.53 -0.61 13.39
C THR B 344 -23.82 0.56 12.71
N LYS B 345 -23.17 1.38 13.52
CA LYS B 345 -22.42 2.52 12.99
C LYS B 345 -21.24 2.04 12.12
N GLU B 346 -20.49 1.04 12.63
CA GLU B 346 -19.35 0.49 11.86
C GLU B 346 -19.80 -0.01 10.50
N ARG B 347 -20.93 -0.70 10.49
CA ARG B 347 -21.50 -1.22 9.25
C ARG B 347 -21.80 -0.08 8.29
N GLY B 348 -22.38 1.02 8.79
CA GLY B 348 -22.71 2.15 7.93
C GLY B 348 -21.50 2.92 7.44
N ARG B 349 -20.41 2.86 8.23
CA ARG B 349 -19.14 3.44 7.77
C ARG B 349 -18.59 2.60 6.61
N LEU B 350 -18.66 1.27 6.67
CA LEU B 350 -18.28 0.44 5.51
C LEU B 350 -19.13 0.80 4.30
N VAL B 351 -20.46 0.91 4.49
CA VAL B 351 -21.30 1.23 3.37
C VAL B 351 -20.92 2.59 2.79
N ASP B 352 -20.59 3.55 3.67
CA ASP B 352 -20.13 4.84 3.22
C ASP B 352 -18.90 4.71 2.32
N MET B 353 -17.93 3.92 2.77
CA MET B 353 -16.73 3.70 1.98
C MET B 353 -17.05 3.08 0.63
N MET B 354 -17.99 2.13 0.60
CA MET B 354 -18.44 1.53 -0.64
C MET B 354 -19.00 2.60 -1.57
N THR B 355 -19.83 3.50 -1.06
CA THR B 355 -20.42 4.53 -1.92
C THR B 355 -19.30 5.46 -2.44
N ASP B 356 -18.35 5.73 -1.60
CA ASP B 356 -17.25 6.65 -1.95
C ASP B 356 -16.34 6.10 -3.05
N SER B 357 -16.10 4.76 -3.06
CA SER B 357 -15.08 4.14 -3.87
C SER B 357 -15.67 3.36 -5.07
N HIS B 358 -17.02 3.33 -5.21
CA HIS B 358 -17.64 2.43 -6.17
C HIS B 358 -17.22 2.70 -7.61
N THR B 359 -16.95 3.98 -7.96
CA THR B 359 -16.72 4.25 -9.37
C THR B 359 -15.40 3.67 -9.84
N TRP B 360 -14.40 3.55 -8.97
CA TRP B 360 -13.15 3.02 -9.38
C TRP B 360 -13.14 1.48 -9.33
N LEU B 361 -13.98 0.90 -8.48
CA LEU B 361 -14.04 -0.56 -8.35
C LEU B 361 -14.89 -1.17 -9.46
N HIS B 362 -15.85 -0.42 -9.98
CA HIS B 362 -16.84 -0.99 -10.84
C HIS B 362 -16.25 -1.68 -12.05
N GLY B 363 -16.62 -2.95 -12.23
CA GLY B 363 -16.21 -3.68 -13.41
C GLY B 363 -14.78 -4.17 -13.40
N LYS B 364 -14.02 -3.92 -12.35
CA LYS B 364 -12.66 -4.37 -12.32
C LYS B 364 -12.63 -5.91 -12.24
N ARG B 365 -11.68 -6.48 -12.95
CA ARG B 365 -11.60 -7.91 -13.17
C ARG B 365 -10.42 -8.48 -12.35
N PHE B 366 -10.69 -9.55 -11.59
CA PHE B 366 -9.70 -10.13 -10.71
C PHE B 366 -9.54 -11.63 -10.94
N ALA B 367 -8.30 -12.06 -10.85
CA ALA B 367 -7.95 -13.49 -10.63
C ALA B 367 -7.60 -13.62 -9.16
N LEU B 368 -7.94 -14.71 -8.50
CA LEU B 368 -7.71 -14.83 -7.10
C LEU B 368 -7.63 -16.29 -6.71
N TRP B 369 -6.91 -16.56 -5.63
CA TRP B 369 -6.75 -17.94 -5.10
C TRP B 369 -6.55 -17.92 -3.60
N GLY B 370 -6.65 -19.10 -2.99
CA GLY B 370 -6.52 -19.24 -1.58
C GLY B 370 -7.24 -20.48 -1.13
N ASP B 371 -7.50 -20.51 0.17
CA ASP B 371 -8.23 -21.66 0.76
C ASP B 371 -9.72 -21.41 0.55
N PRO B 372 -10.54 -22.48 0.59
CA PRO B 372 -11.95 -22.40 0.15
C PRO B 372 -12.80 -21.30 0.79
N ASP B 373 -12.77 -21.20 2.12
CA ASP B 373 -13.62 -20.25 2.77
C ASP B 373 -13.15 -18.84 2.47
N PHE B 374 -11.83 -18.60 2.57
CA PHE B 374 -11.31 -17.27 2.23
C PHE B 374 -11.68 -16.87 0.80
N VAL B 375 -11.51 -17.79 -0.15
CA VAL B 375 -11.80 -17.51 -1.52
C VAL B 375 -13.30 -17.20 -1.70
N MET B 376 -14.19 -17.98 -1.10
CA MET B 376 -15.64 -17.74 -1.29
C MET B 376 -16.01 -16.36 -0.73
N GLY B 377 -15.41 -15.97 0.42
CA GLY B 377 -15.71 -14.70 1.04
C GLY B 377 -15.19 -13.56 0.22
N LEU B 378 -14.01 -13.74 -0.37
CA LEU B 378 -13.46 -12.71 -1.23
C LEU B 378 -14.32 -12.55 -2.48
N VAL B 379 -14.76 -13.66 -3.07
CA VAL B 379 -15.66 -13.62 -4.26
C VAL B 379 -16.93 -12.86 -3.89
N LYS B 380 -17.55 -13.18 -2.72
CA LYS B 380 -18.78 -12.56 -2.33
C LYS B 380 -18.61 -11.03 -2.19
N PHE B 381 -17.55 -10.62 -1.48
CA PHE B 381 -17.32 -9.19 -1.27
C PHE B 381 -16.99 -8.51 -2.60
N LEU B 382 -16.25 -9.14 -3.49
CA LEU B 382 -15.99 -8.51 -4.79
C LEU B 382 -17.31 -8.27 -5.53
N LEU B 383 -18.20 -9.27 -5.48
CA LEU B 383 -19.54 -9.02 -6.14
C LEU B 383 -20.28 -7.85 -5.49
N GLU B 384 -20.22 -7.74 -4.16
CA GLU B 384 -20.83 -6.63 -3.42
C GLU B 384 -20.25 -5.28 -3.84
N LEU B 385 -18.98 -5.27 -4.25
CA LEU B 385 -18.27 -4.03 -4.68
C LEU B 385 -18.53 -3.72 -6.17
N GLY B 386 -19.24 -4.58 -6.89
CA GLY B 386 -19.44 -4.43 -8.30
C GLY B 386 -18.21 -4.77 -9.12
N CYS B 387 -17.35 -5.63 -8.59
CA CYS B 387 -16.20 -6.15 -9.29
C CYS B 387 -16.53 -7.52 -9.90
N GLU B 388 -15.70 -7.95 -10.84
CA GLU B 388 -15.88 -9.23 -11.56
C GLU B 388 -14.76 -10.19 -11.21
N PRO B 389 -15.01 -11.20 -10.37
CA PRO B 389 -14.01 -12.23 -10.10
C PRO B 389 -14.09 -12.93 -11.47
N VAL B 390 -13.01 -13.07 -12.18
CA VAL B 390 -13.17 -13.82 -13.40
C VAL B 390 -12.49 -15.18 -13.28
N HIS B 391 -11.34 -15.27 -12.63
CA HIS B 391 -10.62 -16.53 -12.42
C HIS B 391 -10.52 -16.77 -10.91
N ILE B 392 -11.23 -17.80 -10.46
CA ILE B 392 -11.35 -18.15 -9.07
C ILE B 392 -10.71 -19.51 -8.92
N LEU B 393 -9.58 -19.58 -8.24
CA LEU B 393 -8.81 -20.83 -8.16
C LEU B 393 -8.68 -21.26 -6.70
N CYS B 394 -9.02 -22.51 -6.43
CA CYS B 394 -8.84 -23.09 -5.15
C CYS B 394 -8.27 -24.48 -5.32
N HIS B 395 -6.95 -24.56 -5.16
CA HIS B 395 -6.24 -25.80 -5.44
C HIS B 395 -6.82 -26.90 -4.57
N ASN B 396 -7.09 -26.59 -3.30
CA ASN B 396 -7.57 -27.55 -2.34
C ASN B 396 -9.09 -27.50 -2.18
N GLY B 397 -9.81 -27.09 -3.22
CA GLY B 397 -11.28 -27.02 -3.18
C GLY B 397 -11.88 -28.35 -3.59
N ASN B 398 -13.16 -28.50 -3.38
CA ASN B 398 -13.84 -29.72 -3.77
C ASN B 398 -15.08 -29.36 -4.56
N LYS B 399 -15.72 -30.42 -5.09
CA LYS B 399 -16.86 -30.28 -5.95
C LYS B 399 -18.05 -29.60 -5.30
N ARG B 400 -18.37 -29.95 -4.04
CA ARG B 400 -19.48 -29.40 -3.33
C ARG B 400 -19.26 -27.88 -3.15
N TRP B 401 -18.01 -27.56 -2.76
CA TRP B 401 -17.65 -26.14 -2.58
C TRP B 401 -17.83 -25.36 -3.88
N LYS B 402 -17.34 -25.95 -4.98
CA LYS B 402 -17.40 -25.29 -6.28
C LYS B 402 -18.85 -25.04 -6.67
N LYS B 403 -19.72 -26.01 -6.39
CA LYS B 403 -21.16 -25.78 -6.64
C LYS B 403 -21.70 -24.60 -5.83
N ALA B 404 -21.28 -24.48 -4.59
CA ALA B 404 -21.67 -23.37 -3.71
C ALA B 404 -21.20 -22.04 -4.28
N VAL B 405 -19.95 -21.98 -4.75
CA VAL B 405 -19.45 -20.74 -5.27
C VAL B 405 -20.16 -20.41 -6.60
N ASP B 406 -20.38 -21.40 -7.44
CA ASP B 406 -21.13 -21.22 -8.71
C ASP B 406 -22.52 -20.65 -8.39
N ALA B 407 -23.12 -21.03 -7.26
CA ALA B 407 -24.44 -20.47 -6.85
C ALA B 407 -24.36 -18.99 -6.47
N ILE B 408 -23.29 -18.63 -5.77
CA ILE B 408 -23.05 -17.25 -5.39
C ILE B 408 -22.85 -16.43 -6.66
N LEU B 409 -22.13 -16.97 -7.65
CA LEU B 409 -21.87 -16.22 -8.86
C LEU B 409 -23.23 -15.98 -9.55
N ALA B 410 -24.11 -16.98 -9.49
CA ALA B 410 -25.43 -16.89 -10.18
C ALA B 410 -26.37 -15.86 -9.57
N ALA B 411 -26.18 -15.49 -8.31
CA ALA B 411 -27.07 -14.55 -7.65
C ALA B 411 -26.69 -13.11 -8.00
N SER B 412 -25.64 -12.91 -8.84
CA SER B 412 -25.12 -11.59 -9.17
C SER B 412 -24.79 -11.46 -10.66
N PRO B 413 -25.23 -10.36 -11.30
CA PRO B 413 -24.80 -10.04 -12.64
C PRO B 413 -23.28 -9.89 -12.76
N TYR B 414 -22.60 -9.63 -11.63
CA TYR B 414 -21.15 -9.44 -11.67
C TYR B 414 -20.41 -10.78 -11.71
N GLY B 415 -21.16 -11.88 -11.62
CA GLY B 415 -20.60 -13.23 -11.69
C GLY B 415 -20.56 -13.83 -13.09
N LYS B 416 -21.05 -13.10 -14.11
CA LYS B 416 -21.38 -13.67 -15.41
C LYS B 416 -20.13 -14.14 -16.16
N ASN B 417 -18.97 -13.56 -15.92
CA ASN B 417 -17.77 -13.86 -16.70
C ASN B 417 -16.77 -14.69 -15.86
N ALA B 418 -17.27 -15.24 -14.75
CA ALA B 418 -16.40 -15.91 -13.75
C ALA B 418 -16.42 -17.44 -13.94
N THR B 419 -15.26 -18.05 -13.69
CA THR B 419 -15.14 -19.51 -13.65
C THR B 419 -14.40 -19.89 -12.38
N VAL B 420 -14.88 -20.97 -11.73
CA VAL B 420 -14.27 -21.54 -10.56
C VAL B 420 -13.46 -22.76 -10.97
N TYR B 421 -12.25 -22.84 -10.48
CA TYR B 421 -11.31 -23.94 -10.77
C TYR B 421 -10.93 -24.63 -9.46
N ILE B 422 -11.03 -25.96 -9.44
CA ILE B 422 -10.56 -26.73 -8.32
C ILE B 422 -9.50 -27.72 -8.79
N GLY B 423 -8.49 -28.00 -7.94
CA GLY B 423 -7.48 -28.95 -8.32
C GLY B 423 -6.42 -28.39 -9.28
N LYS B 424 -6.52 -27.11 -9.59
CA LYS B 424 -5.60 -26.44 -10.48
C LYS B 424 -4.60 -25.59 -9.66
N ASP B 425 -3.42 -25.39 -10.24
CA ASP B 425 -2.32 -24.73 -9.56
C ASP B 425 -2.00 -23.37 -10.18
N LEU B 426 -0.93 -22.75 -9.68
CA LEU B 426 -0.55 -21.41 -10.14
C LEU B 426 0.08 -21.41 -11.52
N TRP B 427 0.53 -22.57 -12.03
CA TRP B 427 0.93 -22.61 -13.41
C TRP B 427 -0.30 -22.63 -14.33
N HIS B 428 -1.40 -23.25 -13.89
CA HIS B 428 -2.68 -23.11 -14.60
C HIS B 428 -3.10 -21.64 -14.56
N LEU B 429 -3.08 -21.05 -13.34
CA LEU B 429 -3.56 -19.65 -13.20
C LEU B 429 -2.73 -18.73 -14.10
N ARG B 430 -1.42 -18.96 -14.20
CA ARG B 430 -0.58 -18.20 -15.10
C ARG B 430 -1.13 -18.16 -16.54
N SER B 431 -1.56 -19.32 -17.06
CA SER B 431 -2.12 -19.35 -18.41
C SER B 431 -3.37 -18.45 -18.49
N LEU B 432 -4.26 -18.57 -17.50
CA LEU B 432 -5.52 -17.82 -17.51
C LEU B 432 -5.25 -16.32 -17.54
N VAL B 433 -4.23 -15.85 -16.83
CA VAL B 433 -4.04 -14.42 -16.77
C VAL B 433 -3.37 -13.87 -18.02
N PHE B 434 -2.84 -14.76 -18.87
CA PHE B 434 -2.35 -14.39 -20.22
C PHE B 434 -3.49 -14.49 -21.23
N THR B 435 -4.31 -15.53 -21.16
CA THR B 435 -5.29 -15.76 -22.20
C THR B 435 -6.56 -14.93 -22.01
N ASP B 436 -6.91 -14.62 -20.76
CA ASP B 436 -8.09 -13.84 -20.41
C ASP B 436 -7.69 -12.88 -19.30
N LYS B 437 -6.92 -11.88 -19.72
CA LYS B 437 -6.20 -11.05 -18.80
C LYS B 437 -7.18 -10.28 -17.91
N PRO B 438 -7.01 -10.38 -16.59
CA PRO B 438 -7.73 -9.54 -15.63
C PRO B 438 -6.95 -8.24 -15.38
N ASP B 439 -7.51 -7.38 -14.55
CA ASP B 439 -6.85 -6.14 -14.12
C ASP B 439 -5.80 -6.41 -13.05
N PHE B 440 -6.15 -7.29 -12.09
CA PHE B 440 -5.28 -7.57 -10.96
C PHE B 440 -5.41 -9.04 -10.56
N MET B 441 -4.41 -9.51 -9.80
CA MET B 441 -4.52 -10.80 -9.07
C MET B 441 -4.60 -10.46 -7.58
N ILE B 442 -5.42 -11.21 -6.86
CA ILE B 442 -5.42 -11.16 -5.40
C ILE B 442 -4.95 -12.52 -4.90
N GLY B 443 -3.78 -12.57 -4.25
CA GLY B 443 -3.21 -13.84 -3.86
C GLY B 443 -2.01 -13.66 -2.96
N ASN B 444 -1.36 -14.79 -2.67
CA ASN B 444 -0.19 -14.80 -1.79
C ASN B 444 1.10 -14.48 -2.57
N SER B 445 2.24 -14.54 -1.86
CA SER B 445 3.51 -14.10 -2.43
C SER B 445 3.92 -14.91 -3.66
N TYR B 446 3.42 -16.14 -3.86
CA TYR B 446 3.79 -16.89 -5.03
C TYR B 446 3.29 -16.23 -6.30
N GLY B 447 2.28 -15.38 -6.18
CA GLY B 447 1.79 -14.60 -7.23
C GLY B 447 2.82 -13.68 -7.87
N LYS B 448 3.88 -13.32 -7.14
CA LYS B 448 4.82 -12.33 -7.70
C LYS B 448 5.47 -12.87 -8.98
N PHE B 449 5.58 -14.20 -9.06
CA PHE B 449 6.28 -14.76 -10.22
C PHE B 449 5.36 -14.73 -11.44
N ILE B 450 4.05 -14.77 -11.24
CA ILE B 450 3.11 -14.58 -12.31
C ILE B 450 3.19 -13.13 -12.81
N GLN B 451 3.21 -12.17 -11.89
CA GLN B 451 3.33 -10.77 -12.28
C GLN B 451 4.62 -10.56 -13.10
N ARG B 452 5.73 -11.11 -12.65
CA ARG B 452 7.00 -11.05 -13.37
C ARG B 452 6.78 -11.58 -14.80
N ASP B 453 6.18 -12.76 -14.93
CA ASP B 453 5.94 -13.37 -16.24
C ASP B 453 5.11 -12.46 -17.17
N THR B 454 4.02 -11.91 -16.63
CA THR B 454 3.14 -11.06 -17.42
C THR B 454 3.91 -9.81 -17.90
N LEU B 455 4.72 -9.17 -17.04
CA LEU B 455 5.47 -8.00 -17.43
C LEU B 455 6.43 -8.32 -18.56
N HIS B 456 7.02 -9.53 -18.54
CA HIS B 456 7.97 -9.92 -19.59
C HIS B 456 7.31 -9.88 -20.97
N LYS B 457 6.03 -10.27 -21.04
N LYS B 457 6.04 -10.26 -21.05
CA LYS B 457 5.26 -10.20 -22.29
CA LYS B 457 5.39 -10.18 -22.32
C LYS B 457 5.15 -8.74 -22.76
C LYS B 457 5.24 -8.71 -22.76
N GLY B 458 4.94 -7.82 -21.80
CA GLY B 458 4.90 -6.39 -22.04
C GLY B 458 4.21 -5.68 -20.90
N LYS B 459 4.54 -4.38 -20.74
CA LYS B 459 3.91 -3.60 -19.72
C LYS B 459 2.39 -3.65 -19.86
N GLU B 460 1.84 -3.59 -21.07
CA GLU B 460 0.40 -3.61 -21.26
C GLU B 460 -0.26 -4.95 -20.89
N PHE B 461 0.55 -5.99 -20.68
CA PHE B 461 0.05 -7.31 -20.33
C PHE B 461 0.24 -7.59 -18.83
N GLU B 462 0.95 -6.71 -18.14
CA GLU B 462 1.30 -6.95 -16.70
C GLU B 462 0.03 -6.95 -15.86
N VAL B 463 -0.05 -7.95 -14.98
CA VAL B 463 -1.14 -8.11 -14.06
C VAL B 463 -0.59 -7.95 -12.66
N PRO B 464 -0.81 -6.78 -11.99
CA PRO B 464 -0.20 -6.58 -10.69
C PRO B 464 -0.84 -7.49 -9.65
N LEU B 465 -0.02 -7.94 -8.70
CA LEU B 465 -0.46 -8.71 -7.55
C LEU B 465 -0.83 -7.78 -6.40
N ILE B 466 -1.96 -8.10 -5.77
CA ILE B 466 -2.43 -7.54 -4.53
C ILE B 466 -2.32 -8.65 -3.50
N ARG B 467 -1.52 -8.49 -2.44
CA ARG B 467 -1.18 -9.57 -1.54
C ARG B 467 -2.22 -9.69 -0.42
N ILE B 468 -3.10 -10.71 -0.53
CA ILE B 468 -4.07 -11.03 0.51
C ILE B 468 -4.11 -12.56 0.52
N GLY B 469 -3.80 -13.18 1.66
CA GLY B 469 -3.77 -14.60 1.79
C GLY B 469 -2.56 -15.09 2.56
N PHE B 470 -2.18 -16.32 2.30
CA PHE B 470 -1.10 -16.97 3.02
C PHE B 470 -0.35 -17.87 2.06
N PRO B 471 1.00 -17.92 2.10
CA PRO B 471 1.87 -17.03 2.89
C PRO B 471 2.18 -15.70 2.20
N ILE B 472 2.49 -14.69 3.00
CA ILE B 472 3.03 -13.44 2.49
C ILE B 472 4.41 -13.29 3.11
N PHE B 473 5.44 -13.42 2.28
CA PHE B 473 6.82 -13.47 2.75
C PHE B 473 7.67 -12.29 2.28
N ASP B 474 7.18 -11.52 1.31
CA ASP B 474 7.97 -10.47 0.66
C ASP B 474 7.48 -9.05 1.02
N ARG B 475 6.60 -8.96 2.01
CA ARG B 475 6.18 -7.72 2.61
C ARG B 475 6.21 -7.96 4.11
N HIS B 476 6.31 -6.86 4.86
CA HIS B 476 6.40 -6.97 6.29
C HIS B 476 5.11 -6.59 6.98
N HIS B 477 4.71 -7.42 7.94
CA HIS B 477 3.67 -7.10 8.93
C HIS B 477 2.27 -7.10 8.33
N LEU B 478 2.09 -7.67 7.14
CA LEU B 478 0.74 -7.79 6.63
C LEU B 478 -0.08 -8.84 7.41
N HIS B 479 0.59 -9.72 8.18
CA HIS B 479 -0.11 -10.68 9.00
C HIS B 479 -0.89 -10.00 10.14
N ARG B 480 -0.68 -8.70 10.39
CA ARG B 480 -1.42 -7.97 11.38
C ARG B 480 -2.80 -7.53 10.88
N SER B 481 -3.03 -7.65 9.58
CA SER B 481 -4.23 -7.15 8.91
C SER B 481 -5.47 -7.92 9.37
N THR B 482 -6.61 -7.48 8.82
CA THR B 482 -7.91 -8.10 9.06
C THR B 482 -8.61 -8.33 7.73
N THR B 483 -9.28 -9.47 7.58
CA THR B 483 -10.16 -9.72 6.40
C THR B 483 -11.60 -10.01 6.80
N LEU B 484 -11.88 -10.31 8.06
CA LEU B 484 -13.23 -10.63 8.55
C LEU B 484 -13.95 -9.38 9.01
N GLY B 485 -15.29 -9.48 9.04
CA GLY B 485 -16.13 -8.44 9.60
C GLY B 485 -16.13 -7.17 8.78
N TYR B 486 -16.73 -6.12 9.38
CA TYR B 486 -16.80 -4.87 8.72
C TYR B 486 -15.41 -4.28 8.67
N GLU B 487 -14.62 -4.49 9.73
CA GLU B 487 -13.24 -3.96 9.75
C GLU B 487 -12.43 -4.58 8.62
N GLY B 488 -12.54 -5.90 8.42
CA GLY B 488 -11.80 -6.57 7.32
C GLY B 488 -12.24 -6.10 5.96
N ALA B 489 -13.56 -5.89 5.82
CA ALA B 489 -14.11 -5.45 4.57
C ALA B 489 -13.58 -4.04 4.28
N MET B 490 -13.51 -3.20 5.32
CA MET B 490 -12.97 -1.81 5.10
C MET B 490 -11.50 -1.89 4.66
N GLN B 491 -10.73 -2.79 5.28
CA GLN B 491 -9.32 -2.96 4.90
C GLN B 491 -9.18 -3.49 3.49
N ILE B 492 -9.97 -4.50 3.08
CA ILE B 492 -9.88 -5.05 1.74
C ILE B 492 -10.26 -4.00 0.71
N LEU B 493 -11.37 -3.28 0.94
CA LEU B 493 -11.82 -2.21 0.02
C LEU B 493 -10.69 -1.19 -0.18
N THR B 494 -10.13 -0.74 0.92
CA THR B 494 -9.10 0.28 0.87
C THR B 494 -7.92 -0.25 0.04
N THR B 495 -7.47 -1.48 0.30
CA THR B 495 -6.37 -2.01 -0.45
C THR B 495 -6.73 -2.11 -1.94
N LEU B 496 -7.91 -2.63 -2.26
CA LEU B 496 -8.27 -2.76 -3.68
C LEU B 496 -8.29 -1.39 -4.37
N VAL B 497 -9.07 -0.43 -3.84
CA VAL B 497 -9.21 0.81 -4.55
C VAL B 497 -7.86 1.51 -4.71
N ASN B 498 -7.02 1.47 -3.68
CA ASN B 498 -5.76 2.16 -3.79
C ASN B 498 -4.79 1.40 -4.71
N SER B 499 -4.94 0.07 -4.85
CA SER B 499 -4.16 -0.67 -5.83
C SER B 499 -4.53 -0.21 -7.23
N ILE B 500 -5.83 0.00 -7.48
CA ILE B 500 -6.34 0.47 -8.75
C ILE B 500 -5.77 1.88 -9.03
N LEU B 501 -5.81 2.76 -8.04
CA LEU B 501 -5.37 4.14 -8.24
C LEU B 501 -3.85 4.24 -8.34
N GLU B 502 -3.11 3.40 -7.61
N GLU B 502 -3.08 3.40 -7.63
CA GLU B 502 -1.67 3.35 -7.77
CA GLU B 502 -1.62 3.37 -7.84
C GLU B 502 -1.31 2.96 -9.21
C GLU B 502 -1.31 2.98 -9.28
N ARG B 503 -1.97 1.92 -9.78
CA ARG B 503 -1.68 1.48 -11.15
C ARG B 503 -2.05 2.59 -12.13
N LEU B 504 -3.18 3.25 -11.91
CA LEU B 504 -3.60 4.31 -12.80
C LEU B 504 -2.57 5.46 -12.80
N ASP B 505 -2.06 5.78 -11.60
CA ASP B 505 -1.02 6.79 -11.54
C ASP B 505 0.23 6.37 -12.28
N GLU B 506 0.60 5.08 -12.21
CA GLU B 506 1.75 4.61 -12.96
C GLU B 506 1.52 4.81 -14.48
N GLU B 507 0.35 4.43 -14.97
CA GLU B 507 0.00 4.49 -16.36
C GLU B 507 -0.11 5.92 -16.89
N THR B 508 -0.35 6.88 -15.99
CA THR B 508 -0.56 8.27 -16.43
C THR B 508 0.61 9.19 -16.01
N ARG B 509 1.75 8.59 -15.62
CA ARG B 509 2.87 9.41 -15.12
C ARG B 509 3.79 9.89 -16.26
N GLY B 510 3.48 9.60 -17.51
CA GLY B 510 4.40 9.93 -18.59
C GLY B 510 4.19 11.34 -19.10
N MET B 511 5.25 12.13 -18.94
CA MET B 511 5.16 13.55 -19.19
C MET B 511 4.90 13.79 -20.67
N GLN B 512 3.84 14.57 -20.90
CA GLN B 512 3.36 14.98 -22.26
C GLN B 512 2.85 13.79 -23.08
N ALA B 513 2.69 12.62 -22.48
CA ALA B 513 2.24 11.47 -23.18
C ALA B 513 0.91 11.00 -22.58
N THR B 514 0.91 10.63 -21.32
CA THR B 514 -0.31 10.13 -20.63
C THR B 514 -0.67 10.94 -19.38
N ASP B 515 0.14 11.96 -19.07
CA ASP B 515 -0.07 12.76 -17.83
C ASP B 515 -1.20 13.76 -17.98
N TYR B 516 -1.83 13.84 -19.16
CA TYR B 516 -3.11 14.61 -19.22
C TYR B 516 -4.13 14.06 -18.20
N ASN B 517 -4.06 12.76 -17.87
CA ASN B 517 -4.94 12.12 -16.92
C ASN B 517 -4.27 11.87 -15.59
N HIS B 518 -3.18 12.58 -15.27
CA HIS B 518 -2.48 12.43 -13.93
C HIS B 518 -3.11 13.34 -12.91
N ASP B 519 -4.38 13.09 -12.57
CA ASP B 519 -5.18 14.00 -11.77
C ASP B 519 -4.67 14.06 -10.33
N LEU B 520 -4.70 15.27 -9.76
CA LEU B 520 -4.51 15.44 -8.34
C LEU B 520 -5.61 14.78 -7.51
N VAL B 521 -6.84 14.93 -7.96
CA VAL B 521 -8.02 14.44 -7.18
C VAL B 521 -8.61 13.25 -7.91
N ARG B 522 -8.82 12.17 -7.18
CA ARG B 522 -9.48 10.97 -7.73
C ARG B 522 -10.53 10.51 -6.69
N MET C 1 -45.39 14.39 -9.24
CA MET C 1 -45.81 15.59 -8.44
C MET C 1 -46.47 16.61 -9.39
N SER C 2 -47.64 17.13 -8.98
CA SER C 2 -48.40 18.15 -9.68
C SER C 2 -47.82 19.54 -9.40
N ARG C 3 -48.22 20.53 -10.20
CA ARG C 3 -47.80 21.91 -10.01
C ARG C 3 -48.17 22.34 -8.58
N GLU C 4 -49.38 22.01 -8.12
CA GLU C 4 -49.85 22.46 -6.81
C GLU C 4 -48.98 21.88 -5.69
N GLU C 5 -48.60 20.61 -5.82
CA GLU C 5 -47.77 19.88 -4.89
C GLU C 5 -46.37 20.51 -4.85
N VAL C 6 -45.82 20.84 -6.02
CA VAL C 6 -44.50 21.41 -6.00
C VAL C 6 -44.56 22.80 -5.36
N GLU C 7 -45.62 23.60 -5.67
CA GLU C 7 -45.81 24.94 -5.13
C GLU C 7 -45.90 24.80 -3.61
N SER C 8 -46.59 23.78 -3.12
CA SER C 8 -46.76 23.61 -1.69
C SER C 8 -45.45 23.10 -1.06
N LEU C 9 -44.64 22.34 -1.80
CA LEU C 9 -43.29 21.95 -1.34
C LEU C 9 -42.42 23.20 -1.15
N ILE C 10 -42.46 24.12 -2.10
CA ILE C 10 -41.68 25.35 -1.97
C ILE C 10 -42.08 26.13 -0.73
N GLN C 11 -43.38 26.34 -0.54
CA GLN C 11 -43.85 27.13 0.61
C GLN C 11 -43.45 26.47 1.93
N GLU C 12 -43.59 25.16 2.04
CA GLU C 12 -43.25 24.38 3.24
C GLU C 12 -41.76 24.57 3.59
N VAL C 13 -40.92 24.45 2.57
CA VAL C 13 -39.44 24.57 2.78
C VAL C 13 -39.10 26.00 3.25
N LEU C 14 -39.77 27.02 2.70
CA LEU C 14 -39.42 28.41 3.01
C LEU C 14 -39.92 28.80 4.41
N GLU C 15 -40.78 27.98 5.02
CA GLU C 15 -41.29 28.24 6.41
C GLU C 15 -40.14 28.38 7.45
N VAL C 16 -38.97 27.78 7.24
CA VAL C 16 -37.88 27.76 8.22
C VAL C 16 -37.21 29.13 8.33
N TYR C 17 -37.30 29.96 7.27
CA TYR C 17 -36.47 31.12 7.14
C TYR C 17 -37.05 32.31 7.89
N PRO C 18 -36.17 33.19 8.42
CA PRO C 18 -36.59 34.53 8.82
C PRO C 18 -37.26 35.22 7.62
N GLU C 19 -38.14 36.20 7.91
CA GLU C 19 -38.93 36.87 6.87
C GLU C 19 -38.10 37.46 5.70
N LYS C 20 -37.00 38.16 5.95
CA LYS C 20 -36.26 38.76 4.89
C LYS C 20 -35.73 37.67 3.93
N ALA C 21 -35.14 36.61 4.50
CA ALA C 21 -34.63 35.49 3.65
C ALA C 21 -35.78 34.79 2.93
N ARG C 22 -36.90 34.53 3.62
CA ARG C 22 -38.08 33.85 3.05
C ARG C 22 -38.52 34.62 1.79
N LYS C 23 -38.65 35.93 1.90
CA LYS C 23 -39.18 36.72 0.79
C LYS C 23 -38.20 36.72 -0.36
N ASP C 24 -36.90 36.72 -0.05
CA ASP C 24 -35.91 36.67 -1.12
C ASP C 24 -35.94 35.30 -1.81
N ARG C 25 -35.89 34.23 -1.02
CA ARG C 25 -35.74 32.87 -1.57
C ARG C 25 -36.94 32.48 -2.41
N ASN C 26 -38.13 32.98 -2.06
CA ASN C 26 -39.33 32.67 -2.83
C ASN C 26 -39.16 33.11 -4.28
N LYS C 27 -38.40 34.15 -4.55
CA LYS C 27 -38.29 34.67 -5.88
C LYS C 27 -37.35 33.82 -6.76
N HIS C 28 -36.53 32.97 -6.12
CA HIS C 28 -35.50 32.18 -6.78
C HIS C 28 -35.91 30.72 -6.98
N LEU C 29 -37.17 30.36 -6.71
CA LEU C 29 -37.71 29.00 -6.79
C LEU C 29 -38.97 29.06 -7.66
N ALA C 30 -39.08 28.18 -8.65
CA ALA C 30 -40.23 28.28 -9.57
C ALA C 30 -40.64 26.86 -10.00
N VAL C 31 -41.89 26.74 -10.40
CA VAL C 31 -42.39 25.54 -11.03
C VAL C 31 -42.44 25.79 -12.51
N ASN C 32 -41.77 24.97 -13.32
CA ASN C 32 -41.56 25.28 -14.67
C ASN C 32 -42.89 25.28 -15.43
N ASP C 33 -42.94 26.17 -16.42
CA ASP C 33 -44.03 26.20 -17.39
C ASP C 33 -43.40 26.41 -18.75
N PRO C 34 -43.27 25.35 -19.58
CA PRO C 34 -42.52 25.47 -20.82
C PRO C 34 -43.18 26.38 -21.87
N ALA C 35 -44.41 26.81 -21.58
CA ALA C 35 -45.13 27.81 -22.39
C ALA C 35 -44.50 29.22 -22.21
N VAL C 36 -43.96 29.50 -21.03
CA VAL C 36 -43.31 30.82 -20.73
C VAL C 36 -42.00 30.99 -21.52
N THR C 37 -41.83 32.12 -22.20
CA THR C 37 -40.62 32.44 -22.92
C THR C 37 -39.82 33.54 -22.16
N GLN C 38 -40.47 34.31 -21.28
CA GLN C 38 -39.78 35.39 -20.55
C GLN C 38 -39.62 34.96 -19.08
N SER C 39 -38.44 34.40 -18.76
CA SER C 39 -38.20 33.89 -17.45
C SER C 39 -38.20 34.96 -16.35
N LYS C 40 -38.09 36.23 -16.74
CA LYS C 40 -38.21 37.30 -15.77
C LYS C 40 -39.65 37.41 -15.27
N LYS C 41 -40.59 36.62 -15.82
CA LYS C 41 -41.94 36.54 -15.22
C LYS C 41 -42.01 35.44 -14.17
N CYS C 42 -40.99 34.56 -14.08
CA CYS C 42 -41.21 33.51 -13.10
C CYS C 42 -40.01 33.22 -12.18
N ILE C 43 -38.80 33.77 -12.44
CA ILE C 43 -37.70 33.56 -11.53
C ILE C 43 -36.74 34.72 -11.60
N ILE C 44 -36.14 35.04 -10.46
CA ILE C 44 -35.09 36.03 -10.33
C ILE C 44 -33.74 35.31 -10.27
N SER C 45 -32.68 35.94 -10.82
CA SER C 45 -31.37 35.30 -10.81
C SER C 45 -30.29 36.39 -10.80
N ASN C 46 -29.04 35.96 -10.58
CA ASN C 46 -27.87 36.81 -10.63
C ASN C 46 -27.98 37.99 -9.65
N LYS C 47 -28.49 37.66 -8.47
CA LYS C 47 -28.54 38.54 -7.31
C LYS C 47 -27.60 38.04 -6.21
N LYS C 48 -27.36 38.92 -5.24
N LYS C 48 -27.32 38.92 -5.25
CA LYS C 48 -26.57 38.54 -4.05
CA LYS C 48 -26.49 38.51 -4.11
C LYS C 48 -27.15 37.30 -3.38
C LYS C 48 -27.13 37.32 -3.40
N SER C 49 -26.27 36.48 -2.81
CA SER C 49 -26.69 35.43 -1.91
C SER C 49 -27.09 35.97 -0.54
N GLN C 50 -28.07 35.35 0.07
CA GLN C 50 -28.47 35.72 1.42
C GLN C 50 -27.42 35.23 2.40
N PRO C 51 -27.01 36.06 3.38
CA PRO C 51 -26.01 35.68 4.37
C PRO C 51 -26.46 34.47 5.19
N GLY C 52 -25.53 33.55 5.42
CA GLY C 52 -25.75 32.49 6.40
C GLY C 52 -26.44 31.24 5.90
N LEU C 53 -26.85 31.20 4.62
CA LEU C 53 -27.72 30.14 4.13
C LEU C 53 -26.98 29.02 3.40
N MET C 54 -25.65 29.05 3.35
CA MET C 54 -24.86 27.92 2.75
C MET C 54 -25.17 27.82 1.26
N THR C 55 -24.99 28.92 0.54
CA THR C 55 -24.85 28.92 -0.92
C THR C 55 -23.75 27.95 -1.31
N ILE C 56 -23.84 27.45 -2.54
CA ILE C 56 -22.82 26.61 -3.12
C ILE C 56 -21.90 27.43 -4.02
N ARG C 57 -22.22 28.70 -4.27
CA ARG C 57 -21.48 29.57 -5.13
C ARG C 57 -20.04 29.79 -4.68
N GLY C 58 -19.23 30.09 -5.67
CA GLY C 58 -17.87 30.62 -5.52
C GLY C 58 -17.81 32.11 -5.76
N CYS C 59 -16.65 32.58 -6.20
CA CYS C 59 -16.37 34.03 -6.35
C CYS C 59 -15.82 34.34 -7.73
N ALA C 60 -15.61 35.65 -7.97
CA ALA C 60 -15.13 36.10 -9.22
C ALA C 60 -13.73 35.59 -9.58
N TYR C 61 -12.87 35.32 -8.58
CA TYR C 61 -11.55 34.80 -8.84
C TYR C 61 -11.70 33.38 -9.38
N ALA C 62 -12.63 32.60 -8.80
CA ALA C 62 -12.91 31.23 -9.34
C ALA C 62 -13.35 31.36 -10.80
N GLY C 63 -14.24 32.30 -11.14
CA GLY C 63 -14.68 32.45 -12.51
C GLY C 63 -13.60 32.92 -13.47
N SER C 64 -12.60 33.70 -12.98
CA SER C 64 -11.57 34.21 -13.86
C SER C 64 -10.36 33.26 -13.86
N LYS C 65 -9.73 33.09 -12.72
CA LYS C 65 -8.57 32.24 -12.67
C LYS C 65 -8.92 30.77 -12.83
N GLY C 66 -9.86 30.31 -12.06
CA GLY C 66 -10.16 28.84 -12.10
C GLY C 66 -10.80 28.41 -13.38
N VAL C 67 -11.54 29.28 -14.03
CA VAL C 67 -12.40 28.89 -15.16
C VAL C 67 -11.84 29.36 -16.52
N VAL C 68 -11.67 30.66 -16.73
CA VAL C 68 -11.31 31.17 -18.02
C VAL C 68 -9.80 31.15 -18.23
N TRP C 69 -9.01 31.78 -17.34
CA TRP C 69 -7.59 31.96 -17.57
C TRP C 69 -6.74 30.72 -17.23
N GLY C 70 -7.01 30.12 -16.10
CA GLY C 70 -6.15 29.00 -15.60
C GLY C 70 -5.89 27.90 -16.65
N PRO C 71 -6.86 27.53 -17.51
CA PRO C 71 -6.62 26.49 -18.53
C PRO C 71 -5.59 26.81 -19.62
N ILE C 72 -5.36 28.10 -19.85
CA ILE C 72 -4.47 28.52 -20.97
C ILE C 72 -3.07 28.02 -20.60
N LYS C 73 -2.56 27.08 -21.41
CA LYS C 73 -1.56 26.20 -20.89
C LYS C 73 -0.13 26.74 -20.95
N ASP C 74 0.16 27.67 -21.88
CA ASP C 74 1.53 28.10 -22.05
C ASP C 74 1.75 29.48 -21.44
N MET C 75 0.82 29.96 -20.63
CA MET C 75 0.98 31.15 -19.83
C MET C 75 1.11 30.76 -18.38
N ILE C 76 1.73 31.66 -17.59
CA ILE C 76 1.78 31.52 -16.14
C ILE C 76 0.77 32.46 -15.52
N HIS C 77 -0.09 31.89 -14.68
CA HIS C 77 -1.17 32.64 -14.04
C HIS C 77 -0.78 32.83 -12.58
N ILE C 78 -0.65 34.07 -12.14
CA ILE C 78 -0.26 34.37 -10.80
C ILE C 78 -1.50 34.57 -9.93
N SER C 79 -1.61 33.82 -8.85
CA SER C 79 -2.66 34.10 -7.86
C SER C 79 -2.12 35.16 -6.90
N HIS C 80 -2.59 36.41 -7.09
CA HIS C 80 -1.95 37.55 -6.53
C HIS C 80 -2.71 38.01 -5.29
N GLY C 81 -2.05 37.83 -4.16
CA GLY C 81 -2.65 38.02 -2.85
C GLY C 81 -2.20 36.92 -1.92
N PRO C 82 -2.94 36.66 -0.84
CA PRO C 82 -2.52 35.66 0.16
C PRO C 82 -2.63 34.24 -0.42
N VAL C 83 -2.07 33.29 0.32
CA VAL C 83 -1.80 31.94 -0.19
C VAL C 83 -3.07 31.11 -0.41
N GLY C 84 -4.18 31.39 0.25
CA GLY C 84 -5.29 30.44 0.25
C GLY C 84 -5.81 30.15 -1.17
N CYS C 85 -6.15 31.18 -1.95
CA CYS C 85 -7.07 31.02 -3.09
C CYS C 85 -6.40 30.07 -4.11
N GLY C 86 -5.12 30.30 -4.35
CA GLY C 86 -4.35 29.54 -5.31
C GLY C 86 -4.17 28.10 -4.91
N GLN C 87 -4.08 27.87 -3.62
CA GLN C 87 -3.87 26.51 -3.11
C GLN C 87 -5.17 25.72 -3.25
N TYR C 88 -6.31 26.28 -2.88
CA TYR C 88 -7.54 25.51 -2.90
C TYR C 88 -7.90 25.20 -4.36
N SER C 89 -7.55 26.10 -5.25
CA SER C 89 -7.94 25.98 -6.69
C SER C 89 -6.87 25.24 -7.47
N ARG C 90 -5.85 24.75 -6.78
CA ARG C 90 -4.71 24.16 -7.57
C ARG C 90 -5.17 22.77 -8.03
N ALA C 91 -5.26 22.59 -9.36
CA ALA C 91 -5.58 21.30 -10.04
C ALA C 91 -6.92 20.72 -9.58
N GLY C 92 -7.86 21.55 -9.10
CA GLY C 92 -9.19 21.05 -8.71
C GLY C 92 -10.09 20.86 -9.90
N ARG C 93 -9.83 21.62 -10.96
CA ARG C 93 -10.67 21.59 -12.16
C ARG C 93 -9.92 20.88 -13.28
N ARG C 94 -10.56 19.90 -13.89
CA ARG C 94 -9.93 18.95 -14.82
C ARG C 94 -9.90 19.49 -16.25
N ASN C 95 -9.32 20.69 -16.42
CA ASN C 95 -9.21 21.32 -17.71
C ASN C 95 -7.96 20.77 -18.41
N TYR C 96 -8.12 19.73 -19.23
CA TYR C 96 -7.04 18.93 -19.63
C TYR C 96 -6.23 19.57 -20.77
N TYR C 97 -4.96 19.25 -20.78
CA TYR C 97 -4.04 19.83 -21.77
C TYR C 97 -2.92 18.86 -22.09
N ILE C 98 -2.23 19.15 -23.20
CA ILE C 98 -1.02 18.48 -23.61
C ILE C 98 0.14 19.47 -23.42
N GLY C 99 1.12 19.07 -22.62
CA GLY C 99 2.33 19.87 -22.45
C GLY C 99 3.30 19.26 -21.48
N THR C 100 4.42 19.95 -21.27
CA THR C 100 5.45 19.53 -20.38
C THR C 100 5.44 20.46 -19.17
N THR C 101 4.77 19.99 -18.12
CA THR C 101 4.43 20.85 -17.01
C THR C 101 5.69 21.31 -16.25
N GLY C 102 5.76 22.62 -16.00
CA GLY C 102 6.94 23.21 -15.38
C GLY C 102 7.97 23.72 -16.36
N VAL C 103 7.75 23.38 -17.61
CA VAL C 103 8.70 23.69 -18.70
C VAL C 103 8.04 24.55 -19.77
N ASN C 104 7.06 24.02 -20.52
CA ASN C 104 6.38 24.86 -21.48
C ASN C 104 4.89 25.04 -21.16
N ALA C 105 4.37 24.38 -20.11
CA ALA C 105 2.99 24.40 -19.76
C ALA C 105 2.88 24.43 -18.24
N PHE C 106 1.84 25.07 -17.66
CA PHE C 106 1.93 25.44 -16.28
C PHE C 106 0.61 25.25 -15.53
N VAL C 107 -0.35 24.55 -16.13
CA VAL C 107 -1.74 24.61 -15.71
C VAL C 107 -1.97 24.10 -14.27
N THR C 108 -1.36 22.99 -13.89
CA THR C 108 -1.58 22.38 -12.60
C THR C 108 -0.64 22.86 -11.51
N MET C 109 0.15 23.90 -11.80
CA MET C 109 1.06 24.54 -10.86
C MET C 109 0.33 25.66 -10.15
N ASN C 110 0.77 26.02 -8.94
CA ASN C 110 0.23 27.21 -8.23
C ASN C 110 1.34 28.23 -8.06
N PHE C 111 1.28 29.27 -8.88
CA PHE C 111 2.16 30.43 -8.71
C PHE C 111 1.42 31.48 -7.89
N THR C 112 2.09 32.04 -6.85
CA THR C 112 1.41 32.97 -5.94
C THR C 112 2.41 34.02 -5.44
N SER C 113 1.91 35.23 -5.13
CA SER C 113 2.72 36.22 -4.42
C SER C 113 2.62 36.10 -2.89
N ASP C 114 1.84 35.14 -2.38
CA ASP C 114 1.85 34.77 -0.94
C ASP C 114 1.91 36.00 -0.02
N PHE C 115 0.90 36.86 -0.13
CA PHE C 115 0.98 38.11 0.58
C PHE C 115 1.11 37.87 2.09
N GLN C 116 2.01 38.66 2.70
CA GLN C 116 2.16 38.77 4.17
C GLN C 116 1.68 40.16 4.61
N GLU C 117 1.75 40.38 5.92
CA GLU C 117 1.32 41.61 6.52
C GLU C 117 1.98 42.83 5.88
N LYS C 118 3.27 42.76 5.61
CA LYS C 118 3.97 43.94 5.04
C LYS C 118 3.41 44.28 3.65
N ASP C 119 2.94 43.26 2.90
CA ASP C 119 2.40 43.47 1.58
C ASP C 119 1.03 44.12 1.69
N ILE C 120 0.22 43.74 2.69
CA ILE C 120 -1.09 44.42 2.92
C ILE C 120 -0.88 45.87 3.34
N VAL C 121 0.08 46.12 4.24
CA VAL C 121 0.28 47.46 4.80
C VAL C 121 0.91 48.41 3.78
N PHE C 122 1.89 47.94 3.02
CA PHE C 122 2.64 48.84 2.14
C PHE C 122 2.36 48.62 0.65
N GLY C 123 1.59 47.57 0.29
CA GLY C 123 1.24 47.33 -1.08
C GLY C 123 2.13 46.25 -1.68
N GLY C 124 1.61 45.60 -2.72
CA GLY C 124 2.26 44.48 -3.34
C GLY C 124 2.80 44.74 -4.71
N ASP C 125 2.85 45.99 -5.19
CA ASP C 125 3.25 46.24 -6.57
C ASP C 125 4.77 46.06 -6.75
N LYS C 126 5.58 46.38 -5.73
CA LYS C 126 7.02 46.10 -5.86
C LYS C 126 7.26 44.58 -5.84
N LYS C 127 6.54 43.88 -4.96
CA LYS C 127 6.61 42.41 -4.93
C LYS C 127 6.22 41.82 -6.28
N LEU C 128 5.14 42.32 -6.86
CA LEU C 128 4.70 41.78 -8.18
C LEU C 128 5.77 41.97 -9.25
N ALA C 129 6.41 43.16 -9.29
CA ALA C 129 7.48 43.39 -10.28
C ALA C 129 8.63 42.42 -10.09
N LYS C 130 9.05 42.23 -8.84
CA LYS C 130 10.14 41.27 -8.53
C LYS C 130 9.71 39.85 -8.90
N LEU C 131 8.45 39.52 -8.61
CA LEU C 131 7.92 38.19 -8.89
C LEU C 131 7.99 37.93 -10.40
N ILE C 132 7.63 38.92 -11.21
CA ILE C 132 7.64 38.75 -12.65
C ILE C 132 9.06 38.45 -13.11
N ASP C 133 10.06 39.17 -12.57
CA ASP C 133 11.46 38.88 -12.96
C ASP C 133 11.85 37.42 -12.60
N GLU C 134 11.43 36.97 -11.41
CA GLU C 134 11.74 35.62 -10.96
C GLU C 134 11.07 34.59 -11.87
N VAL C 135 9.83 34.84 -12.28
CA VAL C 135 9.16 33.96 -13.23
C VAL C 135 9.98 33.86 -14.52
N GLU C 136 10.41 35.00 -15.04
CA GLU C 136 11.12 34.98 -16.30
C GLU C 136 12.41 34.18 -16.17
N THR C 137 13.14 34.34 -15.07
CA THR C 137 14.35 33.55 -14.83
C THR C 137 14.08 32.03 -14.79
N LEU C 138 13.07 31.65 -14.03
CA LEU C 138 12.95 30.25 -13.70
C LEU C 138 12.05 29.48 -14.66
N PHE C 139 11.23 30.20 -15.42
CA PHE C 139 10.29 29.62 -16.38
C PHE C 139 10.45 30.33 -17.73
N PRO C 140 11.61 30.23 -18.37
CA PRO C 140 11.86 31.05 -19.57
C PRO C 140 10.97 30.73 -20.76
N LEU C 141 10.36 29.55 -20.83
CA LEU C 141 9.55 29.21 -21.96
C LEU C 141 8.08 29.64 -21.79
N ASN C 142 7.75 30.33 -20.71
CA ASN C 142 6.39 30.85 -20.61
C ASN C 142 6.14 31.86 -21.74
N LYS C 143 4.91 31.92 -22.25
CA LYS C 143 4.56 32.77 -23.38
C LYS C 143 3.65 33.92 -22.97
N GLY C 144 3.61 34.22 -21.66
CA GLY C 144 2.86 35.29 -21.16
C GLY C 144 2.49 35.03 -19.72
N ILE C 145 2.10 36.11 -19.03
CA ILE C 145 1.76 36.07 -17.60
C ILE C 145 0.40 36.70 -17.43
N SER C 146 -0.44 36.10 -16.58
CA SER C 146 -1.62 36.81 -16.11
C SER C 146 -1.50 36.99 -14.61
N VAL C 147 -2.12 38.09 -14.12
CA VAL C 147 -2.11 38.46 -12.72
C VAL C 147 -3.55 38.40 -12.25
N GLN C 148 -3.88 37.34 -11.48
CA GLN C 148 -5.28 37.06 -11.09
C GLN C 148 -5.47 37.64 -9.68
N SER C 149 -6.16 38.78 -9.58
CA SER C 149 -6.26 39.48 -8.31
C SER C 149 -7.17 38.74 -7.32
N GLU C 150 -6.69 38.59 -6.07
CA GLU C 150 -7.47 38.09 -4.98
C GLU C 150 -8.03 39.28 -4.19
N CYS C 151 -8.91 39.00 -3.23
CA CYS C 151 -9.61 40.06 -2.49
C CYS C 151 -8.76 41.26 -2.10
N PRO C 152 -7.61 41.13 -1.42
CA PRO C 152 -6.93 42.34 -0.92
C PRO C 152 -6.50 43.36 -1.97
N ILE C 153 -6.24 42.96 -3.23
CA ILE C 153 -5.51 43.81 -4.18
C ILE C 153 -6.24 45.14 -4.38
N GLY C 154 -7.55 45.09 -4.71
CA GLY C 154 -8.27 46.34 -4.94
C GLY C 154 -8.49 47.04 -3.62
N LEU C 155 -8.71 46.27 -2.57
CA LEU C 155 -9.03 46.86 -1.25
C LEU C 155 -7.88 47.74 -0.75
N ILE C 156 -6.65 47.37 -1.05
CA ILE C 156 -5.50 48.16 -0.55
C ILE C 156 -5.02 49.20 -1.56
N GLY C 157 -5.61 49.29 -2.76
CA GLY C 157 -5.22 50.28 -3.70
C GLY C 157 -4.01 50.00 -4.54
N ASP C 158 -3.66 48.72 -4.75
CA ASP C 158 -2.55 48.41 -5.63
C ASP C 158 -2.91 48.70 -7.08
N ASP C 159 -1.88 48.95 -7.87
CA ASP C 159 -2.03 49.32 -9.27
C ASP C 159 -1.34 48.27 -10.13
N ILE C 160 -2.02 47.14 -10.30
CA ILE C 160 -1.44 46.06 -11.06
C ILE C 160 -1.41 46.37 -12.56
N GLU C 161 -2.25 47.30 -13.04
CA GLU C 161 -2.23 47.63 -14.46
C GLU C 161 -0.93 48.38 -14.78
N SER C 162 -0.50 49.31 -13.91
CA SER C 162 0.76 49.97 -14.14
C SER C 162 1.93 48.99 -14.17
N VAL C 163 1.96 48.06 -13.19
CA VAL C 163 3.02 47.08 -13.16
C VAL C 163 3.01 46.23 -14.45
N SER C 164 1.82 45.80 -14.88
CA SER C 164 1.70 44.99 -16.06
C SER C 164 2.25 45.75 -17.28
N LYS C 165 1.86 47.01 -17.44
CA LYS C 165 2.32 47.81 -18.60
C LYS C 165 3.84 47.99 -18.59
N VAL C 166 4.38 48.44 -17.45
CA VAL C 166 5.79 48.75 -17.32
C VAL C 166 6.62 47.48 -17.52
N LYS C 167 6.26 46.39 -16.82
CA LYS C 167 7.04 45.20 -16.95
C LYS C 167 6.85 44.56 -18.33
N GLY C 168 5.64 44.63 -18.89
CA GLY C 168 5.41 44.07 -20.19
C GLY C 168 6.26 44.75 -21.25
N ALA C 169 6.38 46.07 -21.10
CA ALA C 169 7.16 46.83 -22.07
C ALA C 169 8.65 46.49 -21.89
N GLU C 170 9.10 46.43 -20.63
CA GLU C 170 10.50 46.14 -20.35
C GLU C 170 10.94 44.78 -20.85
N LEU C 171 10.07 43.77 -20.77
CA LEU C 171 10.41 42.41 -21.08
C LEU C 171 9.87 41.96 -22.45
N SER C 172 9.17 42.84 -23.19
CA SER C 172 8.54 42.48 -24.47
C SER C 172 7.65 41.24 -24.30
N LYS C 173 6.77 41.29 -23.30
CA LYS C 173 6.01 40.14 -22.84
C LYS C 173 4.57 40.57 -22.62
N THR C 174 3.61 39.69 -22.96
CA THR C 174 2.20 39.92 -22.65
C THR C 174 2.01 39.64 -21.17
N ILE C 175 1.61 40.64 -20.40
CA ILE C 175 1.37 40.53 -18.96
C ILE C 175 -0.01 41.13 -18.74
N VAL C 176 -0.96 40.29 -18.30
CA VAL C 176 -2.37 40.64 -18.32
C VAL C 176 -2.88 40.91 -16.90
N PRO C 177 -3.26 42.13 -16.51
CA PRO C 177 -3.78 42.40 -15.16
C PRO C 177 -5.27 42.04 -15.15
N VAL C 178 -5.71 41.19 -14.22
CA VAL C 178 -7.09 40.80 -14.15
C VAL C 178 -7.64 41.16 -12.78
N ARG C 179 -8.62 42.07 -12.76
CA ARG C 179 -9.22 42.54 -11.52
C ARG C 179 -10.41 41.69 -11.12
N CYS C 180 -10.12 40.42 -10.83
CA CYS C 180 -11.11 39.47 -10.51
C CYS C 180 -11.25 39.22 -9.01
N GLU C 181 -11.01 40.24 -8.20
CA GLU C 181 -11.10 40.05 -6.74
C GLU C 181 -12.47 39.49 -6.34
N GLY C 182 -12.50 38.58 -5.33
CA GLY C 182 -13.70 37.85 -4.95
C GLY C 182 -14.78 38.74 -4.38
N PHE C 183 -14.43 39.95 -3.98
CA PHE C 183 -15.46 40.85 -3.46
C PHE C 183 -16.33 41.39 -4.60
N ARG C 184 -15.91 41.25 -5.87
CA ARG C 184 -16.67 41.82 -6.99
C ARG C 184 -17.81 40.87 -7.39
N GLY C 185 -18.91 41.45 -7.81
CA GLY C 185 -20.01 40.62 -8.26
C GLY C 185 -20.60 39.82 -7.12
N VAL C 186 -21.27 38.72 -7.46
CA VAL C 186 -22.01 37.93 -6.50
C VAL C 186 -21.69 36.44 -6.59
N SER C 187 -20.81 36.03 -7.51
CA SER C 187 -20.62 34.64 -7.87
C SER C 187 -19.46 34.53 -8.84
N GLN C 188 -19.27 33.31 -9.40
CA GLN C 188 -18.32 33.10 -10.45
C GLN C 188 -18.60 33.99 -11.69
N SER C 189 -19.87 34.33 -11.90
CA SER C 189 -20.29 34.93 -13.15
C SER C 189 -19.51 36.18 -13.50
N LEU C 190 -19.38 37.12 -12.57
CA LEU C 190 -18.73 38.36 -12.95
C LEU C 190 -17.27 38.12 -13.27
N GLY C 191 -16.66 37.07 -12.66
CA GLY C 191 -15.29 36.72 -13.03
C GLY C 191 -15.18 36.32 -14.48
N HIS C 192 -16.20 35.62 -15.03
CA HIS C 192 -16.16 35.38 -16.46
C HIS C 192 -16.05 36.67 -17.27
N HIS C 193 -16.92 37.61 -16.91
CA HIS C 193 -17.05 38.89 -17.69
C HIS C 193 -15.73 39.68 -17.61
N ILE C 194 -15.20 39.79 -16.39
CA ILE C 194 -13.92 40.42 -16.15
C ILE C 194 -12.83 39.76 -16.97
N ALA C 195 -12.82 38.41 -16.98
CA ALA C 195 -11.80 37.70 -17.65
C ALA C 195 -11.90 37.90 -19.16
N ASN C 196 -13.13 37.90 -19.68
CA ASN C 196 -13.36 38.12 -21.13
C ASN C 196 -12.85 39.52 -21.51
N ASP C 197 -13.15 40.53 -20.69
CA ASP C 197 -12.72 41.89 -20.99
C ASP C 197 -11.19 42.00 -20.95
N ALA C 198 -10.51 41.27 -20.03
CA ALA C 198 -9.11 41.24 -19.99
C ALA C 198 -8.49 40.59 -21.24
N VAL C 199 -9.11 39.52 -21.77
CA VAL C 199 -8.61 38.92 -23.00
C VAL C 199 -8.73 39.96 -24.12
N ARG C 200 -9.88 40.58 -24.17
CA ARG C 200 -10.18 41.65 -25.18
C ARG C 200 -9.08 42.71 -25.14
N ASP C 201 -8.81 43.21 -23.93
CA ASP C 201 -8.04 44.44 -23.78
C ASP C 201 -6.54 44.19 -23.91
N TRP C 202 -6.04 43.01 -23.59
CA TRP C 202 -4.60 42.81 -23.43
C TRP C 202 -4.03 41.73 -24.35
N VAL C 203 -4.88 40.85 -24.94
CA VAL C 203 -4.39 39.75 -25.73
C VAL C 203 -4.96 39.78 -27.15
N LEU C 204 -6.27 39.90 -27.29
CA LEU C 204 -6.96 39.47 -28.53
C LEU C 204 -6.56 40.32 -29.75
N GLY C 205 -6.20 41.56 -29.55
CA GLY C 205 -5.85 42.47 -30.65
C GLY C 205 -4.42 42.38 -31.14
N LYS C 206 -3.59 41.48 -30.58
CA LYS C 206 -2.18 41.55 -30.82
C LYS C 206 -1.89 41.39 -32.34
N ARG C 207 -2.64 40.56 -33.04
CA ARG C 207 -2.34 40.30 -34.47
C ARG C 207 -3.28 41.05 -35.43
N ASP C 208 -3.90 42.13 -34.98
CA ASP C 208 -4.85 42.89 -35.78
C ASP C 208 -4.24 43.38 -37.11
N GLU C 209 -2.95 43.71 -37.09
CA GLU C 209 -2.29 44.23 -38.32
C GLU C 209 -1.53 43.15 -39.08
N ASP C 210 -1.56 41.91 -38.57
CA ASP C 210 -0.79 40.82 -39.13
C ASP C 210 -1.69 40.06 -40.13
N THR C 211 -1.20 39.96 -41.37
CA THR C 211 -1.91 39.27 -42.47
C THR C 211 -1.25 37.93 -42.82
N THR C 212 -0.32 37.41 -42.01
CA THR C 212 0.42 36.23 -42.40
C THR C 212 -0.37 34.92 -42.21
N PHE C 213 -1.41 34.89 -41.37
CA PHE C 213 -2.08 33.62 -41.10
C PHE C 213 -2.81 33.16 -42.36
N ALA C 214 -2.61 31.90 -42.72
CA ALA C 214 -3.18 31.35 -43.94
C ALA C 214 -4.58 30.85 -43.60
N SER C 215 -5.56 31.74 -43.73
CA SER C 215 -6.97 31.42 -43.42
C SER C 215 -7.60 30.54 -44.51
N THR C 216 -8.66 29.80 -44.16
CA THR C 216 -9.45 29.04 -45.09
C THR C 216 -10.93 29.28 -44.79
N PRO C 217 -11.82 28.94 -45.74
CA PRO C 217 -13.24 29.16 -45.54
C PRO C 217 -13.87 28.32 -44.43
N TYR C 218 -13.13 27.31 -43.96
CA TYR C 218 -13.66 26.34 -43.01
C TYR C 218 -13.09 26.52 -41.60
N ASP C 219 -12.55 27.70 -41.30
CA ASP C 219 -11.88 27.96 -40.03
C ASP C 219 -12.95 28.32 -38.99
N VAL C 220 -12.87 27.62 -37.85
CA VAL C 220 -13.77 27.90 -36.73
C VAL C 220 -12.94 27.97 -35.46
N ALA C 221 -13.58 28.48 -34.40
CA ALA C 221 -13.05 28.36 -33.03
C ALA C 221 -14.13 27.76 -32.12
N ILE C 222 -13.71 26.89 -31.21
CA ILE C 222 -14.56 26.37 -30.13
C ILE C 222 -14.43 27.34 -28.96
N ILE C 223 -15.51 28.03 -28.64
CA ILE C 223 -15.54 29.09 -27.63
C ILE C 223 -16.32 28.56 -26.43
N GLY C 224 -15.65 28.50 -25.29
CA GLY C 224 -16.40 28.06 -24.09
C GLY C 224 -16.49 26.55 -23.95
N ASP C 225 -15.37 25.88 -24.18
CA ASP C 225 -15.18 24.46 -23.80
C ASP C 225 -13.84 24.39 -23.09
N TYR C 226 -13.90 24.00 -21.81
CA TYR C 226 -12.74 23.98 -20.99
C TYR C 226 -12.12 22.58 -20.90
N ASN C 227 -12.56 21.69 -21.81
CA ASN C 227 -11.91 20.38 -22.02
C ASN C 227 -11.86 19.57 -20.71
N ILE C 228 -12.99 19.54 -19.99
CA ILE C 228 -13.04 18.77 -18.75
C ILE C 228 -12.96 17.29 -19.11
N GLY C 229 -11.93 16.63 -18.65
CA GLY C 229 -11.70 15.24 -18.98
C GLY C 229 -11.50 15.00 -20.46
N GLY C 230 -11.17 16.04 -21.21
CA GLY C 230 -10.93 15.89 -22.62
C GLY C 230 -12.15 16.19 -23.49
N ASP C 231 -13.19 16.81 -22.91
CA ASP C 231 -14.42 17.13 -23.64
C ASP C 231 -14.22 17.93 -24.93
N ALA C 232 -13.26 18.83 -24.95
CA ALA C 232 -13.04 19.66 -26.14
C ALA C 232 -12.40 18.82 -27.25
N TRP C 233 -11.51 17.92 -26.90
CA TRP C 233 -10.89 17.02 -27.87
C TRP C 233 -11.92 16.10 -28.50
N SER C 234 -12.87 15.58 -27.73
N SER C 234 -12.91 15.64 -27.74
CA SER C 234 -13.90 14.69 -28.29
CA SER C 234 -13.91 14.73 -28.26
C SER C 234 -14.92 15.49 -29.13
C SER C 234 -15.04 15.47 -28.98
N SER C 235 -14.92 16.81 -29.00
CA SER C 235 -15.76 17.75 -29.82
C SER C 235 -15.01 18.09 -31.13
N ARG C 236 -13.76 18.52 -30.95
CA ARG C 236 -12.86 18.89 -32.02
C ARG C 236 -12.78 17.79 -33.08
N ILE C 237 -12.68 16.54 -32.66
CA ILE C 237 -12.50 15.46 -33.59
C ILE C 237 -13.66 15.46 -34.60
N LEU C 238 -14.88 15.68 -34.11
CA LEU C 238 -16.04 15.63 -34.96
C LEU C 238 -16.08 16.81 -35.93
N LEU C 239 -15.72 18.00 -35.44
CA LEU C 239 -15.71 19.18 -36.29
C LEU C 239 -14.72 19.01 -37.43
N GLU C 240 -13.57 18.42 -37.15
CA GLU C 240 -12.55 18.26 -38.17
C GLU C 240 -12.90 17.07 -39.09
N GLU C 241 -13.59 16.04 -38.59
CA GLU C 241 -14.05 14.96 -39.47
C GLU C 241 -15.11 15.53 -40.44
N MET C 242 -15.83 16.58 -40.03
CA MET C 242 -16.81 17.23 -40.88
C MET C 242 -16.15 18.19 -41.89
N GLY C 243 -14.82 18.35 -41.85
CA GLY C 243 -14.08 19.14 -42.82
C GLY C 243 -13.77 20.56 -42.37
N LEU C 244 -14.06 20.88 -41.11
CA LEU C 244 -13.71 22.19 -40.55
C LEU C 244 -12.31 22.16 -39.97
N ARG C 245 -11.72 23.36 -39.82
CA ARG C 245 -10.43 23.50 -39.22
C ARG C 245 -10.57 24.30 -37.92
N CYS C 246 -10.30 23.66 -36.79
CA CYS C 246 -10.48 24.29 -35.47
C CYS C 246 -9.20 25.04 -35.10
N VAL C 247 -9.19 26.34 -35.39
CA VAL C 247 -8.03 27.20 -35.18
C VAL C 247 -7.78 27.41 -33.69
N ALA C 248 -8.83 27.40 -32.88
CA ALA C 248 -8.66 27.68 -31.43
C ALA C 248 -9.71 26.98 -30.56
N GLN C 249 -9.31 26.68 -29.33
CA GLN C 249 -10.13 26.20 -28.22
C GLN C 249 -9.99 27.12 -27.00
N TRP C 250 -11.09 27.78 -26.68
CA TRP C 250 -11.19 28.71 -25.53
C TRP C 250 -11.90 28.03 -24.38
N SER C 251 -11.18 27.71 -23.31
CA SER C 251 -9.75 27.81 -23.16
C SER C 251 -9.14 26.45 -22.81
N GLY C 252 -9.94 25.36 -22.83
CA GLY C 252 -9.36 24.04 -22.49
C GLY C 252 -8.29 23.60 -23.50
N ASP C 253 -7.12 23.21 -23.03
CA ASP C 253 -5.93 22.89 -23.87
C ASP C 253 -5.54 24.07 -24.75
N GLY C 254 -5.92 25.28 -24.32
CA GLY C 254 -5.70 26.46 -25.19
C GLY C 254 -4.33 27.07 -25.00
N SER C 255 -3.80 27.60 -26.08
CA SER C 255 -2.54 28.31 -26.10
C SER C 255 -2.80 29.81 -26.35
N ILE C 256 -1.85 30.67 -25.94
CA ILE C 256 -1.99 32.09 -26.18
C ILE C 256 -2.04 32.36 -27.69
N SER C 257 -1.23 31.65 -28.49
CA SER C 257 -1.27 31.89 -29.91
C SER C 257 -2.63 31.57 -30.51
N GLU C 258 -3.29 30.50 -30.04
CA GLU C 258 -4.62 30.18 -30.59
C GLU C 258 -5.60 31.29 -30.28
N ILE C 259 -5.51 31.88 -29.09
CA ILE C 259 -6.40 32.99 -28.73
C ILE C 259 -6.13 34.14 -29.72
N GLU C 260 -4.86 34.46 -29.93
CA GLU C 260 -4.50 35.59 -30.81
C GLU C 260 -4.88 35.32 -32.26
N LEU C 261 -5.00 34.06 -32.68
CA LEU C 261 -5.43 33.75 -34.05
C LEU C 261 -6.95 33.73 -34.25
N THR C 262 -7.72 33.78 -33.16
CA THR C 262 -9.14 33.56 -33.21
C THR C 262 -9.80 34.64 -34.06
N PRO C 263 -9.36 35.93 -34.05
CA PRO C 263 -10.02 36.92 -34.90
C PRO C 263 -9.93 36.62 -36.40
N LYS C 264 -9.15 35.60 -36.79
CA LYS C 264 -8.99 35.23 -38.22
C LYS C 264 -10.01 34.15 -38.67
N VAL C 265 -10.84 33.64 -37.77
CA VAL C 265 -11.74 32.53 -38.14
C VAL C 265 -13.01 33.04 -38.84
N LYS C 266 -13.80 32.11 -39.37
CA LYS C 266 -15.01 32.43 -40.08
C LYS C 266 -16.26 32.31 -39.21
N LEU C 267 -16.16 31.55 -38.11
CA LEU C 267 -17.32 31.26 -37.28
C LEU C 267 -16.83 30.85 -35.89
N ASN C 268 -17.46 31.46 -34.88
CA ASN C 268 -17.23 31.12 -33.44
C ASN C 268 -18.37 30.18 -32.99
N LEU C 269 -17.98 29.00 -32.50
CA LEU C 269 -18.92 28.02 -32.06
C LEU C 269 -18.94 28.09 -30.54
N VAL C 270 -20.03 28.56 -29.97
CA VAL C 270 -20.10 28.81 -28.51
C VAL C 270 -20.79 27.63 -27.82
N HIS C 271 -20.06 26.93 -26.94
CA HIS C 271 -20.64 25.88 -26.12
C HIS C 271 -21.16 26.54 -24.85
N CYS C 272 -20.24 27.01 -24.02
CA CYS C 272 -20.68 27.72 -22.81
C CYS C 272 -21.01 29.19 -23.10
N TYR C 273 -22.27 29.42 -23.35
CA TYR C 273 -22.86 30.78 -23.51
C TYR C 273 -22.50 31.68 -22.31
N ARG C 274 -22.77 31.21 -21.09
CA ARG C 274 -22.70 32.06 -19.89
C ARG C 274 -21.29 32.66 -19.82
N SER C 275 -20.26 31.83 -19.98
CA SER C 275 -18.89 32.30 -19.69
C SER C 275 -18.26 33.08 -20.84
N MET C 276 -18.69 32.85 -22.08
CA MET C 276 -17.98 33.41 -23.21
C MET C 276 -18.86 34.16 -24.23
N ASN C 277 -20.10 34.43 -23.88
CA ASN C 277 -20.95 35.25 -24.77
C ASN C 277 -20.33 36.62 -24.93
N TYR C 278 -19.68 37.13 -23.89
CA TYR C 278 -19.11 38.51 -23.91
C TYR C 278 -18.10 38.67 -25.03
N ILE C 279 -17.11 37.77 -25.10
CA ILE C 279 -16.09 37.94 -26.09
C ILE C 279 -16.63 37.56 -27.48
N SER C 280 -17.63 36.69 -27.55
CA SER C 280 -18.25 36.31 -28.79
C SER C 280 -18.93 37.54 -29.42
N ARG C 281 -19.64 38.27 -28.59
CA ARG C 281 -20.28 39.53 -29.05
C ARG C 281 -19.22 40.51 -29.50
N HIS C 282 -18.14 40.67 -28.72
CA HIS C 282 -17.07 41.56 -29.06
C HIS C 282 -16.51 41.22 -30.44
N MET C 283 -16.32 39.93 -30.71
CA MET C 283 -15.68 39.51 -31.96
C MET C 283 -16.60 39.77 -33.15
N GLU C 284 -17.91 39.66 -32.94
CA GLU C 284 -18.85 39.99 -34.01
C GLU C 284 -18.83 41.49 -34.27
N GLU C 285 -18.74 42.28 -33.20
CA GLU C 285 -18.77 43.77 -33.29
C GLU C 285 -17.51 44.23 -34.03
N LYS C 286 -16.33 43.76 -33.57
CA LYS C 286 -15.07 44.30 -34.06
C LYS C 286 -14.63 43.66 -35.37
N TYR C 287 -14.73 42.32 -35.50
CA TYR C 287 -14.13 41.61 -36.63
C TYR C 287 -15.18 41.07 -37.62
N GLY C 288 -16.47 41.17 -37.29
CA GLY C 288 -17.57 40.71 -38.13
C GLY C 288 -17.76 39.21 -38.11
N ILE C 289 -17.18 38.55 -37.09
CA ILE C 289 -17.27 37.08 -37.03
C ILE C 289 -18.59 36.68 -36.39
N PRO C 290 -19.45 35.90 -37.07
CA PRO C 290 -20.69 35.44 -36.44
C PRO C 290 -20.41 34.34 -35.43
N TRP C 291 -21.33 34.20 -34.48
CA TRP C 291 -21.23 33.13 -33.51
C TRP C 291 -22.57 32.43 -33.42
N MET C 292 -22.51 31.20 -32.92
CA MET C 292 -23.73 30.41 -32.74
C MET C 292 -23.55 29.47 -31.55
N GLU C 293 -24.65 29.24 -30.80
CA GLU C 293 -24.66 28.31 -29.70
C GLU C 293 -24.80 26.90 -30.25
N TYR C 294 -24.13 25.95 -29.61
CA TYR C 294 -24.32 24.55 -29.93
C TYR C 294 -24.32 23.69 -28.67
N ASN C 295 -24.59 22.38 -28.84
CA ASN C 295 -24.68 21.48 -27.72
C ASN C 295 -24.18 20.11 -28.18
N PHE C 296 -23.12 19.60 -27.53
CA PHE C 296 -22.56 18.32 -27.88
C PHE C 296 -22.81 17.30 -26.76
N PHE C 297 -23.90 17.43 -26.01
CA PHE C 297 -24.24 16.43 -25.03
C PHE C 297 -25.29 15.44 -25.59
N GLY C 298 -24.83 14.22 -25.89
CA GLY C 298 -25.68 13.15 -26.29
C GLY C 298 -25.87 13.17 -27.80
N PRO C 299 -26.32 12.05 -28.38
CA PRO C 299 -26.42 11.98 -29.85
C PRO C 299 -27.46 12.91 -30.44
N THR C 300 -28.65 13.02 -29.86
CA THR C 300 -29.69 13.92 -30.48
C THR C 300 -29.13 15.34 -30.65
N LYS C 301 -28.57 15.89 -29.57
CA LYS C 301 -28.07 17.29 -29.59
C LYS C 301 -26.84 17.37 -30.51
N THR C 302 -25.94 16.39 -30.44
CA THR C 302 -24.72 16.45 -31.22
C THR C 302 -25.09 16.45 -32.72
N ILE C 303 -25.99 15.57 -33.13
CA ILE C 303 -26.40 15.48 -34.54
C ILE C 303 -27.04 16.81 -34.97
N GLU C 304 -27.93 17.35 -34.16
CA GLU C 304 -28.60 18.64 -34.45
C GLU C 304 -27.55 19.76 -34.60
N SER C 305 -26.57 19.76 -33.71
CA SER C 305 -25.50 20.76 -33.71
C SER C 305 -24.61 20.63 -34.95
N LEU C 306 -24.18 19.42 -35.24
CA LEU C 306 -23.33 19.21 -36.47
C LEU C 306 -24.09 19.71 -37.70
N ARG C 307 -25.38 19.37 -37.82
CA ARG C 307 -26.14 19.79 -39.01
C ARG C 307 -26.25 21.31 -39.07
N ALA C 308 -26.55 21.95 -37.93
CA ALA C 308 -26.71 23.41 -37.91
C ALA C 308 -25.38 24.13 -38.21
N ILE C 309 -24.26 23.59 -37.74
CA ILE C 309 -22.99 24.15 -38.02
C ILE C 309 -22.71 24.00 -39.53
N ALA C 310 -22.84 22.79 -40.04
CA ALA C 310 -22.53 22.53 -41.45
C ALA C 310 -23.36 23.45 -42.34
N ALA C 311 -24.60 23.72 -41.97
CA ALA C 311 -25.46 24.60 -42.76
C ALA C 311 -24.86 25.99 -42.99
N LYS C 312 -23.90 26.41 -42.16
CA LYS C 312 -23.24 27.74 -42.30
C LYS C 312 -22.18 27.73 -43.39
N PHE C 313 -21.84 26.55 -43.93
CA PHE C 313 -20.73 26.38 -44.88
C PHE C 313 -21.38 25.94 -46.18
N ASP C 314 -20.65 25.18 -46.96
CA ASP C 314 -21.06 24.86 -48.29
C ASP C 314 -21.48 23.38 -48.34
N GLU C 315 -21.78 22.94 -49.56
CA GLU C 315 -22.28 21.61 -49.80
C GLU C 315 -21.25 20.54 -49.40
N SER C 316 -19.95 20.81 -49.53
CA SER C 316 -18.89 19.88 -49.26
C SER C 316 -18.91 19.55 -47.76
N ILE C 317 -19.17 20.57 -46.94
CA ILE C 317 -19.22 20.37 -45.46
C ILE C 317 -20.53 19.66 -45.06
N GLN C 318 -21.65 20.02 -45.70
CA GLN C 318 -22.93 19.38 -45.45
C GLN C 318 -22.81 17.88 -45.79
N LYS C 319 -22.14 17.55 -46.89
CA LYS C 319 -21.95 16.17 -47.26
C LYS C 319 -21.11 15.43 -46.22
N LYS C 320 -19.98 16.03 -45.81
CA LYS C 320 -19.13 15.41 -44.77
C LYS C 320 -19.92 15.26 -43.47
N CYS C 321 -20.74 16.25 -43.11
CA CYS C 321 -21.60 16.17 -41.92
C CYS C 321 -22.40 14.87 -41.91
N GLU C 322 -23.11 14.57 -43.02
CA GLU C 322 -23.91 13.32 -43.06
C GLU C 322 -23.00 12.09 -42.98
N GLU C 323 -21.78 12.17 -43.55
CA GLU C 323 -20.79 11.08 -43.45
C GLU C 323 -20.42 10.84 -41.97
N VAL C 324 -20.23 11.91 -41.22
CA VAL C 324 -19.88 11.79 -39.81
C VAL C 324 -21.03 11.16 -39.04
N ILE C 325 -22.26 11.63 -39.31
CA ILE C 325 -23.42 11.16 -38.61
C ILE C 325 -23.60 9.67 -38.91
N ALA C 326 -23.38 9.27 -40.18
CA ALA C 326 -23.52 7.86 -40.55
C ALA C 326 -22.46 6.99 -39.86
N LYS C 327 -21.23 7.52 -39.75
CA LYS C 327 -20.14 6.78 -39.16
C LYS C 327 -20.50 6.42 -37.71
N TYR C 328 -20.98 7.43 -36.96
CA TYR C 328 -21.13 7.22 -35.54
C TYR C 328 -22.49 6.62 -35.16
N LYS C 329 -23.44 6.56 -36.08
CA LYS C 329 -24.76 6.02 -35.82
C LYS C 329 -24.67 4.68 -35.14
N PRO C 330 -23.93 3.67 -35.67
CA PRO C 330 -23.98 2.37 -35.01
C PRO C 330 -23.38 2.40 -33.61
N GLU C 331 -22.46 3.32 -33.38
CA GLU C 331 -21.75 3.40 -32.12
C GLU C 331 -22.68 3.91 -31.02
N TRP C 332 -23.36 5.04 -31.28
CA TRP C 332 -24.25 5.55 -30.23
C TRP C 332 -25.50 4.69 -30.12
N GLU C 333 -25.91 4.05 -31.23
CA GLU C 333 -27.10 3.19 -31.15
C GLU C 333 -26.77 2.00 -30.24
N ALA C 334 -25.54 1.50 -30.31
CA ALA C 334 -25.12 0.36 -29.46
C ALA C 334 -25.13 0.80 -27.98
N VAL C 335 -24.67 2.04 -27.71
CA VAL C 335 -24.71 2.57 -26.34
C VAL C 335 -26.15 2.59 -25.81
N VAL C 336 -27.07 3.17 -26.62
CA VAL C 336 -28.47 3.25 -26.25
C VAL C 336 -29.02 1.84 -26.03
N ALA C 337 -28.72 0.92 -26.94
CA ALA C 337 -29.28 -0.40 -26.80
C ALA C 337 -28.86 -1.09 -25.50
N LYS C 338 -27.63 -0.85 -25.05
CA LYS C 338 -27.12 -1.46 -23.86
C LYS C 338 -27.66 -0.76 -22.62
N TYR C 339 -27.59 0.58 -22.59
CA TYR C 339 -27.84 1.27 -21.33
C TYR C 339 -29.25 1.80 -21.13
N ARG C 340 -29.96 2.16 -22.21
CA ARG C 340 -31.29 2.74 -22.03
C ARG C 340 -32.20 1.76 -21.29
N PRO C 341 -32.20 0.43 -21.54
CA PRO C 341 -33.08 -0.46 -20.77
C PRO C 341 -32.71 -0.49 -19.29
N ARG C 342 -31.46 -0.09 -18.96
CA ARG C 342 -31.04 -0.10 -17.61
C ARG C 342 -31.40 1.19 -16.86
N LEU C 343 -31.80 2.26 -17.59
CA LEU C 343 -32.02 3.57 -17.03
C LEU C 343 -33.41 4.14 -17.34
N GLU C 344 -34.18 3.48 -18.20
CA GLU C 344 -35.42 4.02 -18.70
C GLU C 344 -36.33 4.35 -17.52
N GLY C 345 -36.90 5.56 -17.54
CA GLY C 345 -37.83 6.00 -16.53
C GLY C 345 -37.20 6.61 -15.28
N LYS C 346 -35.88 6.50 -15.11
CA LYS C 346 -35.27 6.98 -13.89
C LYS C 346 -35.26 8.51 -13.93
N ARG C 347 -35.43 9.09 -12.75
N ARG C 347 -35.40 9.11 -12.74
CA ARG C 347 -35.65 10.49 -12.53
CA ARG C 347 -35.58 10.55 -12.55
C ARG C 347 -34.37 11.08 -11.97
C ARG C 347 -34.35 11.17 -11.89
N VAL C 348 -34.09 12.34 -12.35
N VAL C 348 -33.79 12.19 -12.55
CA VAL C 348 -32.82 12.95 -12.09
CA VAL C 348 -32.58 12.85 -12.04
C VAL C 348 -33.04 14.38 -11.60
C VAL C 348 -32.89 14.31 -11.67
N MET C 349 -32.27 14.78 -10.58
CA MET C 349 -32.25 16.21 -10.25
C MET C 349 -30.82 16.72 -10.43
N LEU C 350 -30.71 17.92 -11.03
CA LEU C 350 -29.39 18.51 -11.29
C LEU C 350 -29.24 19.80 -10.54
N TYR C 351 -27.99 20.13 -10.16
CA TYR C 351 -27.65 21.45 -9.71
C TYR C 351 -26.20 21.72 -10.06
N ILE C 352 -25.99 22.66 -10.98
CA ILE C 352 -24.66 22.92 -11.49
C ILE C 352 -24.51 24.44 -11.67
N GLY C 353 -23.63 24.92 -12.56
CA GLY C 353 -23.14 26.33 -12.50
C GLY C 353 -23.94 27.27 -13.38
N GLY C 354 -23.65 27.21 -14.67
CA GLY C 354 -24.17 28.21 -15.60
C GLY C 354 -24.60 27.67 -16.96
N LEU C 355 -24.38 26.37 -17.24
CA LEU C 355 -24.66 25.86 -18.59
C LEU C 355 -25.25 24.45 -18.49
N ARG C 356 -24.48 23.56 -17.86
CA ARG C 356 -24.81 22.11 -17.83
C ARG C 356 -26.20 21.81 -17.28
N PRO C 357 -26.77 22.57 -16.31
CA PRO C 357 -28.12 22.26 -15.80
C PRO C 357 -29.21 22.21 -16.89
N ARG C 358 -29.02 22.95 -17.99
CA ARG C 358 -29.93 22.71 -19.16
C ARG C 358 -29.26 21.86 -20.25
N HIS C 359 -27.94 21.97 -20.40
CA HIS C 359 -27.29 21.45 -21.59
C HIS C 359 -27.29 19.92 -21.62
N VAL C 360 -27.29 19.29 -20.44
CA VAL C 360 -27.19 17.80 -20.39
C VAL C 360 -28.54 17.12 -20.47
N ILE C 361 -29.63 17.88 -20.51
CA ILE C 361 -30.94 17.27 -20.38
C ILE C 361 -31.19 16.31 -21.56
N GLY C 362 -30.77 16.71 -22.75
CA GLY C 362 -30.97 15.85 -23.93
C GLY C 362 -30.29 14.50 -23.82
N ALA C 363 -29.07 14.48 -23.29
CA ALA C 363 -28.31 13.25 -23.09
C ALA C 363 -29.07 12.31 -22.14
N TYR C 364 -29.60 12.84 -21.06
CA TYR C 364 -30.42 12.07 -20.15
C TYR C 364 -31.60 11.47 -20.94
N GLU C 365 -32.24 12.32 -21.70
CA GLU C 365 -33.46 11.86 -22.44
C GLU C 365 -33.12 10.78 -23.47
N ASP C 366 -31.90 10.84 -24.02
CA ASP C 366 -31.41 9.81 -24.95
C ASP C 366 -31.23 8.44 -24.27
N LEU C 367 -31.23 8.41 -22.92
CA LEU C 367 -31.18 7.21 -22.15
C LEU C 367 -32.51 6.95 -21.45
N GLY C 368 -33.56 7.64 -21.87
CA GLY C 368 -34.88 7.42 -21.32
C GLY C 368 -35.11 7.99 -19.92
N MET C 369 -34.21 8.85 -19.45
N MET C 369 -34.19 8.83 -19.45
CA MET C 369 -34.26 9.40 -18.13
CA MET C 369 -34.27 9.40 -18.11
C MET C 369 -34.99 10.75 -18.16
C MET C 369 -35.00 10.74 -18.16
N GLU C 370 -35.54 11.15 -17.02
CA GLU C 370 -36.30 12.40 -16.93
C GLU C 370 -35.62 13.31 -15.90
N VAL C 371 -35.39 14.56 -16.31
CA VAL C 371 -34.85 15.55 -15.42
C VAL C 371 -36.02 16.25 -14.75
N VAL C 372 -36.21 15.98 -13.45
CA VAL C 372 -37.40 16.43 -12.74
C VAL C 372 -37.16 17.72 -11.96
N GLY C 373 -35.88 18.09 -11.82
CA GLY C 373 -35.52 19.35 -11.21
C GLY C 373 -34.17 19.77 -11.70
N THR C 374 -33.99 21.07 -11.89
CA THR C 374 -32.65 21.55 -12.30
C THR C 374 -32.47 22.97 -11.78
N GLY C 375 -31.22 23.43 -11.74
CA GLY C 375 -30.98 24.77 -11.29
C GLY C 375 -29.52 25.10 -11.43
N TYR C 376 -29.24 26.38 -11.21
CA TYR C 376 -27.96 26.91 -11.42
C TYR C 376 -27.50 27.69 -10.18
N GLU C 377 -26.19 27.65 -9.98
CA GLU C 377 -25.54 28.50 -9.01
C GLU C 377 -25.58 29.98 -9.44
N PHE C 378 -25.30 30.31 -10.71
CA PHE C 378 -24.99 31.73 -11.02
C PHE C 378 -25.49 32.18 -12.38
N ALA C 379 -26.41 31.40 -12.98
CA ALA C 379 -27.03 31.73 -14.29
C ALA C 379 -27.80 33.04 -14.23
N HIS C 380 -27.90 33.67 -15.41
CA HIS C 380 -28.74 34.87 -15.56
C HIS C 380 -30.10 34.51 -16.18
N ASN C 381 -31.00 35.51 -16.30
CA ASN C 381 -32.28 35.12 -16.85
C ASN C 381 -32.20 34.66 -18.31
N ASP C 382 -31.20 35.09 -19.09
CA ASP C 382 -31.11 34.59 -20.44
C ASP C 382 -30.82 33.07 -20.44
N ASP C 383 -30.15 32.58 -19.39
CA ASP C 383 -29.97 31.13 -19.25
C ASP C 383 -31.32 30.46 -18.92
N TYR C 384 -32.08 31.03 -17.98
CA TYR C 384 -33.38 30.45 -17.60
C TYR C 384 -34.32 30.48 -18.83
N ASP C 385 -34.21 31.52 -19.66
CA ASP C 385 -35.06 31.57 -20.87
C ASP C 385 -34.82 30.31 -21.68
N ARG C 386 -33.56 29.90 -21.76
CA ARG C 386 -33.19 28.76 -22.59
C ARG C 386 -33.55 27.44 -21.90
N THR C 387 -33.82 27.46 -20.58
CA THR C 387 -34.01 26.27 -19.80
C THR C 387 -35.49 25.85 -19.82
N MET C 388 -36.38 26.83 -19.71
CA MET C 388 -37.77 26.48 -19.46
C MET C 388 -38.33 25.62 -20.63
N LYS C 389 -37.88 25.82 -21.86
CA LYS C 389 -38.34 25.02 -22.99
C LYS C 389 -37.75 23.60 -22.97
N GLU C 390 -36.57 23.41 -22.33
CA GLU C 390 -35.89 22.12 -22.29
C GLU C 390 -36.43 21.23 -21.15
N MET C 391 -37.04 21.81 -20.12
CA MET C 391 -37.54 21.09 -18.97
C MET C 391 -39.04 20.81 -19.13
N GLY C 392 -39.50 19.74 -18.52
CA GLY C 392 -40.88 19.38 -18.61
C GLY C 392 -41.78 20.33 -17.84
N ASP C 393 -43.08 20.25 -18.17
CA ASP C 393 -44.05 20.96 -17.36
C ASP C 393 -44.04 20.50 -15.90
N SER C 394 -44.18 21.46 -14.96
CA SER C 394 -44.34 21.22 -13.52
C SER C 394 -43.09 20.63 -12.87
N THR C 395 -41.93 20.78 -13.53
CA THR C 395 -40.69 20.39 -12.87
C THR C 395 -40.21 21.56 -12.01
N LEU C 396 -39.24 21.28 -11.13
CA LEU C 396 -38.77 22.28 -10.16
C LEU C 396 -37.51 22.97 -10.69
N LEU C 397 -37.49 24.31 -10.62
CA LEU C 397 -36.32 25.15 -10.97
C LEU C 397 -35.85 25.87 -9.73
N TYR C 398 -34.53 25.92 -9.49
CA TYR C 398 -33.97 26.58 -8.30
C TYR C 398 -32.73 27.36 -8.72
N ASP C 399 -32.71 28.64 -8.36
CA ASP C 399 -31.56 29.53 -8.60
C ASP C 399 -30.81 29.75 -7.27
N ASP C 400 -29.49 29.58 -7.28
CA ASP C 400 -28.66 29.76 -6.07
C ASP C 400 -29.31 29.06 -4.86
N VAL C 401 -29.53 27.76 -5.03
CA VAL C 401 -30.20 26.94 -4.05
C VAL C 401 -29.37 26.91 -2.79
N THR C 402 -30.06 26.92 -1.65
CA THR C 402 -29.40 26.79 -0.36
C THR C 402 -29.22 25.32 -0.05
N GLY C 403 -28.27 25.00 0.81
CA GLY C 403 -28.09 23.63 1.12
C GLY C 403 -29.33 23.00 1.75
N TYR C 404 -29.99 23.77 2.66
CA TYR C 404 -31.23 23.33 3.30
C TYR C 404 -32.28 23.01 2.25
N GLU C 405 -32.51 23.92 1.31
CA GLU C 405 -33.53 23.77 0.26
C GLU C 405 -33.27 22.49 -0.53
N PHE C 406 -32.01 22.33 -0.98
CA PHE C 406 -31.68 21.22 -1.86
C PHE C 406 -31.95 19.90 -1.13
N GLU C 407 -31.53 19.77 0.13
CA GLU C 407 -31.82 18.59 0.90
C GLU C 407 -33.33 18.33 0.96
N GLU C 408 -34.10 19.37 1.29
CA GLU C 408 -35.54 19.17 1.58
C GLU C 408 -36.26 18.82 0.28
N PHE C 409 -35.84 19.46 -0.83
CA PHE C 409 -36.46 19.14 -2.10
C PHE C 409 -36.21 17.66 -2.45
N VAL C 410 -34.98 17.21 -2.25
CA VAL C 410 -34.63 15.83 -2.54
C VAL C 410 -35.42 14.86 -1.66
N LYS C 411 -35.57 15.16 -0.38
CA LYS C 411 -36.36 14.31 0.50
C LYS C 411 -37.79 14.12 -0.02
N ARG C 412 -38.41 15.14 -0.62
CA ARG C 412 -39.80 15.03 -1.08
C ARG C 412 -39.84 14.37 -2.45
N ILE C 413 -38.98 14.81 -3.37
CA ILE C 413 -39.04 14.37 -4.75
C ILE C 413 -38.46 12.95 -4.94
N LYS C 414 -37.49 12.54 -4.13
CA LYS C 414 -36.96 11.21 -4.14
C LYS C 414 -36.50 10.85 -5.56
N PRO C 415 -35.59 11.67 -6.13
CA PRO C 415 -35.03 11.33 -7.43
C PRO C 415 -34.22 10.02 -7.31
N ASP C 416 -34.02 9.35 -8.45
CA ASP C 416 -33.23 8.13 -8.57
C ASP C 416 -31.74 8.45 -8.62
N LEU C 417 -31.42 9.66 -9.05
CA LEU C 417 -30.01 10.10 -9.25
C LEU C 417 -29.97 11.61 -9.06
N ILE C 418 -28.85 12.11 -8.52
CA ILE C 418 -28.57 13.52 -8.43
C ILE C 418 -27.24 13.78 -9.13
N GLY C 419 -27.21 14.89 -9.87
CA GLY C 419 -26.01 15.34 -10.56
C GLY C 419 -25.64 16.73 -10.10
N SER C 420 -24.54 16.88 -9.33
CA SER C 420 -24.17 18.16 -8.77
C SER C 420 -22.66 18.18 -8.48
N GLY C 421 -22.22 18.94 -7.47
CA GLY C 421 -20.79 19.10 -7.26
C GLY C 421 -20.29 18.39 -6.02
N ILE C 422 -19.02 18.65 -5.68
CA ILE C 422 -18.31 17.98 -4.60
C ILE C 422 -18.87 18.34 -3.22
N LYS C 423 -19.40 19.53 -3.07
CA LYS C 423 -19.90 19.90 -1.75
C LYS C 423 -21.25 19.24 -1.50
N GLU C 424 -21.87 18.71 -2.55
CA GLU C 424 -23.21 18.04 -2.45
C GLU C 424 -23.07 16.52 -2.42
N LYS C 425 -22.06 15.99 -3.07
CA LYS C 425 -21.89 14.55 -3.33
C LYS C 425 -22.13 13.74 -2.05
N PHE C 426 -21.42 14.05 -0.97
CA PHE C 426 -21.37 13.07 0.14
C PHE C 426 -22.65 13.15 0.97
N ILE C 427 -23.35 14.28 0.90
CA ILE C 427 -24.63 14.40 1.57
C ILE C 427 -25.62 13.38 1.00
N PHE C 428 -25.77 13.39 -0.32
CA PHE C 428 -26.81 12.63 -0.98
C PHE C 428 -26.48 11.16 -0.96
N GLN C 429 -25.18 10.82 -1.02
CA GLN C 429 -24.83 9.41 -0.89
C GLN C 429 -25.29 8.84 0.48
N LYS C 430 -25.13 9.62 1.55
CA LYS C 430 -25.53 9.13 2.88
C LYS C 430 -27.04 8.94 2.95
N MET C 431 -27.76 9.70 2.14
CA MET C 431 -29.21 9.58 2.06
C MET C 431 -29.63 8.37 1.21
N GLY C 432 -28.67 7.67 0.59
CA GLY C 432 -28.98 6.50 -0.27
C GLY C 432 -29.39 6.87 -1.67
N ILE C 433 -29.04 8.09 -2.11
CA ILE C 433 -29.36 8.52 -3.45
C ILE C 433 -28.10 8.50 -4.29
N PRO C 434 -28.06 7.67 -5.34
CA PRO C 434 -26.94 7.68 -6.28
C PRO C 434 -26.60 9.10 -6.72
N PHE C 435 -25.28 9.40 -6.76
CA PHE C 435 -24.81 10.76 -7.05
C PHE C 435 -23.70 10.71 -8.10
N ARG C 436 -23.82 11.55 -9.12
CA ARG C 436 -22.74 11.75 -10.08
C ARG C 436 -22.31 13.22 -10.07
N GLU C 437 -20.98 13.39 -9.97
CA GLU C 437 -20.42 14.73 -10.10
C GLU C 437 -20.56 15.22 -11.53
N MET C 438 -21.24 16.39 -11.68
CA MET C 438 -21.50 16.88 -13.04
C MET C 438 -20.67 18.13 -13.29
N HIS C 439 -19.68 18.42 -12.44
CA HIS C 439 -18.59 19.36 -12.81
C HIS C 439 -17.37 18.56 -13.29
N SER C 440 -16.82 17.77 -12.36
CA SER C 440 -15.56 17.00 -12.56
C SER C 440 -15.76 15.69 -13.32
N TRP C 441 -17.01 15.34 -13.64
CA TRP C 441 -17.39 14.08 -14.16
C TRP C 441 -16.98 12.91 -13.27
N ASP C 442 -16.78 13.14 -11.97
CA ASP C 442 -16.37 12.11 -11.04
C ASP C 442 -15.09 11.42 -11.55
N TYR C 443 -14.19 12.23 -12.14
CA TYR C 443 -12.87 11.80 -12.53
C TYR C 443 -12.91 10.87 -13.75
N SER C 444 -14.03 10.98 -14.50
CA SER C 444 -14.32 10.23 -15.67
C SER C 444 -14.45 11.20 -16.87
N GLY C 445 -15.18 10.79 -17.89
CA GLY C 445 -15.27 11.59 -19.09
C GLY C 445 -14.17 11.27 -20.08
N PRO C 446 -14.22 11.89 -21.27
CA PRO C 446 -15.12 13.01 -21.60
C PRO C 446 -16.61 12.66 -21.69
N TYR C 447 -17.48 13.68 -21.61
CA TYR C 447 -18.90 13.47 -21.86
C TYR C 447 -19.34 14.12 -23.16
N HIS C 448 -18.58 15.04 -23.75
CA HIS C 448 -19.01 15.68 -25.01
C HIS C 448 -18.84 14.73 -26.19
N GLY C 449 -19.72 14.88 -27.18
CA GLY C 449 -19.57 14.20 -28.49
C GLY C 449 -20.07 12.78 -28.42
N PHE C 450 -19.87 12.04 -29.52
CA PHE C 450 -20.27 10.67 -29.56
C PHE C 450 -19.43 9.80 -28.62
N ASP C 451 -18.13 10.04 -28.56
CA ASP C 451 -17.28 9.20 -27.72
C ASP C 451 -17.57 9.50 -26.25
N GLY C 452 -17.93 10.74 -25.94
CA GLY C 452 -18.29 11.10 -24.62
C GLY C 452 -19.61 10.51 -24.18
N PHE C 453 -20.56 10.36 -25.08
CA PHE C 453 -21.89 9.81 -24.69
C PHE C 453 -21.73 8.38 -24.17
N ALA C 454 -20.83 7.60 -24.77
CA ALA C 454 -20.63 6.20 -24.32
C ALA C 454 -20.19 6.19 -22.83
N ILE C 455 -19.27 7.09 -22.50
CA ILE C 455 -18.73 7.18 -21.14
C ILE C 455 -19.80 7.72 -20.17
N PHE C 456 -20.55 8.72 -20.62
CA PHE C 456 -21.68 9.26 -19.81
C PHE C 456 -22.66 8.12 -19.45
N ALA C 457 -23.07 7.38 -20.46
CA ALA C 457 -24.05 6.30 -20.26
C ALA C 457 -23.50 5.25 -19.30
N ARG C 458 -22.25 4.83 -19.53
CA ARG C 458 -21.60 3.85 -18.67
C ARG C 458 -21.63 4.35 -17.21
N ASP C 459 -21.28 5.63 -17.04
CA ASP C 459 -21.18 6.23 -15.74
C ASP C 459 -22.53 6.33 -15.03
N MET C 460 -23.57 6.83 -15.72
CA MET C 460 -24.85 6.97 -15.05
C MET C 460 -25.32 5.57 -14.63
N ASP C 461 -25.13 4.56 -15.48
CA ASP C 461 -25.52 3.18 -15.16
C ASP C 461 -24.73 2.60 -13.99
N MET C 462 -23.42 2.81 -13.95
CA MET C 462 -22.58 2.13 -12.97
C MET C 462 -22.97 2.65 -11.58
N THR C 463 -23.36 3.92 -11.52
CA THR C 463 -23.72 4.54 -10.23
C THR C 463 -25.18 4.25 -9.90
N LEU C 464 -26.10 4.59 -10.80
CA LEU C 464 -27.52 4.41 -10.44
C LEU C 464 -27.82 2.96 -10.07
N ASN C 465 -27.26 2.00 -10.80
CA ASN C 465 -27.58 0.57 -10.63
C ASN C 465 -26.58 -0.15 -9.75
N ASN C 466 -25.73 0.60 -9.03
CA ASN C 466 -24.65 -0.06 -8.30
C ASN C 466 -25.21 -0.91 -7.16
N PRO C 467 -24.62 -2.07 -6.84
CA PRO C 467 -25.13 -2.87 -5.71
C PRO C 467 -25.06 -2.19 -4.33
N CYS C 468 -24.26 -1.14 -4.18
CA CYS C 468 -24.13 -0.56 -2.86
C CYS C 468 -25.46 0.03 -2.38
N TRP C 469 -26.32 0.52 -3.26
CA TRP C 469 -27.48 1.30 -2.83
C TRP C 469 -28.56 0.44 -2.18
N LYS C 470 -28.43 -0.86 -2.32
CA LYS C 470 -29.42 -1.74 -1.69
C LYS C 470 -29.00 -2.07 -0.26
N LYS C 471 -27.87 -1.52 0.21
N LYS C 471 -27.86 -1.55 0.21
CA LYS C 471 -27.21 -2.01 1.42
CA LYS C 471 -27.28 -2.07 1.45
C LYS C 471 -27.28 -1.00 2.58
C LYS C 471 -27.26 -1.00 2.57
N LEU C 472 -27.91 0.16 2.38
CA LEU C 472 -27.87 1.18 3.42
C LEU C 472 -28.66 0.76 4.67
N GLN C 473 -29.73 0.00 4.51
CA GLN C 473 -30.52 -0.36 5.69
C GLN C 473 -29.97 -1.67 6.27
N ALA C 474 -29.58 -1.63 7.53
CA ALA C 474 -29.19 -2.84 8.25
C ALA C 474 -30.38 -3.79 8.29
N PRO C 475 -30.16 -5.08 8.04
CA PRO C 475 -31.29 -6.02 8.06
C PRO C 475 -31.92 -6.19 9.45
N TRP C 476 -31.35 -5.63 10.53
CA TRP C 476 -32.00 -5.71 11.87
C TRP C 476 -32.75 -4.42 12.24
N GLU C 477 -32.86 -3.48 11.31
CA GLU C 477 -33.69 -2.25 11.48
C GLU C 477 -34.81 -2.20 10.45
N SER D 1 -13.70 7.03 -31.67
CA SER D 1 -14.66 5.89 -31.74
C SER D 1 -14.68 5.17 -30.41
N GLN D 2 -15.77 4.45 -30.12
CA GLN D 2 -15.82 3.61 -28.99
C GLN D 2 -16.35 2.23 -29.41
N GLN D 3 -15.86 1.20 -28.72
CA GLN D 3 -16.46 -0.19 -28.81
C GLN D 3 -17.31 -0.37 -27.55
N VAL D 4 -18.58 -0.69 -27.69
CA VAL D 4 -19.50 -0.56 -26.60
C VAL D 4 -19.19 -1.52 -25.45
N ASP D 5 -18.54 -2.67 -25.70
CA ASP D 5 -18.31 -3.59 -24.59
C ASP D 5 -16.96 -3.30 -23.88
N LYS D 6 -16.17 -2.33 -24.37
CA LYS D 6 -14.93 -1.92 -23.70
C LYS D 6 -14.75 -0.41 -23.96
N ILE D 7 -15.58 0.37 -23.27
CA ILE D 7 -15.55 1.85 -23.40
C ILE D 7 -14.28 2.41 -22.74
N LYS D 8 -13.66 3.31 -23.49
CA LYS D 8 -12.43 4.01 -23.00
C LYS D 8 -12.77 5.42 -22.51
N ALA D 9 -12.37 5.70 -21.27
CA ALA D 9 -12.32 7.06 -20.77
C ALA D 9 -11.05 7.74 -21.27
N SER D 10 -10.91 9.05 -20.91
CA SER D 10 -9.86 9.92 -21.46
C SER D 10 -8.55 9.16 -21.60
N TYR D 11 -8.11 8.50 -20.50
CA TYR D 11 -7.05 7.47 -20.61
C TYR D 11 -7.73 6.09 -20.70
N PRO D 12 -7.59 5.39 -21.83
CA PRO D 12 -6.66 5.57 -22.91
C PRO D 12 -7.24 6.07 -24.24
N LEU D 13 -8.48 6.60 -24.22
CA LEU D 13 -9.16 7.06 -25.44
C LEU D 13 -8.22 7.91 -26.30
N PHE D 14 -7.58 8.93 -25.72
CA PHE D 14 -6.88 9.93 -26.49
C PHE D 14 -5.53 9.41 -26.97
N LEU D 15 -5.17 8.15 -26.67
CA LEU D 15 -4.03 7.51 -27.31
C LEU D 15 -4.44 6.85 -28.63
N ASP D 16 -5.73 6.71 -28.96
CA ASP D 16 -6.12 6.21 -30.29
C ASP D 16 -5.42 7.05 -31.38
N GLN D 17 -5.08 6.42 -32.51
CA GLN D 17 -4.35 7.11 -33.59
C GLN D 17 -5.08 8.35 -34.05
N ASP D 18 -6.41 8.30 -34.17
CA ASP D 18 -7.10 9.44 -34.74
C ASP D 18 -6.98 10.65 -33.78
N TYR D 19 -7.07 10.44 -32.45
CA TYR D 19 -6.88 11.54 -31.54
C TYR D 19 -5.43 11.99 -31.55
N LYS D 20 -4.49 11.06 -31.61
CA LYS D 20 -3.09 11.46 -31.62
C LYS D 20 -2.80 12.38 -32.83
N ASP D 21 -3.30 12.02 -34.01
CA ASP D 21 -3.06 12.74 -35.22
C ASP D 21 -3.71 14.12 -35.11
N MET D 22 -4.94 14.15 -34.54
N MET D 22 -4.94 14.16 -34.56
CA MET D 22 -5.67 15.39 -34.39
CA MET D 22 -5.65 15.42 -34.44
C MET D 22 -4.87 16.35 -33.51
C MET D 22 -4.87 16.36 -33.51
N LEU D 23 -4.34 15.81 -32.40
CA LEU D 23 -3.61 16.63 -31.40
C LEU D 23 -2.28 17.13 -31.99
N ALA D 24 -1.65 16.33 -32.84
CA ALA D 24 -0.45 16.78 -33.51
C ALA D 24 -0.78 17.93 -34.45
N LYS D 25 -1.91 17.86 -35.19
CA LYS D 25 -2.32 18.89 -36.08
C LYS D 25 -2.64 20.18 -35.34
N LYS D 26 -3.27 20.06 -34.15
CA LYS D 26 -3.61 21.27 -33.39
C LYS D 26 -2.30 21.96 -32.99
N ARG D 27 -1.37 21.15 -32.48
CA ARG D 27 -0.08 21.70 -32.04
C ARG D 27 0.63 22.41 -33.20
N ASP D 28 0.84 21.69 -34.29
CA ASP D 28 1.62 22.25 -35.39
C ASP D 28 0.91 23.41 -36.05
N GLY D 29 -0.43 23.38 -36.14
CA GLY D 29 -1.18 24.46 -36.81
C GLY D 29 -1.21 25.76 -36.04
N PHE D 30 -1.45 25.68 -34.70
CA PHE D 30 -2.01 26.82 -34.01
C PHE D 30 -1.32 27.10 -32.68
N GLU D 31 -0.50 26.21 -32.15
CA GLU D 31 -0.01 26.43 -30.76
C GLU D 31 1.35 27.15 -30.72
N GLU D 32 2.05 27.23 -31.85
CA GLU D 32 3.35 27.91 -31.89
C GLU D 32 4.23 27.44 -30.75
N LYS D 33 4.33 26.12 -30.64
CA LYS D 33 4.95 25.47 -29.52
C LYS D 33 6.48 25.54 -29.63
N TYR D 34 7.20 25.72 -28.51
CA TYR D 34 8.65 25.57 -28.51
C TYR D 34 9.00 24.19 -29.05
N PRO D 35 10.08 24.08 -29.84
CA PRO D 35 10.51 22.79 -30.38
C PRO D 35 10.81 21.83 -29.22
N GLN D 36 10.57 20.55 -29.46
CA GLN D 36 10.82 19.55 -28.44
C GLN D 36 12.26 19.57 -27.92
N ASP D 37 13.26 19.82 -28.79
CA ASP D 37 14.63 19.88 -28.31
C ASP D 37 14.85 21.00 -27.30
N LYS D 38 14.17 22.14 -27.44
CA LYS D 38 14.30 23.20 -26.52
C LYS D 38 13.56 22.87 -25.23
N ILE D 39 12.39 22.22 -25.37
CA ILE D 39 11.70 21.79 -24.10
C ILE D 39 12.62 20.86 -23.32
N ASP D 40 13.24 19.90 -24.01
CA ASP D 40 14.13 18.98 -23.36
C ASP D 40 15.32 19.68 -22.70
N GLU D 41 15.89 20.69 -23.40
CA GLU D 41 17.03 21.43 -22.90
C GLU D 41 16.63 22.16 -21.60
N VAL D 42 15.49 22.85 -21.64
CA VAL D 42 15.09 23.58 -20.48
C VAL D 42 14.75 22.61 -19.32
N PHE D 43 14.02 21.54 -19.59
CA PHE D 43 13.75 20.53 -18.56
C PHE D 43 15.06 20.11 -17.88
N GLN D 44 16.04 19.72 -18.66
CA GLN D 44 17.31 19.26 -18.10
C GLN D 44 17.91 20.35 -17.19
N TRP D 45 17.86 21.61 -17.64
CA TRP D 45 18.40 22.73 -16.89
C TRP D 45 17.70 22.87 -15.53
N THR D 46 16.38 22.63 -15.51
CA THR D 46 15.63 22.73 -14.24
C THR D 46 15.98 21.63 -13.22
N THR D 47 16.81 20.66 -13.56
CA THR D 47 17.24 19.57 -12.68
C THR D 47 18.62 19.85 -12.12
N THR D 48 19.22 20.98 -12.51
CA THR D 48 20.65 21.23 -12.21
C THR D 48 20.84 21.99 -10.89
N LYS D 49 22.08 21.93 -10.36
CA LYS D 49 22.50 22.73 -9.26
C LYS D 49 22.45 24.23 -9.60
N GLU D 50 22.80 24.60 -10.84
CA GLU D 50 22.76 26.01 -11.25
C GLU D 50 21.33 26.55 -11.11
N TYR D 51 20.37 25.76 -11.59
CA TYR D 51 19.00 26.16 -11.48
C TYR D 51 18.58 26.21 -10.02
N GLN D 52 18.98 25.21 -9.25
CA GLN D 52 18.63 25.19 -7.82
C GLN D 52 19.08 26.50 -7.13
N GLU D 53 20.30 26.98 -7.46
CA GLU D 53 20.80 28.20 -6.80
C GLU D 53 19.89 29.40 -7.12
N LEU D 54 19.46 29.51 -8.39
CA LEU D 54 18.58 30.58 -8.76
C LEU D 54 17.25 30.44 -8.01
N ASN D 55 16.76 29.19 -7.99
CA ASN D 55 15.47 28.86 -7.36
C ASN D 55 15.48 29.35 -5.91
N PHE D 56 16.56 29.06 -5.17
CA PHE D 56 16.61 29.35 -3.76
C PHE D 56 16.89 30.84 -3.51
N GLN D 57 17.18 31.61 -4.55
CA GLN D 57 17.31 33.11 -4.46
C GLN D 57 15.94 33.79 -4.56
N ARG D 58 14.85 33.04 -4.78
CA ARG D 58 13.56 33.70 -4.89
C ARG D 58 13.23 34.46 -3.59
N GLU D 59 12.70 35.69 -3.75
CA GLU D 59 12.20 36.51 -2.64
C GLU D 59 10.72 36.89 -2.79
N ALA D 60 10.17 36.94 -3.99
CA ALA D 60 8.83 37.44 -4.23
C ALA D 60 7.88 36.34 -4.74
N LEU D 61 8.41 35.42 -5.54
CA LEU D 61 7.58 34.37 -6.17
C LEU D 61 7.56 33.14 -5.27
N THR D 62 6.33 32.61 -5.04
CA THR D 62 6.10 31.29 -4.42
C THR D 62 5.49 30.37 -5.50
N VAL D 63 6.00 29.13 -5.56
CA VAL D 63 5.53 28.15 -6.52
C VAL D 63 5.22 26.86 -5.75
N ASN D 64 4.00 26.36 -5.90
CA ASN D 64 3.60 25.09 -5.30
C ASN D 64 3.79 25.12 -3.79
N PRO D 65 3.10 26.02 -3.09
CA PRO D 65 3.21 26.11 -1.64
C PRO D 65 2.80 24.83 -0.93
N ALA D 66 3.32 24.68 0.31
CA ALA D 66 2.96 23.57 1.16
C ALA D 66 2.33 24.11 2.44
N LYS D 67 1.30 24.95 2.23
CA LYS D 67 0.52 25.51 3.32
C LYS D 67 -0.78 26.10 2.73
N ALA D 68 -1.74 26.35 3.63
CA ALA D 68 -2.96 27.04 3.24
C ALA D 68 -3.18 28.22 4.19
N CYS D 69 -4.40 28.82 4.13
CA CYS D 69 -4.63 30.09 4.85
C CYS D 69 -5.41 29.83 6.14
N GLN D 70 -5.28 30.79 7.06
CA GLN D 70 -5.84 30.68 8.41
C GLN D 70 -7.26 30.15 8.53
N PRO D 71 -8.26 30.73 7.84
CA PRO D 71 -9.63 30.32 8.11
C PRO D 71 -9.88 28.83 7.83
N LEU D 72 -9.14 28.21 6.89
CA LEU D 72 -9.28 26.75 6.77
C LEU D 72 -9.12 26.03 8.13
N GLY D 73 -8.09 26.40 8.91
CA GLY D 73 -7.85 25.89 10.24
C GLY D 73 -8.94 26.24 11.22
N ALA D 74 -9.44 27.49 11.16
CA ALA D 74 -10.54 27.85 12.05
C ALA D 74 -11.75 26.96 11.81
N VAL D 75 -12.08 26.69 10.54
CA VAL D 75 -13.20 25.87 10.22
C VAL D 75 -13.03 24.45 10.81
N LEU D 76 -11.84 23.85 10.63
CA LEU D 76 -11.64 22.50 11.14
C LEU D 76 -11.79 22.51 12.67
N CYS D 77 -11.21 23.49 13.34
CA CYS D 77 -11.35 23.62 14.81
C CYS D 77 -12.82 23.65 15.20
N ALA D 78 -13.57 24.53 14.56
CA ALA D 78 -14.97 24.71 14.89
C ALA D 78 -15.79 23.44 14.67
N LEU D 79 -15.46 22.65 13.65
CA LEU D 79 -16.22 21.43 13.37
C LEU D 79 -16.14 20.44 14.53
N GLY D 80 -15.12 20.60 15.40
CA GLY D 80 -14.88 19.69 16.47
C GLY D 80 -15.78 19.91 17.70
N PHE D 81 -16.68 20.88 17.62
CA PHE D 81 -17.56 21.20 18.79
C PHE D 81 -18.98 20.77 18.49
N GLU D 82 -19.67 20.29 19.55
CA GLU D 82 -20.97 19.76 19.42
C GLU D 82 -21.94 20.75 18.75
N LYS D 83 -22.68 20.25 17.75
CA LYS D 83 -23.69 20.98 17.04
C LYS D 83 -23.21 22.40 16.71
N THR D 84 -21.97 22.53 16.23
CA THR D 84 -21.41 23.85 15.98
C THR D 84 -21.33 24.05 14.47
N MET D 85 -21.77 25.23 14.03
CA MET D 85 -21.63 25.64 12.64
C MET D 85 -20.43 26.56 12.52
N PRO D 86 -19.39 26.20 11.74
CA PRO D 86 -18.37 27.16 11.37
C PRO D 86 -19.00 28.23 10.49
N TYR D 87 -18.61 29.47 10.78
CA TYR D 87 -19.17 30.65 10.12
C TYR D 87 -17.98 31.55 9.77
N VAL D 88 -17.76 31.84 8.49
CA VAL D 88 -16.67 32.67 8.15
C VAL D 88 -17.24 34.01 7.69
N HIS D 89 -16.95 35.06 8.45
CA HIS D 89 -17.38 36.42 8.15
C HIS D 89 -16.50 36.93 7.01
N GLY D 90 -17.12 37.40 5.91
CA GLY D 90 -16.40 37.85 4.72
C GLY D 90 -17.02 37.30 3.47
N SER D 91 -16.12 36.88 2.57
CA SER D 91 -16.43 36.58 1.17
C SER D 91 -16.81 35.12 1.02
N GLN D 92 -17.86 34.84 0.25
CA GLN D 92 -18.36 33.43 0.14
C GLN D 92 -17.43 32.53 -0.67
N GLY D 93 -16.66 33.08 -1.60
CA GLY D 93 -15.78 32.25 -2.45
C GLY D 93 -14.85 31.44 -1.58
N CYS D 94 -14.42 32.01 -0.47
CA CYS D 94 -13.52 31.34 0.45
C CYS D 94 -14.14 30.04 0.97
N VAL D 95 -15.41 30.14 1.43
CA VAL D 95 -16.11 29.00 2.04
C VAL D 95 -16.34 27.89 1.01
N ALA D 96 -16.65 28.22 -0.22
CA ALA D 96 -16.74 27.17 -1.27
C ALA D 96 -15.42 26.38 -1.35
N TYR D 97 -14.28 27.08 -1.32
CA TYR D 97 -13.00 26.44 -1.39
C TYR D 97 -12.70 25.65 -0.11
N PHE D 98 -12.99 26.17 1.10
CA PHE D 98 -12.65 25.44 2.30
C PHE D 98 -13.40 24.11 2.35
N ARG D 99 -14.70 24.19 2.06
CA ARG D 99 -15.55 22.97 2.06
C ARG D 99 -15.05 21.95 1.05
N SER D 100 -14.77 22.40 -0.20
CA SER D 100 -14.34 21.49 -1.24
C SER D 100 -13.00 20.84 -0.85
N TYR D 101 -12.08 21.60 -0.30
CA TYR D 101 -10.76 21.09 0.09
C TYR D 101 -10.91 19.97 1.10
N PHE D 102 -11.70 20.19 2.17
CA PHE D 102 -11.92 19.16 3.13
C PHE D 102 -12.80 18.02 2.56
N ASN D 103 -13.79 18.35 1.72
CA ASN D 103 -14.64 17.32 1.12
C ASN D 103 -13.71 16.29 0.42
N ARG D 104 -12.73 16.78 -0.31
CA ARG D 104 -11.86 15.90 -1.14
C ARG D 104 -10.94 15.04 -0.29
N HIS D 105 -10.51 15.53 0.89
CA HIS D 105 -9.61 14.80 1.73
C HIS D 105 -10.38 13.76 2.54
N PHE D 106 -11.52 14.16 3.13
CA PHE D 106 -12.26 13.25 4.01
C PHE D 106 -13.32 12.40 3.29
N ARG D 107 -13.68 12.81 2.07
CA ARG D 107 -14.81 12.17 1.31
C ARG D 107 -16.04 12.16 2.21
N GLU D 108 -16.35 13.33 2.76
CA GLU D 108 -17.46 13.54 3.64
C GLU D 108 -18.05 14.90 3.40
N PRO D 109 -19.30 15.15 3.83
CA PRO D 109 -19.85 16.51 3.79
C PRO D 109 -19.05 17.38 4.77
N VAL D 110 -18.98 18.67 4.48
CA VAL D 110 -18.29 19.65 5.32
C VAL D 110 -19.19 20.87 5.35
N SER D 111 -19.75 21.14 6.52
CA SER D 111 -20.77 22.23 6.65
C SER D 111 -20.06 23.47 7.20
N CYS D 112 -20.30 24.57 6.52
CA CYS D 112 -19.66 25.85 6.79
C CYS D 112 -20.52 26.89 6.07
N VAL D 113 -20.74 28.03 6.71
CA VAL D 113 -21.48 29.15 6.07
C VAL D 113 -20.60 30.39 6.01
N SER D 114 -21.03 31.31 5.12
CA SER D 114 -20.49 32.58 4.86
C SER D 114 -21.58 33.58 5.20
N ASP D 115 -21.20 34.84 5.43
CA ASP D 115 -22.24 35.85 5.42
C ASP D 115 -22.13 36.75 4.18
N SER D 116 -21.46 36.30 3.14
CA SER D 116 -21.59 36.80 1.78
C SER D 116 -21.43 38.30 1.70
N MET D 117 -20.34 38.83 2.26
CA MET D 117 -20.02 40.24 2.07
C MET D 117 -19.60 40.46 0.60
N THR D 118 -20.03 41.59 0.06
CA THR D 118 -19.73 42.00 -1.27
C THR D 118 -19.00 43.35 -1.24
N GLU D 119 -18.78 43.86 -2.45
CA GLU D 119 -18.06 45.08 -2.58
C GLU D 119 -18.72 46.24 -1.81
N ASP D 120 -20.04 46.21 -1.69
CA ASP D 120 -20.76 47.28 -1.04
C ASP D 120 -20.28 47.43 0.41
N ALA D 121 -19.91 46.32 1.06
CA ALA D 121 -19.48 46.37 2.46
C ALA D 121 -18.20 47.18 2.71
N ALA D 122 -17.43 47.54 1.67
CA ALA D 122 -16.24 48.33 1.82
C ALA D 122 -16.59 49.75 2.34
N VAL D 123 -17.83 50.21 2.09
CA VAL D 123 -18.19 51.56 2.48
C VAL D 123 -18.45 51.53 3.98
N PHE D 124 -19.30 50.57 4.33
CA PHE D 124 -20.09 50.61 5.50
C PHE D 124 -19.69 49.48 6.46
N GLY D 125 -18.79 48.55 6.04
CA GLY D 125 -18.42 47.34 6.80
C GLY D 125 -19.48 46.26 6.75
N GLY D 126 -19.21 45.12 7.40
CA GLY D 126 -20.06 43.96 7.27
C GLY D 126 -20.99 43.74 8.45
N GLN D 127 -21.39 44.80 9.20
CA GLN D 127 -22.23 44.59 10.39
C GLN D 127 -23.59 43.97 9.99
N GLN D 128 -24.20 44.44 8.92
CA GLN D 128 -25.56 43.94 8.55
C GLN D 128 -25.46 42.48 8.08
N ASN D 129 -24.38 42.17 7.38
CA ASN D 129 -24.13 40.77 7.00
C ASN D 129 -24.07 39.86 8.23
N MET D 130 -23.41 40.32 9.28
CA MET D 130 -23.31 39.55 10.53
C MET D 130 -24.68 39.35 11.17
N LYS D 131 -25.50 40.43 11.20
CA LYS D 131 -26.81 40.36 11.87
C LYS D 131 -27.70 39.34 11.15
N ASP D 132 -27.90 39.56 9.85
CA ASP D 132 -28.76 38.67 9.11
C ASP D 132 -28.13 37.26 9.02
N GLY D 133 -26.81 37.22 8.81
CA GLY D 133 -26.09 35.91 8.70
C GLY D 133 -26.31 35.02 9.90
N LEU D 134 -26.12 35.59 11.10
CA LEU D 134 -26.28 34.83 12.34
C LEU D 134 -27.73 34.40 12.47
N GLN D 135 -28.68 35.34 12.25
CA GLN D 135 -30.09 34.98 12.35
C GLN D 135 -30.46 33.83 11.41
N ASN D 136 -30.06 34.00 10.14
CA ASN D 136 -30.40 33.09 9.10
C ASN D 136 -29.78 31.71 9.36
N CYS D 137 -28.51 31.70 9.76
CA CYS D 137 -27.81 30.44 10.04
C CYS D 137 -28.48 29.70 11.19
N LYS D 138 -28.75 30.40 12.29
CA LYS D 138 -29.36 29.79 13.44
C LYS D 138 -30.74 29.19 13.08
N ALA D 139 -31.58 29.95 12.40
CA ALA D 139 -32.89 29.47 11.98
C ALA D 139 -32.86 28.26 11.06
N THR D 140 -31.97 28.28 10.07
CA THR D 140 -32.02 27.35 8.95
C THR D 140 -31.39 26.01 9.36
N TYR D 141 -30.22 26.10 9.95
CA TYR D 141 -29.35 24.92 10.21
C TYR D 141 -29.39 24.53 11.69
N LYS D 142 -30.05 25.32 12.57
CA LYS D 142 -30.27 24.95 14.00
C LYS D 142 -29.02 24.43 14.70
N PRO D 143 -27.88 25.12 14.59
CA PRO D 143 -26.72 24.83 15.43
C PRO D 143 -26.97 25.27 16.87
N ASP D 144 -26.27 24.66 17.80
CA ASP D 144 -26.27 25.13 19.19
C ASP D 144 -25.16 26.15 19.46
N MET D 145 -24.21 26.35 18.55
CA MET D 145 -23.14 27.28 18.66
C MET D 145 -22.73 27.67 17.24
N ILE D 146 -22.38 28.93 17.05
CA ILE D 146 -21.80 29.42 15.79
C ILE D 146 -20.43 29.95 16.12
N ALA D 147 -19.38 29.44 15.43
CA ALA D 147 -18.01 29.83 15.72
C ALA D 147 -17.50 30.65 14.53
N VAL D 148 -17.19 31.91 14.78
CA VAL D 148 -16.98 32.88 13.70
C VAL D 148 -15.50 33.10 13.50
N SER D 149 -15.06 33.05 12.25
CA SER D 149 -13.73 33.44 11.78
C SER D 149 -13.87 34.44 10.63
N THR D 150 -12.77 34.82 9.98
CA THR D 150 -12.84 35.86 8.97
C THR D 150 -12.06 35.48 7.71
N THR D 151 -12.53 36.06 6.60
CA THR D 151 -11.78 36.08 5.36
C THR D 151 -11.01 37.39 5.21
N CYS D 152 -10.08 37.41 4.24
CA CYS D 152 -9.10 38.46 4.17
C CYS D 152 -9.79 39.80 3.82
N MET D 153 -10.91 39.77 3.11
CA MET D 153 -11.65 41.04 2.83
C MET D 153 -12.05 41.68 4.16
N ALA D 154 -12.59 40.90 5.07
CA ALA D 154 -13.12 41.41 6.30
C ALA D 154 -11.99 41.95 7.17
N GLU D 155 -10.83 41.29 7.11
CA GLU D 155 -9.65 41.77 7.84
C GLU D 155 -9.10 43.07 7.26
N VAL D 156 -9.00 43.18 5.93
CA VAL D 156 -8.45 44.37 5.36
C VAL D 156 -9.38 45.57 5.62
N ILE D 157 -10.69 45.40 5.49
CA ILE D 157 -11.57 46.55 5.76
C ILE D 157 -11.72 46.81 7.26
N GLY D 158 -11.31 45.89 8.12
CA GLY D 158 -11.18 46.20 9.57
C GLY D 158 -12.42 45.94 10.41
N ASP D 159 -13.30 45.01 10.01
CA ASP D 159 -14.52 44.72 10.71
C ASP D 159 -14.19 44.23 12.13
N ASP D 160 -14.86 44.83 13.13
CA ASP D 160 -14.66 44.45 14.54
C ASP D 160 -15.67 43.36 14.90
N LEU D 161 -15.25 42.07 14.85
CA LEU D 161 -16.13 40.95 15.05
C LEU D 161 -16.86 41.07 16.40
N ASN D 162 -16.09 41.37 17.44
CA ASN D 162 -16.62 41.48 18.79
C ASN D 162 -17.79 42.48 18.80
N ALA D 163 -17.59 43.69 18.27
CA ALA D 163 -18.65 44.70 18.27
C ALA D 163 -19.80 44.22 17.42
N PHE D 164 -19.50 43.59 16.28
CA PHE D 164 -20.58 43.19 15.40
C PHE D 164 -21.48 42.11 16.01
N ILE D 165 -20.87 41.17 16.72
CA ILE D 165 -21.62 40.10 17.33
C ILE D 165 -22.43 40.67 18.48
N ASN D 166 -21.79 41.50 19.28
CA ASN D 166 -22.48 42.19 20.40
C ASN D 166 -23.70 42.97 19.92
N ASN D 167 -23.55 43.69 18.80
CA ASN D 167 -24.66 44.47 18.21
C ASN D 167 -25.76 43.52 17.70
N SER D 168 -25.38 42.32 17.17
CA SER D 168 -26.34 41.35 16.72
C SER D 168 -27.26 40.87 17.86
N LYS D 169 -26.64 40.62 19.02
CA LYS D 169 -27.37 40.26 20.20
C LYS D 169 -28.18 41.46 20.73
N LYS D 170 -27.58 42.63 20.78
CA LYS D 170 -28.30 43.87 21.31
C LYS D 170 -29.60 44.05 20.51
N GLU D 171 -29.53 43.89 19.18
N GLU D 171 -29.55 43.86 19.19
CA GLU D 171 -30.66 44.21 18.32
CA GLU D 171 -30.69 44.19 18.35
C GLU D 171 -31.56 42.98 18.07
C GLU D 171 -31.58 42.98 18.08
N GLY D 172 -31.32 41.86 18.77
CA GLY D 172 -32.26 40.70 18.78
C GLY D 172 -32.16 39.73 17.60
N PHE D 173 -31.09 39.80 16.80
CA PHE D 173 -30.89 38.90 15.66
C PHE D 173 -30.59 37.48 16.13
N ILE D 174 -29.96 37.37 17.31
CA ILE D 174 -29.67 36.10 17.89
C ILE D 174 -29.78 36.26 19.41
N PRO D 175 -30.17 35.21 20.17
CA PRO D 175 -30.35 35.38 21.62
C PRO D 175 -29.06 35.80 22.33
N ASP D 176 -29.16 36.56 23.43
CA ASP D 176 -28.03 36.99 24.17
C ASP D 176 -27.19 35.80 24.68
N GLU D 177 -27.83 34.71 25.06
CA GLU D 177 -27.17 33.57 25.67
C GLU D 177 -26.65 32.59 24.59
N PHE D 178 -26.95 32.84 23.33
CA PHE D 178 -26.55 31.90 22.31
C PHE D 178 -25.06 32.02 22.08
N PRO D 179 -24.26 30.94 22.14
CA PRO D 179 -22.81 31.10 22.07
C PRO D 179 -22.28 31.42 20.66
N VAL D 180 -21.55 32.54 20.55
CA VAL D 180 -20.94 33.01 19.32
C VAL D 180 -19.49 33.39 19.61
N PRO D 181 -18.63 32.39 19.87
CA PRO D 181 -17.19 32.64 19.98
C PRO D 181 -16.64 33.06 18.63
N PHE D 182 -15.55 33.83 18.64
CA PHE D 182 -15.02 34.40 17.39
C PHE D 182 -13.50 34.47 17.46
N ALA D 183 -12.86 34.59 16.28
CA ALA D 183 -11.53 34.84 16.16
C ALA D 183 -11.25 35.54 14.84
N HIS D 184 -10.35 36.51 14.86
CA HIS D 184 -9.77 37.11 13.67
C HIS D 184 -8.75 36.13 13.05
N THR D 185 -8.92 35.85 11.76
CA THR D 185 -8.08 34.81 11.09
C THR D 185 -7.54 35.36 9.78
N PRO D 186 -6.64 36.35 9.79
CA PRO D 186 -6.10 36.91 8.56
C PRO D 186 -5.24 35.92 7.75
N SER D 187 -5.60 35.71 6.47
CA SER D 187 -4.89 34.79 5.60
C SER D 187 -3.45 35.20 5.32
N PHE D 188 -3.14 36.47 5.51
CA PHE D 188 -1.82 37.00 5.23
C PHE D 188 -0.87 36.94 6.47
N VAL D 189 -1.30 36.28 7.53
CA VAL D 189 -0.46 35.97 8.70
C VAL D 189 -0.43 34.44 8.86
N GLY D 190 0.78 33.91 9.06
CA GLY D 190 0.95 32.48 9.30
C GLY D 190 0.27 31.62 8.24
N SER D 191 -0.48 30.64 8.70
CA SER D 191 -1.07 29.60 7.81
C SER D 191 -2.33 29.02 8.43
N HIS D 192 -2.85 27.96 7.83
CA HIS D 192 -4.00 27.31 8.31
C HIS D 192 -3.85 26.88 9.77
N VAL D 193 -2.64 26.45 10.20
CA VAL D 193 -2.52 26.00 11.59
C VAL D 193 -2.74 27.17 12.57
N THR D 194 -2.31 28.34 12.17
CA THR D 194 -2.44 29.60 12.97
C THR D 194 -3.92 29.90 13.17
N GLY D 195 -4.70 29.65 12.11
CA GLY D 195 -6.15 29.87 12.17
C GLY D 195 -6.81 28.93 13.18
N TRP D 196 -6.30 27.69 13.29
CA TRP D 196 -6.77 26.74 14.27
C TRP D 196 -6.52 27.24 15.70
N ASP D 197 -5.28 27.66 15.96
CA ASP D 197 -4.89 28.19 17.26
C ASP D 197 -5.81 29.39 17.60
N ASN D 198 -5.95 30.31 16.66
CA ASN D 198 -6.77 31.55 16.89
C ASN D 198 -8.21 31.18 17.25
N MET D 199 -8.81 30.28 16.45
CA MET D 199 -10.17 29.84 16.69
C MET D 199 -10.30 29.17 18.04
N PHE D 200 -9.38 28.26 18.36
CA PHE D 200 -9.49 27.52 19.60
C PHE D 200 -9.38 28.49 20.79
N GLU D 201 -8.41 29.37 20.73
CA GLU D 201 -8.21 30.33 21.84
C GLU D 201 -9.46 31.19 22.01
N GLY D 202 -10.08 31.59 20.89
CA GLY D 202 -11.34 32.33 20.92
C GLY D 202 -12.47 31.57 21.58
N ILE D 203 -12.61 30.26 21.31
CA ILE D 203 -13.62 29.43 21.91
C ILE D 203 -13.34 29.26 23.39
N ALA D 204 -12.08 28.99 23.72
CA ALA D 204 -11.68 28.83 25.14
C ALA D 204 -12.01 30.11 25.92
N ARG D 205 -11.65 31.27 25.40
CA ARG D 205 -11.93 32.57 26.02
C ARG D 205 -13.42 32.71 26.22
N TYR D 206 -14.21 32.47 25.16
CA TYR D 206 -15.66 32.64 25.23
C TYR D 206 -16.28 31.95 26.44
N PHE D 207 -15.87 30.72 26.70
CA PHE D 207 -16.53 29.90 27.68
C PHE D 207 -15.91 30.05 29.08
N THR D 208 -14.79 30.74 29.23
CA THR D 208 -14.04 30.67 30.54
C THR D 208 -13.55 32.02 31.09
N LEU D 209 -13.32 33.04 30.27
CA LEU D 209 -12.62 34.19 30.74
C LEU D 209 -13.41 34.87 31.87
N LYS D 210 -14.73 34.95 31.72
CA LYS D 210 -15.59 35.76 32.63
C LYS D 210 -16.07 34.93 33.83
N SER D 211 -15.73 33.64 33.89
CA SER D 211 -16.25 32.76 34.90
C SER D 211 -15.12 32.06 35.70
N MET D 212 -13.96 32.67 35.82
CA MET D 212 -12.82 32.03 36.41
C MET D 212 -12.92 32.00 37.94
N ASP D 213 -13.71 32.90 38.54
CA ASP D 213 -13.59 33.02 40.03
C ASP D 213 -14.00 31.74 40.76
N ASP D 214 -14.88 30.88 40.21
CA ASP D 214 -15.27 29.65 40.92
C ASP D 214 -14.42 28.42 40.50
N LYS D 215 -13.38 28.62 39.70
CA LYS D 215 -12.64 27.45 39.19
C LYS D 215 -11.52 27.08 40.15
N VAL D 216 -11.26 25.79 40.25
CA VAL D 216 -10.16 25.28 41.07
C VAL D 216 -9.38 24.25 40.24
N VAL D 217 -8.08 24.49 40.05
CA VAL D 217 -7.25 23.60 39.26
C VAL D 217 -7.27 22.23 39.93
N GLY D 218 -7.52 21.20 39.13
CA GLY D 218 -7.52 19.82 39.54
C GLY D 218 -8.85 19.31 40.09
N SER D 219 -9.85 20.18 40.28
CA SER D 219 -11.07 19.76 40.91
C SER D 219 -11.92 18.77 40.11
N ASN D 220 -11.78 18.66 38.75
CA ASN D 220 -12.57 17.70 38.00
C ASN D 220 -11.77 16.42 37.70
N LYS D 221 -10.52 16.38 38.13
CA LYS D 221 -9.62 15.19 38.10
C LYS D 221 -9.36 14.74 36.66
N LYS D 222 -9.53 15.66 35.69
CA LYS D 222 -9.33 15.30 34.28
C LYS D 222 -8.12 16.03 33.72
N ILE D 223 -7.62 15.55 32.56
CA ILE D 223 -6.61 16.25 31.79
C ILE D 223 -7.27 16.74 30.50
N ASN D 224 -7.14 18.02 30.18
CA ASN D 224 -7.59 18.48 28.88
C ASN D 224 -6.57 18.11 27.80
N ILE D 225 -7.07 17.76 26.61
CA ILE D 225 -6.21 17.45 25.47
C ILE D 225 -6.65 18.37 24.36
N VAL D 226 -5.70 19.10 23.78
CA VAL D 226 -5.96 20.00 22.66
C VAL D 226 -5.20 19.42 21.46
N PRO D 227 -5.91 18.94 20.41
CA PRO D 227 -5.24 18.19 19.36
C PRO D 227 -4.56 19.04 18.30
N GLY D 228 -4.95 20.30 18.12
CA GLY D 228 -4.56 21.13 16.99
C GLY D 228 -5.13 20.61 15.69
N PHE D 229 -4.65 21.17 14.57
CA PHE D 229 -5.10 20.90 13.24
C PHE D 229 -4.70 19.44 12.94
N GLU D 230 -5.71 18.61 12.75
CA GLU D 230 -5.52 17.15 12.67
C GLU D 230 -6.48 16.59 11.64
N THR D 231 -5.93 15.90 10.64
CA THR D 231 -6.77 15.43 9.52
C THR D 231 -6.71 13.91 9.33
N TYR D 232 -6.20 13.19 10.35
CA TYR D 232 -6.31 11.73 10.42
C TYR D 232 -7.29 11.37 11.54
N LEU D 233 -8.38 10.70 11.18
CA LEU D 233 -9.40 10.29 12.17
C LEU D 233 -8.73 9.39 13.21
N GLY D 234 -7.78 8.55 12.81
CA GLY D 234 -7.14 7.63 13.70
C GLY D 234 -6.40 8.34 14.82
N ASN D 235 -5.98 9.59 14.60
CA ASN D 235 -5.25 10.35 15.62
C ASN D 235 -6.17 10.76 16.76
N PHE D 236 -7.37 11.25 16.48
CA PHE D 236 -8.29 11.56 17.56
C PHE D 236 -8.62 10.26 18.30
N ARG D 237 -8.84 9.19 17.56
CA ARG D 237 -9.26 7.91 18.13
C ARG D 237 -8.17 7.33 19.02
N VAL D 238 -6.89 7.33 18.60
CA VAL D 238 -5.86 6.63 19.33
C VAL D 238 -5.61 7.35 20.68
N ILE D 239 -5.66 8.68 20.68
CA ILE D 239 -5.45 9.42 21.94
C ILE D 239 -6.55 9.06 22.93
N LYS D 240 -7.79 9.08 22.51
CA LYS D 240 -8.91 8.70 23.38
C LYS D 240 -8.77 7.25 23.85
N ARG D 241 -8.36 6.37 22.96
CA ARG D 241 -8.22 4.95 23.28
C ARG D 241 -7.13 4.75 24.33
N MET D 242 -6.01 5.46 24.17
CA MET D 242 -4.88 5.27 25.09
C MET D 242 -5.26 5.80 26.47
N LEU D 243 -5.88 6.99 26.50
CA LEU D 243 -6.23 7.57 27.82
C LEU D 243 -7.29 6.69 28.47
N SER D 244 -8.27 6.16 27.73
CA SER D 244 -9.30 5.29 28.34
C SER D 244 -8.66 4.00 28.88
N GLU D 245 -7.70 3.42 28.16
CA GLU D 245 -7.03 2.18 28.57
C GLU D 245 -6.27 2.37 29.87
N MET D 246 -5.79 3.61 30.08
N MET D 246 -5.81 3.61 30.08
CA MET D 246 -5.01 3.98 31.25
CA MET D 246 -5.03 4.00 31.23
C MET D 246 -5.93 4.39 32.41
C MET D 246 -5.94 4.36 32.41
N GLY D 247 -7.22 4.51 32.14
CA GLY D 247 -8.18 4.98 33.20
C GLY D 247 -7.95 6.42 33.59
N VAL D 248 -7.53 7.26 32.62
CA VAL D 248 -7.30 8.69 32.83
C VAL D 248 -8.56 9.43 32.41
N GLY D 249 -9.06 10.26 33.31
CA GLY D 249 -10.14 11.20 33.00
C GLY D 249 -9.60 12.24 32.03
N TYR D 250 -10.36 12.52 30.97
CA TYR D 250 -9.82 13.48 29.98
C TYR D 250 -10.98 14.22 29.33
N SER D 251 -10.65 15.35 28.70
CA SER D 251 -11.58 16.04 27.84
C SER D 251 -10.81 16.40 26.55
N LEU D 252 -11.25 15.86 25.42
CA LEU D 252 -10.60 16.22 24.14
C LEU D 252 -11.34 17.45 23.64
N LEU D 253 -10.62 18.55 23.53
CA LEU D 253 -11.19 19.87 23.21
C LEU D 253 -10.92 20.13 21.73
N SER D 254 -12.00 20.05 20.96
CA SER D 254 -12.13 20.01 19.47
C SER D 254 -11.95 18.57 19.00
N ASP D 255 -13.06 17.91 18.73
CA ASP D 255 -13.10 16.50 18.43
C ASP D 255 -14.04 16.25 17.27
N PRO D 256 -13.55 16.39 16.04
CA PRO D 256 -14.40 16.22 14.87
C PRO D 256 -14.53 14.79 14.36
N GLU D 257 -14.10 13.80 15.14
CA GLU D 257 -13.97 12.46 14.52
C GLU D 257 -15.36 11.93 14.17
N GLU D 258 -16.43 12.25 14.94
CA GLU D 258 -17.70 11.72 14.55
C GLU D 258 -18.30 12.43 13.31
N VAL D 259 -18.20 13.76 13.26
CA VAL D 259 -18.83 14.53 12.18
C VAL D 259 -18.10 14.34 10.86
N LEU D 260 -16.87 13.83 10.92
CA LEU D 260 -16.10 13.53 9.71
C LEU D 260 -16.13 12.02 9.39
N ASP D 261 -17.08 11.31 10.00
CA ASP D 261 -17.19 9.86 9.75
C ASP D 261 -18.60 9.33 10.09
N THR D 262 -19.60 10.05 9.65
CA THR D 262 -20.97 9.58 9.81
C THR D 262 -21.27 8.38 8.92
N PRO D 263 -22.14 7.47 9.37
CA PRO D 263 -22.48 6.32 8.56
C PRO D 263 -23.39 6.68 7.38
N ALA D 264 -23.32 5.90 6.30
CA ALA D 264 -24.25 6.00 5.19
C ALA D 264 -25.43 5.04 5.42
N ASP D 265 -26.44 5.52 6.15
CA ASP D 265 -27.54 4.65 6.57
C ASP D 265 -28.91 5.22 6.15
N GLY D 266 -28.95 6.19 5.25
CA GLY D 266 -30.16 6.71 4.68
C GLY D 266 -30.50 8.09 5.20
N GLN D 267 -29.72 8.61 6.13
CA GLN D 267 -29.92 10.01 6.54
C GLN D 267 -28.59 10.75 6.54
N PHE D 268 -28.69 12.04 6.24
CA PHE D 268 -27.59 12.95 6.39
C PHE D 268 -27.66 13.59 7.77
N ARG D 269 -26.55 13.54 8.49
CA ARG D 269 -26.38 14.13 9.82
C ARG D 269 -25.43 15.31 9.73
N MET D 270 -26.00 16.52 9.76
CA MET D 270 -25.15 17.72 9.60
C MET D 270 -24.13 17.82 10.74
N TYR D 271 -24.55 17.40 11.95
CA TYR D 271 -23.73 17.44 13.14
C TYR D 271 -23.65 16.04 13.73
N ALA D 272 -22.53 15.73 14.37
CA ALA D 272 -22.38 14.50 15.13
C ALA D 272 -21.28 14.66 16.14
N GLY D 273 -21.49 14.15 17.35
CA GLY D 273 -20.43 14.15 18.33
C GLY D 273 -19.90 15.50 18.69
N GLY D 274 -18.60 15.57 18.99
CA GLY D 274 -17.90 16.81 19.28
C GLY D 274 -17.81 17.15 20.76
N THR D 275 -16.90 18.06 21.05
CA THR D 275 -16.69 18.60 22.38
C THR D 275 -17.95 19.37 22.82
N THR D 276 -18.38 19.13 24.05
CA THR D 276 -19.58 19.78 24.51
C THR D 276 -19.25 21.16 25.10
N GLN D 277 -20.25 22.04 25.14
CA GLN D 277 -20.10 23.32 25.76
C GLN D 277 -19.76 23.14 27.26
N GLU D 278 -20.37 22.14 27.88
CA GLU D 278 -20.13 21.83 29.28
C GLU D 278 -18.63 21.49 29.46
N GLU D 279 -18.03 20.73 28.52
CA GLU D 279 -16.62 20.40 28.64
C GLU D 279 -15.76 21.66 28.60
N MET D 280 -16.06 22.62 27.69
CA MET D 280 -15.26 23.81 27.57
C MET D 280 -15.43 24.67 28.83
N LYS D 281 -16.65 24.78 29.32
CA LYS D 281 -16.92 25.57 30.55
C LYS D 281 -16.17 25.03 31.75
N ASP D 282 -16.06 23.70 31.82
CA ASP D 282 -15.47 23.01 32.98
C ASP D 282 -13.96 22.84 32.80
N ALA D 283 -13.41 23.17 31.61
CA ALA D 283 -12.01 22.87 31.33
C ALA D 283 -11.04 23.47 32.34
N PRO D 284 -11.23 24.69 32.89
CA PRO D 284 -10.25 25.22 33.85
C PRO D 284 -10.14 24.39 35.15
N ASN D 285 -11.13 23.56 35.42
CA ASN D 285 -11.12 22.68 36.61
C ASN D 285 -10.25 21.44 36.41
N ALA D 286 -9.69 21.24 35.21
CA ALA D 286 -8.79 20.11 34.98
C ALA D 286 -7.49 20.25 35.78
N LEU D 287 -6.81 19.11 35.89
CA LEU D 287 -5.49 19.05 36.50
C LEU D 287 -4.49 19.86 35.71
N ASN D 288 -4.65 19.80 34.37
CA ASN D 288 -3.68 20.38 33.50
C ASN D 288 -4.25 20.24 32.08
N THR D 289 -3.51 20.81 31.13
CA THR D 289 -3.89 20.82 29.72
C THR D 289 -2.65 20.41 28.94
N VAL D 290 -2.80 19.38 28.10
CA VAL D 290 -1.74 18.92 27.24
C VAL D 290 -2.03 19.32 25.79
N LEU D 291 -1.03 19.90 25.16
CA LEU D 291 -1.10 20.37 23.76
C LEU D 291 -0.42 19.31 22.89
N LEU D 292 -1.17 18.66 22.00
CA LEU D 292 -0.57 17.59 21.15
C LEU D 292 0.36 18.17 20.09
N GLN D 293 0.11 19.41 19.64
CA GLN D 293 0.84 19.99 18.55
C GLN D 293 1.29 21.37 18.96
N PRO D 294 2.24 21.45 19.89
CA PRO D 294 2.52 22.73 20.55
C PRO D 294 3.05 23.82 19.62
N TRP D 295 3.71 23.45 18.50
CA TRP D 295 4.29 24.42 17.64
C TRP D 295 3.26 25.20 16.83
N HIS D 296 1.98 24.83 16.91
CA HIS D 296 0.94 25.74 16.38
C HIS D 296 -0.14 26.01 17.43
N LEU D 297 0.21 25.89 18.71
CA LEU D 297 -0.78 26.18 19.74
C LEU D 297 -0.23 27.21 20.76
N GLU D 298 0.62 28.12 20.27
CA GLU D 298 1.31 29.06 21.16
C GLU D 298 0.31 30.06 21.78
N LYS D 299 -0.66 30.55 21.00
CA LYS D 299 -1.63 31.50 21.57
C LYS D 299 -2.54 30.80 22.58
N THR D 300 -2.98 29.59 22.26
CA THR D 300 -3.75 28.78 23.16
C THR D 300 -2.94 28.57 24.46
N LYS D 301 -1.66 28.21 24.33
CA LYS D 301 -0.82 27.92 25.48
C LYS D 301 -0.77 29.14 26.40
N LYS D 302 -0.58 30.32 25.84
CA LYS D 302 -0.52 31.56 26.67
C LYS D 302 -1.82 31.74 27.43
N PHE D 303 -2.97 31.45 26.80
CA PHE D 303 -4.26 31.61 27.47
C PHE D 303 -4.43 30.61 28.59
N VAL D 304 -4.12 29.35 28.29
CA VAL D 304 -4.30 28.28 29.25
C VAL D 304 -3.38 28.51 30.45
N GLU D 305 -2.16 28.96 30.19
CA GLU D 305 -1.19 29.23 31.31
C GLU D 305 -1.63 30.46 32.10
N GLY D 306 -2.01 31.51 31.40
CA GLY D 306 -2.20 32.85 31.97
C GLY D 306 -3.54 32.96 32.65
N THR D 307 -4.59 32.30 32.11
CA THR D 307 -5.92 32.45 32.61
C THR D 307 -6.34 31.20 33.40
N TRP D 308 -6.12 29.98 32.86
CA TRP D 308 -6.55 28.79 33.58
C TRP D 308 -5.53 28.40 34.68
N LYS D 309 -4.31 28.95 34.60
CA LYS D 309 -3.22 28.67 35.52
C LYS D 309 -2.86 27.18 35.48
N HIS D 310 -2.96 26.57 34.30
CA HIS D 310 -2.45 25.23 34.12
C HIS D 310 -0.98 25.28 33.78
N GLU D 311 -0.21 24.36 34.33
CA GLU D 311 1.22 24.32 34.08
C GLU D 311 1.52 23.39 32.90
N VAL D 312 1.25 23.92 31.70
CA VAL D 312 1.24 23.11 30.47
C VAL D 312 2.59 22.43 30.32
N PRO D 313 2.64 21.08 30.26
CA PRO D 313 3.94 20.42 30.18
C PRO D 313 4.61 20.61 28.82
N LYS D 314 5.93 20.61 28.84
CA LYS D 314 6.74 20.70 27.64
C LYS D 314 6.86 19.30 27.06
N LEU D 315 5.95 18.98 26.16
CA LEU D 315 5.89 17.68 25.48
C LEU D 315 5.89 17.94 23.99
N ASN D 316 6.65 17.11 23.30
CA ASN D 316 6.57 17.03 21.89
C ASN D 316 5.31 16.26 21.48
N ILE D 317 4.93 16.44 20.21
CA ILE D 317 3.86 15.61 19.58
C ILE D 317 4.11 14.16 19.90
N PRO D 318 3.09 13.35 20.28
CA PRO D 318 3.35 11.94 20.59
C PRO D 318 3.45 11.07 19.34
N MET D 319 4.59 11.19 18.68
CA MET D 319 4.92 10.44 17.46
C MET D 319 6.20 9.67 17.72
N GLY D 320 6.27 8.45 17.22
CA GLY D 320 7.40 7.62 17.40
C GLY D 320 7.46 7.05 18.79
N LEU D 321 8.55 6.34 19.09
CA LEU D 321 8.65 5.58 20.29
C LEU D 321 8.93 6.51 21.47
N ASP D 322 10.00 7.29 21.41
CA ASP D 322 10.42 8.06 22.60
C ASP D 322 9.38 9.12 23.01
N TRP D 323 8.80 9.81 22.03
CA TRP D 323 7.85 10.84 22.35
C TRP D 323 6.49 10.29 22.80
N THR D 324 6.10 9.07 22.34
CA THR D 324 4.91 8.44 22.87
C THR D 324 5.20 8.04 24.32
N ASP D 325 6.39 7.50 24.55
CA ASP D 325 6.80 7.11 25.94
C ASP D 325 6.69 8.34 26.84
N GLU D 326 7.24 9.47 26.38
CA GLU D 326 7.27 10.72 27.20
C GLU D 326 5.85 11.21 27.49
N PHE D 327 4.95 11.11 26.49
CA PHE D 327 3.60 11.54 26.63
C PHE D 327 2.91 10.70 27.71
N LEU D 328 3.06 9.39 27.64
CA LEU D 328 2.41 8.49 28.59
C LEU D 328 2.98 8.68 30.00
N MET D 329 4.29 8.91 30.13
CA MET D 329 4.88 9.07 31.43
C MET D 329 4.39 10.40 32.01
N LYS D 330 4.21 11.40 31.18
CA LYS D 330 3.71 12.73 31.73
C LYS D 330 2.26 12.61 32.14
N VAL D 331 1.45 11.93 31.33
CA VAL D 331 0.06 11.73 31.65
C VAL D 331 -0.04 10.90 32.94
N SER D 332 0.89 9.95 33.12
CA SER D 332 0.87 9.11 34.34
C SER D 332 1.16 10.00 35.56
N GLU D 333 2.12 10.90 35.40
CA GLU D 333 2.55 11.80 36.49
C GLU D 333 1.38 12.71 36.85
N ILE D 334 0.72 13.30 35.86
CA ILE D 334 -0.36 14.29 36.12
C ILE D 334 -1.57 13.61 36.76
N SER D 335 -1.96 12.45 36.24
CA SER D 335 -3.20 11.79 36.55
C SER D 335 -3.05 10.92 37.79
N GLY D 336 -1.82 10.49 38.09
CA GLY D 336 -1.56 9.42 39.11
C GLY D 336 -1.90 8.00 38.66
N GLN D 337 -2.30 7.81 37.37
CA GLN D 337 -2.62 6.52 36.84
C GLN D 337 -1.35 5.84 36.34
N PRO D 338 -1.13 4.57 36.67
CA PRO D 338 0.00 3.84 36.11
C PRO D 338 -0.23 3.54 34.61
N ILE D 339 0.86 3.40 33.89
CA ILE D 339 0.76 2.92 32.50
C ILE D 339 0.38 1.45 32.51
N PRO D 340 -0.74 1.08 31.88
CA PRO D 340 -1.33 -0.24 32.02
C PRO D 340 -0.54 -1.26 31.17
N ALA D 341 -0.71 -2.49 31.53
CA ALA D 341 -0.13 -3.64 30.81
C ALA D 341 -0.43 -3.62 29.31
N SER D 342 -1.64 -3.22 28.91
CA SER D 342 -2.05 -3.20 27.52
C SER D 342 -1.10 -2.30 26.70
N LEU D 343 -0.79 -1.09 27.21
CA LEU D 343 0.08 -0.13 26.50
C LEU D 343 1.52 -0.60 26.54
N THR D 344 1.99 -1.18 27.66
CA THR D 344 3.33 -1.73 27.70
C THR D 344 3.53 -2.79 26.61
N LYS D 345 2.54 -3.65 26.47
CA LYS D 345 2.64 -4.70 25.44
C LYS D 345 2.64 -4.07 24.04
N GLU D 346 1.73 -3.10 23.82
CA GLU D 346 1.65 -2.45 22.51
C GLU D 346 2.99 -1.85 22.16
N ARG D 347 3.65 -1.20 23.12
CA ARG D 347 4.94 -0.62 22.90
C ARG D 347 5.96 -1.69 22.46
N GLY D 348 5.95 -2.84 23.12
CA GLY D 348 6.86 -3.90 22.85
C GLY D 348 6.57 -4.59 21.52
N ARG D 349 5.31 -4.50 21.05
CA ARG D 349 4.98 -5.00 19.71
C ARG D 349 5.57 -4.06 18.67
N LEU D 350 5.49 -2.74 18.90
CA LEU D 350 6.16 -1.79 18.01
C LEU D 350 7.66 -2.05 17.97
N VAL D 351 8.29 -2.23 19.14
CA VAL D 351 9.72 -2.48 19.15
C VAL D 351 10.00 -3.77 18.37
N ASP D 352 9.14 -4.77 18.54
CA ASP D 352 9.33 -6.03 17.80
C ASP D 352 9.36 -5.72 16.30
N MET D 353 8.38 -4.93 15.86
CA MET D 353 8.29 -4.59 14.41
C MET D 353 9.57 -3.87 13.96
N MET D 354 10.09 -2.98 14.79
CA MET D 354 11.33 -2.29 14.49
C MET D 354 12.47 -3.31 14.31
N THR D 355 12.60 -4.25 15.23
CA THR D 355 13.67 -5.22 15.09
C THR D 355 13.48 -6.04 13.79
N ASP D 356 12.23 -6.35 13.46
CA ASP D 356 11.94 -7.16 12.32
C ASP D 356 12.30 -6.48 10.99
N SER D 357 12.12 -5.15 10.92
CA SER D 357 12.16 -4.41 9.66
C SER D 357 13.43 -3.55 9.53
N HIS D 358 14.30 -3.54 10.56
CA HIS D 358 15.42 -2.59 10.60
C HIS D 358 16.36 -2.72 9.40
N THR D 359 16.55 -3.95 8.86
CA THR D 359 17.58 -4.07 7.83
C THR D 359 17.17 -3.34 6.55
N TRP D 360 15.87 -3.28 6.24
CA TRP D 360 15.42 -2.64 5.04
C TRP D 360 15.32 -1.13 5.21
N LEU D 361 15.07 -0.67 6.44
CA LEU D 361 14.96 0.79 6.72
C LEU D 361 16.33 1.45 6.81
N HIS D 362 17.35 0.70 7.20
CA HIS D 362 18.61 1.29 7.60
C HIS D 362 19.18 2.12 6.46
N GLY D 363 19.45 3.39 6.78
CA GLY D 363 20.18 4.19 5.83
C GLY D 363 19.32 4.77 4.72
N LYS D 364 18.04 4.45 4.69
CA LYS D 364 17.17 4.98 3.64
C LYS D 364 17.03 6.49 3.81
N ARG D 365 17.06 7.17 2.69
CA ARG D 365 17.07 8.63 2.64
C ARG D 365 15.72 9.19 2.18
N PHE D 366 15.18 10.16 2.95
CA PHE D 366 13.86 10.73 2.69
C PHE D 366 13.89 12.24 2.56
N ALA D 367 13.07 12.71 1.64
CA ALA D 367 12.63 14.13 1.62
C ALA D 367 11.22 14.13 2.23
N LEU D 368 10.86 15.11 3.01
CA LEU D 368 9.57 15.13 3.59
C LEU D 368 9.14 16.56 3.85
N TRP D 369 7.84 16.75 3.94
CA TRP D 369 7.24 18.05 4.25
C TRP D 369 5.91 17.89 4.96
N GLY D 370 5.40 19.02 5.42
CA GLY D 370 4.17 19.06 6.18
C GLY D 370 4.13 20.22 7.16
N ASP D 371 3.23 20.13 8.14
CA ASP D 371 3.15 21.15 9.20
C ASP D 371 4.24 20.85 10.23
N PRO D 372 4.59 21.86 11.06
CA PRO D 372 5.77 21.76 11.92
C PRO D 372 5.80 20.59 12.88
N ASP D 373 4.73 20.36 13.64
CA ASP D 373 4.71 19.30 14.61
C ASP D 373 4.74 17.94 13.92
N PHE D 374 3.95 17.77 12.86
CA PHE D 374 3.96 16.50 12.11
C PHE D 374 5.34 16.22 11.54
N VAL D 375 6.00 17.25 10.99
CA VAL D 375 7.28 17.05 10.38
C VAL D 375 8.33 16.71 11.45
N MET D 376 8.32 17.40 12.59
CA MET D 376 9.33 17.07 13.60
C MET D 376 9.14 15.65 14.12
N GLY D 377 7.88 15.20 14.26
CA GLY D 377 7.61 13.86 14.76
C GLY D 377 8.05 12.83 13.76
N LEU D 378 7.78 13.10 12.47
CA LEU D 378 8.24 12.20 11.43
C LEU D 378 9.78 12.12 11.42
N VAL D 379 10.46 13.26 11.51
CA VAL D 379 11.94 13.27 11.59
C VAL D 379 12.40 12.39 12.75
N LYS D 380 11.80 12.59 13.95
CA LYS D 380 12.23 11.88 15.13
C LYS D 380 12.08 10.36 14.91
N PHE D 381 10.91 9.94 14.42
CA PHE D 381 10.68 8.52 14.24
C PHE D 381 11.61 7.98 13.14
N LEU D 382 11.86 8.71 12.09
CA LEU D 382 12.80 8.26 11.08
C LEU D 382 14.18 8.02 11.70
N LEU D 383 14.63 8.94 12.56
CA LEU D 383 15.93 8.71 13.24
C LEU D 383 15.87 7.44 14.10
N GLU D 384 14.73 7.19 14.75
CA GLU D 384 14.59 5.99 15.60
C GLU D 384 14.66 4.71 14.76
N LEU D 385 14.26 4.78 13.50
CA LEU D 385 14.28 3.66 12.55
C LEU D 385 15.65 3.48 11.88
N GLY D 386 16.62 4.34 12.16
CA GLY D 386 17.90 4.30 11.46
C GLY D 386 17.80 4.78 10.02
N CYS D 387 16.82 5.64 9.73
CA CYS D 387 16.69 6.31 8.43
C CYS D 387 17.29 7.72 8.46
N GLU D 388 17.59 8.26 7.29
CA GLU D 388 18.19 9.58 7.16
C GLU D 388 17.20 10.56 6.57
N PRO D 389 16.64 11.49 7.35
CA PRO D 389 15.73 12.50 6.82
C PRO D 389 16.48 13.66 6.18
N VAL D 390 16.91 13.54 4.94
CA VAL D 390 17.91 14.48 4.40
C VAL D 390 17.34 15.82 3.97
N HIS D 391 16.14 15.88 3.44
CA HIS D 391 15.52 17.15 3.08
C HIS D 391 14.24 17.30 3.90
N ILE D 392 14.24 18.23 4.84
CA ILE D 392 13.12 18.46 5.76
C ILE D 392 12.55 19.83 5.46
N LEU D 393 11.33 19.89 4.96
CA LEU D 393 10.75 21.14 4.45
C LEU D 393 9.49 21.44 5.22
N CYS D 394 9.43 22.62 5.79
CA CYS D 394 8.24 23.08 6.44
C CYS D 394 7.96 24.51 6.01
N HIS D 395 7.07 24.65 5.05
CA HIS D 395 6.81 25.99 4.43
C HIS D 395 6.39 26.98 5.51
N ASN D 396 5.55 26.51 6.44
CA ASN D 396 4.99 27.33 7.45
C ASN D 396 5.75 27.19 8.77
N GLY D 397 7.03 26.87 8.71
CA GLY D 397 7.81 26.71 9.94
C GLY D 397 8.48 28.02 10.30
N ASN D 398 9.04 28.07 11.49
CA ASN D 398 9.68 29.29 11.94
C ASN D 398 11.08 28.97 12.45
N LYS D 399 11.85 30.05 12.74
CA LYS D 399 13.22 29.92 13.17
C LYS D 399 13.40 29.13 14.45
N ARG D 400 12.56 29.35 15.46
CA ARG D 400 12.64 28.68 16.72
C ARG D 400 12.44 27.17 16.48
N TRP D 401 11.42 26.89 15.64
CA TRP D 401 11.12 25.48 15.32
C TRP D 401 12.32 24.84 14.66
N LYS D 402 12.92 25.55 13.70
CA LYS D 402 14.03 25.01 12.95
C LYS D 402 15.19 24.71 13.90
N LYS D 403 15.41 25.59 14.88
CA LYS D 403 16.46 25.34 15.88
C LYS D 403 16.18 24.07 16.67
N ALA D 404 14.91 23.86 17.03
CA ALA D 404 14.48 22.66 17.75
C ALA D 404 14.72 21.42 16.89
N VAL D 405 14.39 21.48 15.61
CA VAL D 405 14.62 20.29 14.78
C VAL D 405 16.12 20.05 14.57
N ASP D 406 16.89 21.10 14.34
CA ASP D 406 18.35 20.98 14.17
C ASP D 406 18.95 20.30 15.42
N ALA D 407 18.39 20.57 16.59
CA ALA D 407 18.87 19.93 17.87
C ALA D 407 18.56 18.42 17.90
N ILE D 408 17.39 18.05 17.37
CA ILE D 408 16.97 16.68 17.28
C ILE D 408 17.91 15.97 16.33
N LEU D 409 18.25 16.60 15.20
CA LEU D 409 19.12 15.98 14.25
C LEU D 409 20.48 15.74 14.90
N ALA D 410 20.93 16.73 15.68
CA ALA D 410 22.28 16.63 16.37
C ALA D 410 22.34 15.52 17.40
N ALA D 411 21.22 15.04 17.96
CA ALA D 411 21.25 14.02 18.97
C ALA D 411 21.36 12.62 18.35
N SER D 412 21.40 12.54 16.99
CA SER D 412 21.48 11.29 16.28
C SER D 412 22.54 11.29 15.18
N PRO D 413 23.34 10.22 15.06
CA PRO D 413 24.18 10.08 13.89
C PRO D 413 23.42 10.01 12.57
N TYR D 414 22.13 9.68 12.64
CA TYR D 414 21.33 9.56 11.43
C TYR D 414 20.84 10.91 10.95
N GLY D 415 21.18 11.98 11.67
CA GLY D 415 20.87 13.37 11.33
C GLY D 415 21.96 14.09 10.53
N LYS D 416 23.11 13.45 10.30
CA LYS D 416 24.32 14.13 9.85
C LYS D 416 24.17 14.72 8.45
N ASN D 417 23.34 14.15 7.57
CA ASN D 417 23.25 14.59 6.17
C ASN D 417 21.93 15.35 5.93
N ALA D 418 21.31 15.79 7.02
CA ALA D 418 19.95 16.42 6.98
C ALA D 418 20.06 17.95 7.03
N THR D 419 19.14 18.60 6.32
CA THR D 419 18.95 20.04 6.34
C THR D 419 17.47 20.35 6.50
N VAL D 420 17.17 21.32 7.36
CA VAL D 420 15.83 21.81 7.59
C VAL D 420 15.66 23.11 6.82
N TYR D 421 14.54 23.20 6.10
CA TYR D 421 14.18 24.37 5.30
C TYR D 421 12.87 24.93 5.81
N ILE D 422 12.82 26.23 6.02
CA ILE D 422 11.62 26.94 6.37
C ILE D 422 11.34 28.04 5.34
N GLY D 423 10.06 28.30 5.05
CA GLY D 423 9.72 29.28 4.09
C GLY D 423 9.91 28.87 2.62
N LYS D 424 10.30 27.62 2.36
CA LYS D 424 10.53 27.09 1.05
C LYS D 424 9.32 26.23 0.64
N ASP D 425 9.12 26.13 -0.67
CA ASP D 425 7.96 25.49 -1.23
C ASP D 425 8.32 24.20 -1.97
N LEU D 426 7.31 23.60 -2.63
CA LEU D 426 7.55 22.33 -3.31
C LEU D 426 8.32 22.50 -4.61
N TRP D 427 8.42 23.71 -5.17
CA TRP D 427 9.30 23.90 -6.30
C TRP D 427 10.78 23.95 -5.82
N HIS D 428 11.04 24.48 -4.62
CA HIS D 428 12.34 24.34 -3.97
C HIS D 428 12.62 22.85 -3.73
N LEU D 429 11.66 22.12 -3.15
CA LEU D 429 11.88 20.71 -2.83
C LEU D 429 12.19 19.91 -4.10
N ARG D 430 11.49 20.23 -5.19
CA ARG D 430 11.75 19.59 -6.47
C ARG D 430 13.26 19.66 -6.83
N SER D 431 13.87 20.85 -6.70
CA SER D 431 15.27 20.95 -6.97
C SER D 431 16.08 20.01 -6.07
N LEU D 432 15.80 20.03 -4.78
CA LEU D 432 16.62 19.22 -3.84
C LEU D 432 16.58 17.75 -4.26
N VAL D 433 15.41 17.23 -4.69
CA VAL D 433 15.32 15.79 -4.94
C VAL D 433 15.97 15.44 -6.27
N PHE D 434 16.29 16.44 -7.13
CA PHE D 434 17.12 16.25 -8.33
C PHE D 434 18.60 16.33 -7.95
N THR D 435 18.98 17.34 -7.15
CA THR D 435 20.40 17.59 -6.96
C THR D 435 21.02 16.68 -5.90
N ASP D 436 20.23 16.26 -4.91
CA ASP D 436 20.66 15.40 -3.78
C ASP D 436 19.58 14.35 -3.57
N LYS D 437 19.53 13.45 -4.53
CA LYS D 437 18.42 12.55 -4.66
C LYS D 437 18.27 11.67 -3.42
N PRO D 438 17.09 11.65 -2.78
CA PRO D 438 16.80 10.67 -1.73
C PRO D 438 16.18 9.40 -2.34
N ASP D 439 15.87 8.43 -1.49
CA ASP D 439 15.21 7.20 -1.93
C ASP D 439 13.71 7.40 -2.13
N PHE D 440 13.08 8.18 -1.24
CA PHE D 440 11.63 8.40 -1.27
C PHE D 440 11.31 9.82 -0.77
N MET D 441 10.10 10.29 -1.11
CA MET D 441 9.50 11.48 -0.51
C MET D 441 8.36 11.02 0.39
N ILE D 442 8.21 11.64 1.56
CA ILE D 442 7.04 11.45 2.39
C ILE D 442 6.29 12.77 2.40
N GLY D 443 5.08 12.79 1.85
CA GLY D 443 4.37 14.04 1.69
C GLY D 443 2.95 13.84 1.24
N ASN D 444 2.30 14.97 0.98
CA ASN D 444 0.90 14.97 0.54
C ASN D 444 0.80 14.82 -0.99
N SER D 445 -0.43 14.84 -1.51
CA SER D 445 -0.70 14.50 -2.89
C SER D 445 0.02 15.43 -3.88
N TYR D 446 0.40 16.65 -3.47
CA TYR D 446 1.10 17.54 -4.38
C TYR D 446 2.47 17.00 -4.72
N GLY D 447 2.98 16.08 -3.91
CA GLY D 447 4.24 15.46 -4.28
C GLY D 447 4.17 14.59 -5.53
N LYS D 448 2.96 14.22 -5.98
CA LYS D 448 2.93 13.32 -7.14
C LYS D 448 3.55 14.02 -8.33
N PHE D 449 3.49 15.36 -8.36
CA PHE D 449 4.00 16.05 -9.55
C PHE D 449 5.53 16.08 -9.53
N ILE D 450 6.12 16.04 -8.35
CA ILE D 450 7.55 15.91 -8.22
C ILE D 450 7.99 14.52 -8.67
N GLN D 451 7.26 13.47 -8.27
CA GLN D 451 7.61 12.14 -8.71
C GLN D 451 7.53 12.08 -10.24
N ARG D 452 6.48 12.63 -10.85
CA ARG D 452 6.34 12.70 -12.28
C ARG D 452 7.59 13.35 -12.92
N ASP D 453 7.98 14.48 -12.39
CA ASP D 453 9.13 15.21 -12.88
C ASP D 453 10.41 14.37 -12.80
N THR D 454 10.64 13.70 -11.68
CA THR D 454 11.82 12.89 -11.49
C THR D 454 11.83 11.73 -12.48
N LEU D 455 10.69 11.09 -12.72
CA LEU D 455 10.66 9.98 -13.68
C LEU D 455 11.01 10.46 -15.08
N HIS D 456 10.63 11.70 -15.43
CA HIS D 456 10.87 12.20 -16.77
C HIS D 456 12.39 12.27 -17.02
N LYS D 457 13.18 12.56 -15.98
N LYS D 457 13.17 12.58 -15.97
CA LYS D 457 14.64 12.60 -16.14
CA LYS D 457 14.61 12.60 -16.11
C LYS D 457 15.15 11.18 -16.43
C LYS D 457 15.10 11.19 -16.46
N GLY D 458 14.55 10.20 -15.77
CA GLY D 458 14.81 8.79 -16.03
C GLY D 458 14.33 7.93 -14.88
N LYS D 459 14.10 6.64 -15.17
CA LYS D 459 13.66 5.73 -14.15
C LYS D 459 14.63 5.72 -12.98
N GLU D 460 15.95 5.80 -13.25
CA GLU D 460 16.93 5.73 -12.17
C GLU D 460 16.93 6.99 -11.27
N PHE D 461 16.24 8.06 -11.71
CA PHE D 461 16.19 9.32 -10.97
C PHE D 461 14.83 9.47 -10.28
N GLU D 462 13.91 8.54 -10.55
CA GLU D 462 12.54 8.66 -9.99
C GLU D 462 12.59 8.52 -8.47
N VAL D 463 11.89 9.43 -7.78
CA VAL D 463 11.76 9.45 -6.34
C VAL D 463 10.30 9.18 -6.00
N PRO D 464 9.93 7.93 -5.57
CA PRO D 464 8.54 7.64 -5.32
C PRO D 464 8.00 8.38 -4.08
N LEU D 465 6.73 8.78 -4.19
CA LEU D 465 6.00 9.44 -3.12
C LEU D 465 5.35 8.40 -2.22
N ILE D 466 5.51 8.60 -0.92
CA ILE D 466 4.79 7.91 0.12
C ILE D 466 3.83 8.92 0.76
N ARG D 467 2.52 8.70 0.64
CA ARG D 467 1.53 9.70 1.00
C ARG D 467 1.21 9.68 2.50
N ILE D 468 1.74 10.68 3.24
CA ILE D 468 1.45 10.83 4.65
C ILE D 468 1.41 12.33 4.86
N GLY D 469 0.26 12.87 5.28
CA GLY D 469 0.09 14.25 5.44
C GLY D 469 -1.29 14.72 4.98
N PHE D 470 -1.36 15.98 4.65
CA PHE D 470 -2.62 16.60 4.27
C PHE D 470 -2.31 17.64 3.19
N PRO D 471 -3.11 17.77 2.13
CA PRO D 471 -4.19 16.83 1.79
C PRO D 471 -3.76 15.60 1.00
N ILE D 472 -4.55 14.52 1.11
CA ILE D 472 -4.38 13.38 0.27
C ILE D 472 -5.67 13.20 -0.51
N PHE D 473 -5.61 13.49 -1.81
CA PHE D 473 -6.79 13.54 -2.65
C PHE D 473 -6.86 12.48 -3.75
N ASP D 474 -5.79 11.73 -3.97
CA ASP D 474 -5.66 10.80 -5.10
C ASP D 474 -5.57 9.34 -4.63
N ARG D 475 -5.83 9.10 -3.36
CA ARG D 475 -6.02 7.79 -2.77
C ARG D 475 -7.29 7.92 -1.91
N HIS D 476 -7.91 6.77 -1.65
CA HIS D 476 -9.16 6.76 -0.90
C HIS D 476 -8.94 6.25 0.51
N HIS D 477 -9.54 6.95 1.48
CA HIS D 477 -9.71 6.50 2.84
C HIS D 477 -8.41 6.50 3.63
N LEU D 478 -7.37 7.17 3.13
CA LEU D 478 -6.18 7.26 3.96
C LEU D 478 -6.39 8.19 5.18
N HIS D 479 -7.41 9.06 5.13
CA HIS D 479 -7.74 9.88 6.29
C HIS D 479 -8.15 9.02 7.48
N ARG D 480 -8.41 7.72 7.31
CA ARG D 480 -8.78 6.88 8.46
C ARG D 480 -7.55 6.41 9.27
N SER D 481 -6.36 6.66 8.73
CA SER D 481 -5.07 6.16 9.25
C SER D 481 -4.75 6.84 10.59
N THR D 482 -3.67 6.38 11.20
CA THR D 482 -3.13 6.91 12.43
C THR D 482 -1.65 7.21 12.27
N THR D 483 -1.20 8.36 12.79
CA THR D 483 0.24 8.65 12.87
C THR D 483 0.74 8.85 14.31
N LEU D 484 -0.14 9.04 15.29
CA LEU D 484 0.25 9.23 16.67
C LEU D 484 0.35 7.90 17.41
N GLY D 485 1.08 7.93 18.52
CA GLY D 485 1.21 6.82 19.46
C GLY D 485 1.93 5.62 18.88
N TYR D 486 1.84 4.51 19.61
CA TYR D 486 2.47 3.30 19.16
C TYR D 486 1.72 2.79 17.92
N GLU D 487 0.40 2.90 17.92
CA GLU D 487 -0.41 2.46 16.74
C GLU D 487 0.04 3.21 15.50
N GLY D 488 0.20 4.55 15.60
CA GLY D 488 0.61 5.32 14.45
C GLY D 488 1.99 4.98 13.99
N ALA D 489 2.89 4.74 14.95
CA ALA D 489 4.25 4.38 14.63
C ALA D 489 4.24 3.03 13.90
N MET D 490 3.40 2.10 14.36
CA MET D 490 3.33 0.79 13.69
C MET D 490 2.87 1.00 12.23
N GLN D 491 1.85 1.86 12.06
CA GLN D 491 1.32 2.13 10.71
C GLN D 491 2.37 2.78 9.82
N ILE D 492 3.08 3.79 10.33
CA ILE D 492 4.10 4.47 9.53
C ILE D 492 5.21 3.49 9.16
N LEU D 493 5.69 2.69 10.13
CA LEU D 493 6.77 1.73 9.88
C LEU D 493 6.37 0.77 8.74
N THR D 494 5.15 0.24 8.85
CA THR D 494 4.67 -0.71 7.88
C THR D 494 4.59 -0.07 6.50
N THR D 495 4.04 1.14 6.41
CA THR D 495 3.98 1.83 5.14
C THR D 495 5.39 2.04 4.58
N LEU D 496 6.30 2.55 5.41
CA LEU D 496 7.67 2.78 4.89
C LEU D 496 8.33 1.49 4.39
N VAL D 497 8.40 0.43 5.21
CA VAL D 497 9.13 -0.73 4.83
C VAL D 497 8.51 -1.35 3.57
N ASN D 498 7.19 -1.34 3.47
CA ASN D 498 6.56 -1.96 2.34
C ASN D 498 6.72 -1.10 1.09
N SER D 499 6.87 0.24 1.25
CA SER D 499 7.18 1.08 0.11
C SER D 499 8.57 0.77 -0.43
N ILE D 500 9.53 0.53 0.47
CA ILE D 500 10.85 0.13 0.11
C ILE D 500 10.81 -1.21 -0.67
N LEU D 501 10.09 -2.19 -0.13
CA LEU D 501 10.06 -3.52 -0.74
C LEU D 501 9.26 -3.52 -2.04
N GLU D 502 8.21 -2.71 -2.17
CA GLU D 502 7.51 -2.58 -3.46
C GLU D 502 8.46 -2.05 -4.51
N ARG D 503 9.26 -1.00 -4.17
CA ARG D 503 10.16 -0.41 -5.16
C ARG D 503 11.22 -1.44 -5.52
N LEU D 504 11.73 -2.18 -4.53
CA LEU D 504 12.77 -3.16 -4.82
C LEU D 504 12.24 -4.25 -5.76
N ASP D 505 11.00 -4.70 -5.50
CA ASP D 505 10.35 -5.64 -6.44
C ASP D 505 10.19 -5.08 -7.84
N GLU D 506 9.87 -3.80 -7.98
CA GLU D 506 9.80 -3.17 -9.29
C GLU D 506 11.18 -3.25 -9.96
N GLU D 507 12.22 -2.89 -9.25
CA GLU D 507 13.57 -2.82 -9.81
C GLU D 507 14.15 -4.20 -10.12
N THR D 508 13.59 -5.25 -9.53
CA THR D 508 14.13 -6.62 -9.73
C THR D 508 13.16 -7.51 -10.56
N ARG D 509 12.16 -6.91 -11.19
CA ARG D 509 11.14 -7.70 -11.85
C ARG D 509 11.55 -8.06 -13.28
N GLY D 510 12.69 -7.61 -13.74
CA GLY D 510 13.11 -7.76 -15.17
C GLY D 510 13.72 -9.13 -15.41
N MET D 511 13.02 -9.92 -16.23
CA MET D 511 13.37 -11.32 -16.43
C MET D 511 14.72 -11.44 -17.11
N GLN D 512 15.60 -12.22 -16.44
CA GLN D 512 16.96 -12.53 -16.87
C GLN D 512 17.86 -11.30 -16.81
N ALA D 513 17.40 -10.21 -16.22
CA ALA D 513 18.15 -8.95 -16.16
C ALA D 513 18.44 -8.63 -14.68
N THR D 514 17.38 -8.39 -13.93
CA THR D 514 17.50 -8.02 -12.50
C THR D 514 16.75 -9.00 -11.59
N ASP D 515 16.06 -9.98 -12.16
CA ASP D 515 15.23 -10.89 -11.34
C ASP D 515 16.06 -11.94 -10.60
N TYR D 516 17.39 -11.95 -10.74
CA TYR D 516 18.22 -12.75 -9.82
C TYR D 516 17.93 -12.37 -8.35
N ASN D 517 17.52 -11.11 -8.11
CA ASN D 517 17.26 -10.62 -6.78
C ASN D 517 15.76 -10.43 -6.54
N HIS D 518 14.90 -11.12 -7.31
CA HIS D 518 13.42 -11.05 -7.12
C HIS D 518 12.95 -12.07 -6.11
N ASP D 519 13.43 -11.92 -4.86
CA ASP D 519 13.30 -12.94 -3.84
C ASP D 519 11.85 -13.12 -3.38
N LEU D 520 11.45 -14.38 -3.16
CA LEU D 520 10.19 -14.70 -2.56
C LEU D 520 10.12 -14.15 -1.13
N VAL D 521 11.21 -14.32 -0.40
CA VAL D 521 11.25 -13.99 1.05
C VAL D 521 12.10 -12.74 1.22
N ARG D 522 11.59 -11.74 1.92
CA ARG D 522 12.34 -10.52 2.26
C ARG D 522 12.09 -10.22 3.75
C1 HCA E . 18.00 -26.18 4.85
C2 HCA E . 18.13 -24.88 4.12
C3 HCA E . 18.70 -23.73 5.00
C4 HCA E . 17.64 -23.24 6.04
C5 HCA E . 18.08 -21.90 6.60
C6 HCA E . 17.53 -21.39 7.90
C7 HCA E . 19.13 -22.58 4.09
O1 HCA E . 17.07 -26.93 4.52
O2 HCA E . 18.86 -26.37 5.76
O3 HCA E . 17.40 -20.12 8.02
O4 HCA E . 17.25 -22.26 8.77
O5 HCA E . 18.26 -22.05 3.33
O6 HCA E . 20.27 -22.11 4.31
O7 HCA E . 19.82 -24.20 5.77
FE1 ICS F . 27.75 -26.17 2.78
MO1 ICS F . 21.80 -23.37 5.22
FE2 ICS F . 25.25 -26.67 3.60
FE3 ICS F . 25.81 -24.40 2.31
FE4 ICS F . 26.67 -24.79 4.80
FE5 ICS F . 24.44 -23.76 5.72
FE6 ICS F . 23.05 -25.61 4.45
FE7 ICS F . 23.62 -23.36 3.25
CX ICS F . 24.84 -24.71 3.99
S1A ICS F . 27.10 -27.02 4.81
S1B ICS F . 22.79 -25.01 6.58
S2A ICS F . 25.96 -26.48 1.46
S3A ICS F . 26.48 -23.69 6.74
S3B ICS F . 21.67 -24.47 3.14
S4A ICS F . 27.88 -23.93 3.07
S4B ICS F . 23.59 -21.89 4.91
S5A ICS F . 24.60 -22.75 1.37
N1 IMD G . 42.73 -33.23 0.65
C2 IMD G . 42.67 -32.42 -0.42
N3 IMD G . 42.90 -33.19 -1.50
C4 IMD G . 43.09 -34.49 -1.11
C5 IMD G . 42.97 -34.52 0.24
N1 IMD H . 16.94 -17.50 -6.29
C2 IMD H . 16.62 -18.64 -5.63
N3 IMD H . 15.77 -18.35 -4.60
C4 IMD H . 15.56 -16.98 -4.56
C5 IMD H . 16.27 -16.49 -5.69
SE SE I . 23.26 -27.81 4.01
FE1 CLF J . 10.18 -36.37 4.63
FE2 CLF J . 9.59 -34.27 5.81
FE3 CLF J . 11.97 -34.31 4.54
FE4 CLF J . 9.65 -34.29 3.27
S1 CLF J . 7.95 -35.42 4.42
S2A CLF J . 11.31 -35.56 6.28
S4A CLF J . 10.47 -32.70 4.56
S3A CLF J . 11.29 -35.69 2.84
FE5 CLF J . 6.85 -33.59 3.31
FE6 CLF J . 5.46 -35.51 4.28
FE7 CLF J . 4.46 -32.88 4.63
FE8 CLF J . 6.66 -33.95 5.84
S2B CLF J . 4.69 -34.06 2.60
S3B CLF J . 4.49 -34.64 6.19
S4B CLF J . 6.57 -31.87 4.83
N1 IMD K . -6.43 -5.91 3.43
C2 IMD K . -5.19 -6.18 2.94
N3 IMD K . -4.87 -7.36 3.53
C4 IMD K . -5.83 -7.72 4.44
C5 IMD K . -6.77 -6.75 4.40
N1 IMD L . 13.28 -48.66 4.99
C2 IMD L . 13.67 -48.33 3.76
N3 IMD L . 12.65 -48.71 2.92
C4 IMD L . 11.68 -49.29 3.62
C5 IMD L . 12.06 -49.25 4.95
MG MG M . -8.31 2.31 -14.06
N1 IMD N . -7.98 -16.55 25.35
C2 IMD N . -8.39 -16.65 24.05
N3 IMD N . -9.22 -17.70 23.94
C4 IMD N . -9.36 -18.29 25.17
C5 IMD N . -8.59 -17.57 26.09
N1 IMD O . -0.98 12.32 -25.58
C2 IMD O . -0.26 13.33 -26.22
N3 IMD O . -0.81 13.44 -27.46
C4 IMD O . -1.81 12.51 -27.61
C5 IMD O . -1.94 11.82 -26.42
CA CA P . -17.44 9.29 2.95
C1 HCA Q . -15.65 26.53 -9.35
C2 HCA Q . -15.03 25.33 -10.01
C3 HCA Q . -16.03 24.13 -10.05
C4 HCA Q . -16.20 23.47 -8.63
C5 HCA Q . -16.90 22.13 -8.85
C6 HCA Q . -17.62 21.48 -7.65
C7 HCA Q . -15.53 23.09 -10.99
O1 HCA Q . -16.87 26.73 -9.51
O2 HCA Q . -14.88 27.25 -8.69
O3 HCA Q . -18.18 22.22 -6.81
O4 HCA Q . -17.56 20.19 -7.59
O5 HCA Q . -16.31 22.65 -11.89
O6 HCA Q . -14.34 22.60 -10.83
O7 HCA Q . -17.31 24.60 -10.53
FE1 ICS R . -19.59 27.19 -18.46
MO1 ICS R . -18.00 23.88 -12.51
FE2 ICS R . -18.80 27.51 -15.92
FE3 ICS R . -17.98 25.39 -17.33
FE4 ICS R . -20.51 25.59 -16.57
FE5 ICS R . -19.94 24.37 -14.33
FE6 ICS R . -18.19 26.25 -13.72
FE7 ICS R . -17.45 24.17 -15.11
CX ICS R . -18.83 25.52 -15.54
S1A ICS R . -20.91 27.83 -16.71
S1B ICS R . -19.75 25.44 -12.37
S2A ICS R . -17.49 27.56 -17.72
S3A ICS R . -21.96 24.27 -15.42
S3B ICS R . -16.27 25.18 -13.48
S4A ICS R . -19.79 24.93 -18.61
S4B ICS R . -18.69 22.53 -14.26
S5A ICS R . -16.44 23.79 -17.06
N1 IMD S . -25.27 35.55 -32.70
C2 IMD S . -25.72 34.49 -31.98
N3 IMD S . -26.72 34.90 -31.21
C4 IMD S . -26.89 36.26 -31.40
C5 IMD S . -25.96 36.66 -32.33
SE SE T . -18.06 28.49 -13.97
N1 IMD U . -5.86 19.88 -15.06
C2 IMD U . -5.45 18.79 -15.69
N3 IMD U . -5.49 17.76 -14.79
C4 IMD U . -6.04 18.20 -13.57
C5 IMD U . -6.20 19.59 -13.76
CA CA V . -28.62 9.02 -37.60
N1 IMD W . -13.31 49.14 -2.20
C2 IMD W . -12.09 49.33 -2.76
N3 IMD W . -12.14 48.90 -4.02
C4 IMD W . -13.42 48.47 -4.30
C5 IMD W . -14.10 48.59 -3.15
FE1 CLF X . -11.42 36.32 -2.14
FE2 CLF X . -11.93 34.08 -1.17
FE3 CLF X . -12.31 34.35 -3.83
FE4 CLF X . -9.91 34.35 -2.68
S1 CLF X . -9.91 35.29 -0.52
S2A CLF X . -13.45 35.34 -2.23
S4A CLF X . -11.33 32.69 -2.74
S3A CLF X . -10.56 35.86 -4.09
FE5 CLF X . -8.29 33.51 -0.44
FE6 CLF X . -8.36 35.27 1.41
FE7 CLF X . -7.95 32.56 2.19
FE8 CLF X . -10.25 33.61 1.19
S2B CLF X . -6.49 33.91 0.92
S3B CLF X . -9.30 34.16 3.23
S4B CLF X . -9.28 31.67 0.52
N1 IMD Y . 0.18 6.09 8.63
C2 IMD Y . 0.75 5.35 7.66
N3 IMD Y . 0.32 5.79 6.46
C4 IMD Y . -0.41 6.87 6.72
C5 IMD Y . -0.52 7.04 8.05
N1 IMD Z . -16.40 15.22 23.84
C2 IMD Z . -15.22 15.25 23.14
N3 IMD Z . -15.22 14.20 22.28
C4 IMD Z . -16.42 13.56 22.40
C5 IMD Z . -17.13 14.19 23.42
MG MG AA . -6.36 1.30 -26.07
N1 IMD BA . 23.39 -9.79 -15.14
C2 IMD BA . 23.66 -10.61 -16.21
N3 IMD BA . 22.49 -11.06 -16.70
C4 IMD BA . 21.49 -10.57 -15.93
C5 IMD BA . 22.05 -9.78 -14.94
CA CA CA . 10.05 -10.66 15.94
CA CA DA . 8.19 -10.28 15.01
#